data_8JBE
#
_entry.id   8JBE
#
_cell.length_a   1.00
_cell.length_b   1.00
_cell.length_c   1.00
_cell.angle_alpha   90.00
_cell.angle_beta   90.00
_cell.angle_gamma   90.00
#
_symmetry.space_group_name_H-M   'P 1'
#
loop_
_entity.id
_entity.type
_entity.pdbx_description
1 polymer MIP05619p
2 polymer 'Caffeine, calcium, zinc sensitivity 1'
3 polymer 'Vacuolar fusion protein MON1 homolog'
#
loop_
_entity_poly.entity_id
_entity_poly.type
_entity_poly.pdbx_seq_one_letter_code
_entity_poly.pdbx_strand_id
1 'polypeptide(L)'
;MDNSNGIHYIELTPNPIRFDAVSQLTNVFFDDSNKQIFAVRSGGATGVVVKGPGSPDDVVISFCMSDRGGAIRSIKFSPD
NQILAVQRKENSVEFICFQGDQPLLQDIITHQVKTLIHGFVWVHNREVALISNTGVEVYTVVPEKRQVRSVKSLSIGIKW
FAWCCDANVALLCTSEGNSLIPVLVKQKVITKLPKVDLGNPSRDVQESKVTLGQVYGVLAVLILQSNSTTGLMEVEVHLL
NGPGLAPRKCHVLRLSLLGRFAINTVDNLIVVHHQASGTSLLFDISLPGEVINEITYHTPITPGRSIKPFGLKLPSLSPD
GQILQCELYSTHWVLFQPNIVIDAKLGCMWFLNLCIEPLCQLISDRIRLTEFLLQRSNGKQMLLKVIGQLVDDQYKGTLL
PVLETIFSRINKIYASWVQLELQNQTAQPSNVKTTTLKQSTPPIVLIEQLDMVQIFQRIARRPYTESILMLYLQSLNKFN
IAAQEELSKMIISELISNRSFDTLRRLVSYSMLLESKSVACFLLSHSNVDTAISQVAIDMLGRIEAHEIIIEVMLGQGKV
IDALRLAKNSMGLEKVPARKFLEAAHKTKDDLIFHSVYRFFQMRNLKLYETLSFPKAEQCTEFIQHYNNTFPADNPTRQP
VS
;
A
2 'polypeptide(L)'
;MAKLLQRVEITLRSFYIFNSTFGQVEGEEHKKVLFYHPNDIELNTKIKDVGLSEAIIRFTGTFTSEDDCQALHTQKTTQL
FYQPEPGYWLVLVLNVPKEVRLKEGVEVADYRGAEISDRIYRAILRQCYQMFRFQNGCFSSCGSEEPNPDKRRELLCQKL
LQFYDQHLTNLRDPAQCDIIDMLHSIQYLPLDKTLFLRAQNFGTLCETFPDIKESIMLYQEQVLCGGKLSPEDLHCVHSY
VVQHVLKVEASSSTIAVSPSLKRSISECQVGGFVRSRQKVAGDEHDAVNEEDHPMKVYVTLDKEAKPYYLLIYRALHITL
CLFLNADQVAPKQDLYDDLHAYMAPQLTSLARDISSELTKEAVGAAGQDNSSGNSETAPKYLFINEQSLQHHTNFQRHLP
QGLPRNVLSIIADLANGSGKAEMESAPAEEVQVKTTNDYWIVKRRCNYRQYYVILCNSKATLLDVTQEARRIFEQELTDD
VFFDK
;
B
3 'polypeptide(L)'
;HHHHHHHHHHENLYFQGGGSMEVEQTSVRSDTNSTCEYLDAEGDPESPNLYQEADPDQEAEQQNHSIISELRDGLGTMRD
NSALSPEPGQENKGLAASVESLALSTSTSAKTEDSIGGGLEEEYDYQHDSLWQGQKKHIFILSEAGKPIFSLHGNEDKLA
TLFGVIQALVSFVQMGQDAITSIHAGGIKFAFMQRSSLILVAASRSNMSVQQLQLQLGDVYNQILSILTYSHMTKIFERR
KNFDLRRLLSGSERLFYNLLANDSSSAKVSNNIFTFLTNSIRVFPLPTTIRSQITSAIQSNCSKIKNLVFAVLIANNKLI
ALVRMKKYSIHPADLRLIFNLVECSESFKSSENWSPICLPKFDMNGYLHAHVSYLADDCQACLLLLSVDRDAFFTLAEAK
AKITEKLRKSHCLEAINEELQQPFNAKLYQQVVGIPELRHFLYKPKSTAQLLCPMLRHPYKSLTELERLEAIYCDLLHRI
HNSSRPLKLIYEMKEREVVLAWATGTYELYAIFEPVVDKATVIKYVDKLIKWIEKEYDVYFIRNHATF
;
C
#
# COMPACT_ATOMS: atom_id res chain seq x y z
N GLY A 6 51.47 0.32 -35.68
CA GLY A 6 50.64 -0.57 -36.48
C GLY A 6 49.20 -0.60 -36.03
N ILE A 7 48.92 0.07 -34.91
CA ILE A 7 47.56 0.15 -34.40
C ILE A 7 46.79 1.12 -35.28
N HIS A 8 46.08 0.59 -36.28
CA HIS A 8 45.43 1.40 -37.29
C HIS A 8 43.97 1.00 -37.47
N TYR A 9 43.28 1.83 -38.25
CA TYR A 9 41.85 1.76 -38.52
C TYR A 9 41.49 1.40 -39.95
N ILE A 10 42.42 1.45 -40.90
CA ILE A 10 42.17 0.97 -42.26
C ILE A 10 43.09 -0.21 -42.54
N GLU A 11 42.51 -1.29 -43.04
CA GLU A 11 43.26 -2.49 -43.40
C GLU A 11 42.81 -2.95 -44.79
N LEU A 12 43.28 -4.12 -45.21
CA LEU A 12 42.91 -4.66 -46.52
C LEU A 12 42.41 -6.10 -46.37
N THR A 13 42.06 -6.72 -47.48
CA THR A 13 41.50 -8.06 -47.34
C THR A 13 42.61 -9.09 -47.10
N PRO A 14 42.44 -9.94 -46.10
CA PRO A 14 43.44 -11.01 -45.87
C PRO A 14 43.48 -12.04 -47.00
N ASN A 15 42.46 -12.08 -47.84
CA ASN A 15 42.40 -13.03 -48.97
C ASN A 15 42.12 -12.24 -50.25
N PRO A 16 43.12 -11.54 -50.75
CA PRO A 16 42.91 -10.72 -51.96
C PRO A 16 42.70 -11.57 -53.19
N ILE A 17 42.03 -10.98 -54.18
CA ILE A 17 41.84 -11.62 -55.47
C ILE A 17 43.11 -11.46 -56.29
N ARG A 18 43.44 -12.47 -57.09
CA ARG A 18 44.65 -12.46 -57.89
C ARG A 18 44.29 -12.69 -59.36
N PHE A 19 45.00 -11.98 -60.24
CA PHE A 19 44.73 -12.08 -61.67
C PHE A 19 46.04 -11.89 -62.42
N ASP A 20 45.96 -11.98 -63.75
CA ASP A 20 47.14 -11.93 -64.60
C ASP A 20 47.65 -10.49 -64.70
N ALA A 21 48.95 -10.32 -64.50
CA ALA A 21 49.56 -9.01 -64.56
C ALA A 21 49.60 -8.50 -65.99
N VAL A 22 49.57 -7.17 -66.14
CA VAL A 22 49.59 -6.57 -67.46
C VAL A 22 50.97 -6.75 -68.10
N SER A 23 50.98 -6.77 -69.43
CA SER A 23 52.22 -6.93 -70.18
C SER A 23 52.25 -5.89 -71.29
N GLN A 24 53.27 -5.97 -72.14
CA GLN A 24 53.44 -4.99 -73.21
C GLN A 24 52.33 -5.07 -74.25
N LEU A 25 51.67 -6.22 -74.35
CA LEU A 25 50.62 -6.43 -75.34
C LEU A 25 49.24 -6.47 -74.72
N THR A 26 49.07 -7.21 -73.63
CA THR A 26 47.77 -7.32 -72.98
C THR A 26 47.40 -6.00 -72.30
N ASN A 27 46.09 -5.74 -72.21
CA ASN A 27 45.55 -4.58 -71.54
C ASN A 27 44.54 -5.03 -70.49
N VAL A 28 44.34 -4.17 -69.48
CA VAL A 28 43.42 -4.44 -68.40
C VAL A 28 42.31 -3.39 -68.40
N PHE A 29 41.06 -3.86 -68.34
CA PHE A 29 39.90 -2.98 -68.37
C PHE A 29 39.05 -3.27 -67.15
N PHE A 30 38.66 -2.22 -66.43
CA PHE A 30 37.89 -2.37 -65.21
C PHE A 30 36.46 -1.87 -65.42
N ASP A 31 35.51 -2.61 -64.86
CA ASP A 31 34.11 -2.21 -64.82
C ASP A 31 33.71 -1.91 -63.38
N ASP A 32 33.31 -0.67 -63.12
CA ASP A 32 32.83 -0.30 -61.79
C ASP A 32 31.41 -0.80 -61.57
N SER A 33 30.61 -0.88 -62.64
CA SER A 33 29.19 -1.21 -62.50
C SER A 33 29.00 -2.61 -61.94
N ASN A 34 29.80 -3.57 -62.40
CA ASN A 34 29.72 -4.94 -61.92
C ASN A 34 30.98 -5.40 -61.21
N LYS A 35 31.89 -4.46 -60.89
CA LYS A 35 33.10 -4.74 -60.11
C LYS A 35 33.98 -5.78 -60.80
N GLN A 36 34.06 -5.71 -62.12
CA GLN A 36 34.79 -6.69 -62.92
C GLN A 36 36.00 -6.04 -63.61
N ILE A 37 37.13 -6.72 -63.55
CA ILE A 37 38.34 -6.35 -64.28
C ILE A 37 38.50 -7.31 -65.46
N PHE A 38 38.73 -6.75 -66.65
CA PHE A 38 38.87 -7.52 -67.87
C PHE A 38 40.28 -7.34 -68.40
N ALA A 39 40.96 -8.45 -68.68
CA ALA A 39 42.32 -8.42 -69.23
C ALA A 39 42.27 -9.02 -70.64
N VAL A 40 42.30 -8.16 -71.65
CA VAL A 40 42.23 -8.59 -73.04
C VAL A 40 43.61 -9.07 -73.50
N ARG A 41 43.62 -10.10 -74.35
CA ARG A 41 44.84 -10.64 -74.91
C ARG A 41 44.75 -10.66 -76.42
N SER A 42 45.72 -10.02 -77.09
CA SER A 42 45.84 -10.03 -78.55
C SER A 42 44.53 -9.61 -79.21
N GLY A 43 43.90 -8.57 -78.67
CA GLY A 43 42.63 -8.12 -79.20
C GLY A 43 41.45 -9.03 -78.91
N GLY A 44 41.59 -9.94 -77.95
CA GLY A 44 40.52 -10.84 -77.58
C GLY A 44 40.46 -12.13 -78.35
N ALA A 45 41.35 -12.33 -79.33
CA ALA A 45 41.32 -13.55 -80.11
C ALA A 45 41.72 -14.77 -79.30
N THR A 46 42.75 -14.62 -78.45
CA THR A 46 43.25 -15.75 -77.66
C THR A 46 42.49 -15.97 -76.37
N GLY A 47 41.65 -15.03 -75.95
CA GLY A 47 40.90 -15.21 -74.71
C GLY A 47 41.09 -14.11 -73.68
N VAL A 48 39.98 -13.53 -73.22
CA VAL A 48 40.00 -12.48 -72.21
C VAL A 48 39.57 -13.08 -70.88
N VAL A 49 40.36 -12.87 -69.83
CA VAL A 49 40.06 -13.41 -68.51
C VAL A 49 39.17 -12.44 -67.77
N VAL A 50 38.35 -12.98 -66.87
CA VAL A 50 37.37 -12.21 -66.10
C VAL A 50 37.63 -12.44 -64.62
N LYS A 51 37.62 -11.35 -63.85
CA LYS A 51 37.80 -11.41 -62.40
C LYS A 51 36.86 -10.41 -61.75
N GLY A 52 36.16 -10.86 -60.71
CA GLY A 52 35.24 -10.02 -60.00
C GLY A 52 34.40 -10.78 -59.00
N PRO A 53 33.32 -10.17 -58.54
CA PRO A 53 32.47 -10.80 -57.52
C PRO A 53 31.44 -11.74 -58.12
N GLY A 54 30.69 -12.38 -57.22
CA GLY A 54 29.65 -13.30 -57.62
C GLY A 54 29.77 -14.62 -56.91
N SER A 55 30.01 -15.68 -57.68
CA SER A 55 30.28 -16.99 -57.10
C SER A 55 31.59 -16.96 -56.34
N PRO A 56 31.76 -17.85 -55.34
CA PRO A 56 33.04 -17.90 -54.63
C PRO A 56 34.22 -18.12 -55.54
N ASP A 57 34.06 -18.99 -56.54
CA ASP A 57 35.07 -19.11 -57.59
C ASP A 57 35.00 -17.92 -58.52
N ASP A 58 36.15 -17.36 -58.85
CA ASP A 58 36.20 -16.22 -59.76
C ASP A 58 35.63 -16.62 -61.11
N VAL A 59 34.55 -15.94 -61.53
CA VAL A 59 33.92 -16.25 -62.80
C VAL A 59 34.83 -15.75 -63.92
N VAL A 60 35.15 -16.64 -64.85
CA VAL A 60 35.98 -16.29 -66.00
C VAL A 60 35.30 -16.82 -67.26
N ILE A 61 35.21 -15.97 -68.27
CA ILE A 61 34.64 -16.33 -69.56
C ILE A 61 35.69 -16.03 -70.62
N SER A 62 36.20 -17.07 -71.27
CA SER A 62 37.23 -16.93 -72.27
C SER A 62 36.58 -16.99 -73.66
N PHE A 63 36.81 -15.97 -74.46
CA PHE A 63 36.13 -15.82 -75.73
C PHE A 63 37.10 -15.35 -76.78
N CYS A 64 36.74 -15.56 -78.04
CA CYS A 64 37.57 -15.20 -79.18
C CYS A 64 36.92 -14.08 -79.96
N MET A 65 37.74 -13.13 -80.40
CA MET A 65 37.25 -11.99 -81.18
C MET A 65 38.45 -11.37 -81.90
N SER A 66 38.24 -10.99 -83.15
CA SER A 66 39.35 -10.72 -84.06
C SER A 66 39.98 -9.36 -83.76
N ASP A 67 40.87 -8.92 -84.65
CA ASP A 67 41.60 -7.67 -84.49
C ASP A 67 41.07 -6.69 -85.52
N ARG A 68 40.20 -5.78 -85.08
CA ARG A 68 39.57 -4.82 -85.98
C ARG A 68 40.18 -3.42 -85.87
N GLY A 69 41.27 -3.27 -85.12
CA GLY A 69 41.95 -2.00 -85.02
C GLY A 69 41.40 -1.10 -83.93
N GLY A 70 42.29 -0.37 -83.25
CA GLY A 70 41.88 0.57 -82.24
C GLY A 70 41.94 0.01 -80.83
N ALA A 71 42.52 0.78 -79.90
CA ALA A 71 42.59 0.35 -78.52
C ALA A 71 41.22 0.44 -77.85
N ILE A 72 40.90 -0.56 -77.05
CA ILE A 72 39.62 -0.59 -76.36
C ILE A 72 39.74 0.19 -75.06
N ARG A 73 38.74 1.02 -74.78
CA ARG A 73 38.66 1.72 -73.50
C ARG A 73 37.75 1.02 -72.49
N SER A 74 36.80 0.20 -72.96
CA SER A 74 35.90 -0.48 -72.04
C SER A 74 35.16 -1.59 -72.79
N ILE A 75 35.10 -2.77 -72.17
CA ILE A 75 34.21 -3.85 -72.59
C ILE A 75 33.40 -4.28 -71.38
N LYS A 76 32.09 -4.35 -71.54
CA LYS A 76 31.18 -4.52 -70.40
C LYS A 76 30.06 -5.47 -70.78
N PHE A 77 29.82 -6.45 -69.92
CA PHE A 77 28.70 -7.36 -70.10
C PHE A 77 27.38 -6.66 -69.81
N SER A 78 26.29 -7.36 -69.99
CA SER A 78 24.98 -6.87 -69.59
C SER A 78 24.75 -7.14 -68.11
N PRO A 79 23.83 -6.40 -67.48
CA PRO A 79 23.55 -6.66 -66.06
C PRO A 79 23.12 -8.10 -65.79
N ASP A 80 22.49 -8.75 -66.75
CA ASP A 80 22.24 -10.18 -66.67
C ASP A 80 23.32 -11.01 -67.33
N ASN A 81 24.40 -10.37 -67.79
CA ASN A 81 25.55 -11.04 -68.39
C ASN A 81 25.11 -11.90 -69.58
N GLN A 82 24.58 -11.23 -70.60
CA GLN A 82 24.14 -11.95 -71.80
C GLN A 82 24.73 -11.30 -73.04
N ILE A 83 24.85 -9.96 -73.03
CA ILE A 83 25.40 -9.20 -74.16
C ILE A 83 26.51 -8.29 -73.63
N LEU A 84 27.59 -8.19 -74.40
CA LEU A 84 28.69 -7.28 -74.12
C LEU A 84 28.74 -6.21 -75.20
N ALA A 85 29.72 -5.30 -75.09
CA ALA A 85 29.91 -4.24 -76.06
C ALA A 85 31.38 -3.90 -76.16
N VAL A 86 31.75 -3.26 -77.29
CA VAL A 86 33.13 -2.84 -77.54
C VAL A 86 33.09 -1.49 -78.23
N GLN A 87 34.13 -0.68 -78.00
CA GLN A 87 34.30 0.60 -78.66
C GLN A 87 35.74 0.72 -79.14
N ARG A 88 35.91 1.13 -80.39
CA ARG A 88 37.23 1.24 -81.00
C ARG A 88 37.61 2.65 -81.39
N LYS A 89 36.77 3.36 -82.14
CA LYS A 89 37.12 4.66 -82.68
C LYS A 89 36.02 5.67 -82.38
N GLU A 90 36.37 6.95 -82.50
CA GLU A 90 35.44 8.03 -82.19
C GLU A 90 34.23 8.03 -83.12
N ASN A 91 34.33 7.43 -84.30
CA ASN A 91 33.24 7.42 -85.27
C ASN A 91 32.72 6.04 -85.62
N SER A 92 33.43 4.97 -85.28
CA SER A 92 32.99 3.61 -85.54
C SER A 92 32.95 2.86 -84.21
N VAL A 93 31.74 2.65 -83.70
CA VAL A 93 31.53 1.91 -82.46
C VAL A 93 30.64 0.72 -82.80
N GLU A 94 31.14 -0.49 -82.54
CA GLU A 94 30.46 -1.72 -82.93
C GLU A 94 29.76 -2.32 -81.71
N PHE A 95 28.58 -2.86 -81.94
CA PHE A 95 27.81 -3.53 -80.90
C PHE A 95 27.84 -5.03 -81.15
N ILE A 96 28.55 -5.76 -80.29
CA ILE A 96 28.77 -7.19 -80.44
C ILE A 96 27.78 -7.92 -79.55
N CYS A 97 27.28 -9.06 -80.03
CA CYS A 97 26.30 -9.85 -79.30
C CYS A 97 26.95 -11.13 -78.80
N PHE A 98 26.63 -11.50 -77.55
CA PHE A 98 27.13 -12.71 -76.92
C PHE A 98 25.98 -13.68 -76.72
N GLN A 99 26.22 -14.95 -76.99
CA GLN A 99 25.17 -15.96 -76.88
C GLN A 99 25.69 -17.15 -76.09
N GLY A 100 24.92 -17.58 -75.09
CA GLY A 100 25.30 -18.74 -74.31
C GLY A 100 26.55 -18.49 -73.50
N ASP A 101 27.35 -19.55 -73.35
CA ASP A 101 28.61 -19.50 -72.62
C ASP A 101 29.82 -19.53 -73.55
N GLN A 102 29.61 -19.40 -74.85
CA GLN A 102 30.69 -19.41 -75.84
C GLN A 102 30.33 -18.41 -76.94
N PRO A 103 31.26 -17.55 -77.34
CA PRO A 103 30.90 -16.46 -78.25
C PRO A 103 30.48 -16.96 -79.62
N LEU A 104 29.23 -16.70 -79.98
CA LEU A 104 28.79 -16.91 -81.35
C LEU A 104 29.25 -15.71 -82.17
N LEU A 105 30.44 -15.81 -82.75
CA LEU A 105 31.08 -14.66 -83.39
C LEU A 105 30.33 -14.22 -84.65
N GLN A 106 29.48 -15.08 -85.21
CA GLN A 106 28.77 -14.75 -86.45
C GLN A 106 27.67 -13.70 -86.26
N ASP A 107 27.35 -13.32 -85.03
CA ASP A 107 26.23 -12.42 -84.77
C ASP A 107 26.68 -11.01 -84.42
N ILE A 108 27.93 -10.65 -84.71
CA ILE A 108 28.41 -9.31 -84.39
C ILE A 108 27.71 -8.28 -85.27
N ILE A 109 27.49 -7.09 -84.71
CA ILE A 109 26.78 -6.01 -85.39
C ILE A 109 27.71 -4.81 -85.44
N THR A 110 27.78 -4.18 -86.61
CA THR A 110 28.58 -2.98 -86.78
C THR A 110 27.66 -1.75 -86.85
N HIS A 111 28.05 -0.68 -86.16
CA HIS A 111 27.28 0.56 -86.10
C HIS A 111 28.20 1.74 -86.34
N GLN A 112 27.65 2.81 -86.91
CA GLN A 112 28.41 4.00 -87.27
C GLN A 112 27.70 5.24 -86.77
N VAL A 113 28.46 6.14 -86.14
CA VAL A 113 27.94 7.39 -85.61
C VAL A 113 28.92 8.51 -85.89
N LYS A 114 28.38 9.68 -86.24
CA LYS A 114 29.20 10.87 -86.46
C LYS A 114 29.65 11.54 -85.17
N THR A 115 28.87 11.44 -84.10
CA THR A 115 29.12 12.20 -82.88
C THR A 115 30.43 11.77 -82.21
N LEU A 116 30.96 12.67 -81.38
CA LEU A 116 32.20 12.44 -80.64
C LEU A 116 31.93 11.50 -79.47
N ILE A 117 32.40 10.26 -79.60
CA ILE A 117 32.04 9.20 -78.65
C ILE A 117 32.91 9.28 -77.42
N HIS A 118 32.27 9.24 -76.25
CA HIS A 118 32.96 9.17 -74.97
C HIS A 118 32.84 7.83 -74.27
N GLY A 119 31.62 7.29 -74.15
CA GLY A 119 31.45 6.04 -73.45
C GLY A 119 30.01 5.57 -73.53
N PHE A 120 29.80 4.35 -73.02
CA PHE A 120 28.51 3.70 -73.05
C PHE A 120 28.25 3.02 -71.71
N VAL A 121 26.97 2.89 -71.36
CA VAL A 121 26.57 2.33 -70.08
C VAL A 121 25.34 1.45 -70.29
N TRP A 122 25.10 0.54 -69.35
CA TRP A 122 23.90 -0.29 -69.34
C TRP A 122 22.91 0.31 -68.36
N VAL A 123 21.73 0.70 -68.85
CA VAL A 123 20.68 1.21 -67.97
C VAL A 123 19.67 0.14 -67.60
N HIS A 124 19.77 -1.05 -68.19
CA HIS A 124 18.89 -2.15 -67.83
C HIS A 124 19.55 -3.44 -68.33
N ASN A 125 18.91 -4.56 -67.99
CA ASN A 125 19.43 -5.87 -68.39
C ASN A 125 19.48 -6.03 -69.90
N ARG A 126 18.70 -5.26 -70.65
CA ARG A 126 18.60 -5.40 -72.10
C ARG A 126 18.60 -4.03 -72.77
N GLU A 127 19.26 -3.05 -72.15
CA GLU A 127 19.32 -1.69 -72.67
C GLU A 127 20.73 -1.14 -72.54
N VAL A 128 21.22 -0.50 -73.60
CA VAL A 128 22.54 0.11 -73.63
C VAL A 128 22.38 1.60 -73.88
N ALA A 129 22.95 2.41 -73.00
CA ALA A 129 22.89 3.86 -73.11
C ALA A 129 24.28 4.40 -73.39
N LEU A 130 24.38 5.30 -74.35
CA LEU A 130 25.66 5.82 -74.82
C LEU A 130 25.78 7.31 -74.48
N ILE A 131 26.99 7.72 -74.14
CA ILE A 131 27.28 9.12 -73.83
C ILE A 131 28.23 9.64 -74.89
N SER A 132 27.85 10.75 -75.54
CA SER A 132 28.67 11.35 -76.58
C SER A 132 28.80 12.85 -76.31
N ASN A 133 29.88 13.44 -76.83
CA ASN A 133 30.15 14.84 -76.57
C ASN A 133 29.05 15.75 -77.03
N THR A 134 28.74 15.70 -78.32
CA THR A 134 27.71 16.56 -78.87
C THR A 134 26.50 16.63 -77.98
N GLY A 135 26.09 15.48 -77.48
CA GLY A 135 24.91 15.42 -76.64
C GLY A 135 24.49 13.99 -76.45
N VAL A 136 23.97 13.66 -75.27
CA VAL A 136 23.60 12.29 -74.98
C VAL A 136 22.45 11.76 -75.79
N GLU A 137 22.14 10.49 -75.61
CA GLU A 137 21.04 9.87 -76.31
C GLU A 137 20.64 8.67 -75.51
N VAL A 138 20.14 7.65 -76.17
CA VAL A 138 19.81 6.41 -75.48
C VAL A 138 19.42 5.40 -76.56
N TYR A 139 20.05 4.23 -76.58
CA TYR A 139 19.65 3.35 -77.65
C TYR A 139 19.15 2.03 -77.09
N THR A 140 18.60 1.20 -77.98
CA THR A 140 18.13 -0.13 -77.63
C THR A 140 18.42 -1.07 -78.78
N VAL A 141 19.02 -2.22 -78.46
CA VAL A 141 19.53 -3.14 -79.47
C VAL A 141 18.48 -4.20 -79.76
N VAL A 142 18.57 -4.77 -80.97
CA VAL A 142 17.73 -5.89 -81.39
C VAL A 142 18.59 -6.85 -82.20
N PRO A 143 18.84 -8.06 -81.69
CA PRO A 143 19.69 -9.00 -82.43
C PRO A 143 18.98 -9.67 -83.59
N GLU A 144 17.64 -9.68 -83.55
CA GLU A 144 16.85 -10.35 -84.57
C GLU A 144 17.05 -9.71 -85.94
N LYS A 145 16.65 -8.44 -86.07
CA LYS A 145 16.89 -7.72 -87.31
C LYS A 145 18.27 -7.08 -87.38
N ARG A 146 19.05 -7.20 -86.31
CA ARG A 146 20.45 -6.76 -86.30
C ARG A 146 20.57 -5.25 -86.51
N GLN A 147 19.70 -4.49 -85.86
CA GLN A 147 19.80 -3.04 -85.82
C GLN A 147 19.51 -2.56 -84.41
N VAL A 148 19.92 -1.33 -84.12
CA VAL A 148 19.81 -0.73 -82.80
C VAL A 148 18.90 0.49 -82.90
N ARG A 149 17.87 0.53 -82.05
CA ARG A 149 16.88 1.60 -82.10
C ARG A 149 17.19 2.66 -81.05
N SER A 150 16.72 3.88 -81.33
CA SER A 150 16.86 5.01 -80.41
C SER A 150 15.48 5.49 -79.98
N VAL A 151 15.40 6.05 -78.77
CA VAL A 151 14.14 6.49 -78.18
C VAL A 151 14.13 7.99 -77.90
N LYS A 152 15.20 8.51 -77.32
CA LYS A 152 15.21 9.92 -76.96
C LYS A 152 16.59 10.52 -77.10
N SER A 153 16.82 11.64 -76.42
CA SER A 153 18.11 12.31 -76.49
C SER A 153 18.24 13.48 -75.55
N LEU A 154 18.99 14.50 -75.96
CA LEU A 154 19.20 15.66 -75.12
C LEU A 154 19.93 16.69 -75.96
N SER A 155 21.24 16.85 -75.73
CA SER A 155 22.04 17.78 -76.53
C SER A 155 22.87 18.71 -75.65
N ILE A 156 24.10 18.32 -75.36
CA ILE A 156 24.97 19.14 -74.53
C ILE A 156 26.44 18.79 -74.73
N GLY A 157 27.24 19.77 -75.12
CA GLY A 157 28.66 19.52 -75.28
C GLY A 157 29.28 19.05 -73.98
N ILE A 158 30.10 18.00 -74.03
CA ILE A 158 30.64 17.35 -72.84
C ILE A 158 32.16 17.25 -72.94
N LYS A 159 32.86 17.75 -71.92
CA LYS A 159 34.29 17.54 -71.83
C LYS A 159 34.61 16.19 -71.19
N TRP A 160 34.07 15.95 -70.01
CA TRP A 160 34.24 14.69 -69.30
C TRP A 160 32.94 14.34 -68.59
N PHE A 161 32.79 13.07 -68.24
CA PHE A 161 31.56 12.55 -67.67
C PHE A 161 31.86 11.78 -66.39
N ALA A 162 30.78 11.33 -65.74
CA ALA A 162 30.86 10.46 -64.58
C ALA A 162 29.54 9.69 -64.49
N TRP A 163 29.60 8.46 -63.99
CA TRP A 163 28.45 7.59 -63.99
C TRP A 163 28.28 6.91 -62.64
N CYS A 164 27.03 6.69 -62.27
CA CYS A 164 26.68 5.99 -61.04
C CYS A 164 25.84 4.77 -61.40
N CYS A 165 26.25 3.60 -60.90
CA CYS A 165 25.54 2.36 -61.21
C CYS A 165 24.25 2.23 -60.42
N ASP A 166 24.23 2.71 -59.17
CA ASP A 166 23.08 2.48 -58.30
C ASP A 166 21.92 3.40 -58.65
N ALA A 167 22.13 4.71 -58.49
CA ALA A 167 21.05 5.67 -58.72
C ALA A 167 20.87 6.01 -60.19
N ASN A 168 21.75 5.54 -61.06
CA ASN A 168 21.68 5.80 -62.50
C ASN A 168 21.66 7.29 -62.78
N VAL A 169 22.46 8.04 -62.02
CA VAL A 169 22.59 9.49 -62.16
C VAL A 169 23.97 9.78 -62.72
N ALA A 170 24.02 10.30 -63.94
CA ALA A 170 25.28 10.60 -64.60
C ALA A 170 25.59 12.08 -64.47
N LEU A 171 26.76 12.38 -63.91
CA LEU A 171 27.22 13.75 -63.72
C LEU A 171 28.04 14.16 -64.94
N LEU A 172 27.59 15.19 -65.65
CA LEU A 172 28.21 15.61 -66.89
C LEU A 172 28.74 17.03 -66.77
N CYS A 173 29.93 17.26 -67.33
CA CYS A 173 30.57 18.56 -67.34
C CYS A 173 30.46 19.14 -68.74
N THR A 174 29.94 20.36 -68.83
CA THR A 174 29.71 20.99 -70.13
C THR A 174 31.01 21.35 -70.81
N SER A 175 30.96 21.44 -72.15
CA SER A 175 32.11 21.90 -72.91
C SER A 175 32.39 23.38 -72.70
N GLU A 176 31.42 24.13 -72.19
CA GLU A 176 31.66 25.52 -71.83
C GLU A 176 32.65 25.65 -70.68
N GLY A 177 32.85 24.60 -69.90
CA GLY A 177 33.85 24.58 -68.86
C GLY A 177 33.46 25.23 -67.56
N ASN A 178 32.21 25.70 -67.43
CA ASN A 178 31.75 26.37 -66.22
C ASN A 178 30.34 25.95 -65.84
N SER A 179 29.97 24.70 -66.14
CA SER A 179 28.63 24.23 -65.83
C SER A 179 28.66 22.73 -65.62
N LEU A 180 28.01 22.28 -64.54
CA LEU A 180 27.82 20.88 -64.23
C LEU A 180 26.33 20.60 -64.07
N ILE A 181 25.81 19.62 -64.81
CA ILE A 181 24.39 19.29 -64.70
C ILE A 181 24.23 17.77 -64.56
N PRO A 182 23.59 17.31 -63.49
CA PRO A 182 23.21 15.90 -63.39
C PRO A 182 22.03 15.57 -64.30
N VAL A 183 22.04 14.34 -64.80
CA VAL A 183 20.93 13.81 -65.60
C VAL A 183 20.57 12.44 -65.05
N LEU A 184 19.28 12.21 -64.82
CA LEU A 184 18.79 10.93 -64.34
C LEU A 184 18.39 10.10 -65.55
N VAL A 185 19.07 8.98 -65.75
CA VAL A 185 18.92 8.18 -66.96
C VAL A 185 18.39 6.81 -66.57
N LYS A 186 17.24 6.44 -67.14
CA LYS A 186 16.71 5.09 -66.98
C LYS A 186 15.93 4.75 -68.25
N GLN A 187 15.10 3.72 -68.17
CA GLN A 187 14.38 3.21 -69.32
C GLN A 187 13.45 4.25 -69.93
N LYS A 188 13.76 4.68 -71.16
CA LYS A 188 12.89 5.50 -72.00
C LYS A 188 12.71 6.92 -71.44
N VAL A 189 13.18 7.17 -70.22
CA VAL A 189 12.96 8.45 -69.56
C VAL A 189 14.31 9.02 -69.15
N ILE A 190 14.69 10.14 -69.77
CA ILE A 190 15.89 10.89 -69.40
C ILE A 190 15.50 12.36 -69.30
N THR A 191 15.89 13.00 -68.21
CA THR A 191 15.54 14.39 -67.98
C THR A 191 16.66 15.08 -67.21
N LYS A 192 16.79 16.39 -67.42
CA LYS A 192 17.77 17.17 -66.70
C LYS A 192 17.33 17.38 -65.26
N LEU A 193 18.31 17.56 -64.39
CA LEU A 193 18.11 17.89 -62.99
C LEU A 193 18.46 19.36 -62.79
N PRO A 194 17.98 19.98 -61.71
CA PRO A 194 18.34 21.38 -61.45
C PRO A 194 19.85 21.54 -61.41
N LYS A 195 20.35 22.57 -62.09
CA LYS A 195 21.79 22.72 -62.23
C LYS A 195 22.42 22.96 -60.87
N VAL A 196 23.56 22.31 -60.63
CA VAL A 196 24.17 22.33 -59.30
C VAL A 196 24.69 23.72 -58.99
N ASP A 197 24.39 24.21 -57.79
CA ASP A 197 24.92 25.47 -57.31
C ASP A 197 26.36 25.26 -56.85
N LEU A 198 27.27 25.32 -57.82
CA LEU A 198 28.69 25.14 -57.56
C LEU A 198 29.25 26.20 -56.62
N GLY A 199 28.57 27.33 -56.46
CA GLY A 199 29.09 28.40 -55.63
C GLY A 199 30.04 29.30 -56.40
N ASN A 200 31.07 28.69 -56.98
CA ASN A 200 32.05 29.42 -57.79
C ASN A 200 32.00 28.93 -59.23
N PRO A 201 31.32 29.64 -60.12
CA PRO A 201 31.27 29.23 -61.54
C PRO A 201 32.55 29.53 -62.31
N SER A 202 33.61 30.00 -61.66
CA SER A 202 34.86 30.33 -62.32
C SER A 202 36.00 29.39 -61.95
N ARG A 203 35.83 28.54 -60.94
CA ARG A 203 36.90 27.63 -60.55
C ARG A 203 37.16 26.60 -61.65
N ASP A 204 38.43 26.21 -61.80
CA ASP A 204 38.81 25.21 -62.77
C ASP A 204 38.52 23.81 -62.21
N VAL A 205 37.94 22.95 -63.05
CA VAL A 205 37.58 21.59 -62.68
C VAL A 205 38.48 20.63 -63.46
N GLN A 206 39.01 19.62 -62.77
CA GLN A 206 39.88 18.63 -63.38
C GLN A 206 39.36 17.23 -63.07
N GLU A 207 40.08 16.22 -63.56
CA GLU A 207 39.62 14.85 -63.42
C GLU A 207 39.82 14.32 -62.00
N SER A 208 40.93 14.68 -61.36
CA SER A 208 41.20 14.23 -60.00
C SER A 208 40.57 15.14 -58.95
N LYS A 209 39.78 16.12 -59.37
CA LYS A 209 39.13 17.05 -58.46
C LYS A 209 37.66 16.73 -58.22
N VAL A 210 37.08 15.81 -58.98
CA VAL A 210 35.65 15.50 -58.90
C VAL A 210 35.49 14.00 -58.68
N THR A 211 34.74 13.64 -57.63
CA THR A 211 34.36 12.27 -57.36
C THR A 211 32.88 12.21 -57.03
N LEU A 212 32.25 11.11 -57.42
CA LEU A 212 30.83 10.89 -57.18
C LEU A 212 30.62 9.55 -56.48
N GLY A 213 29.88 9.59 -55.38
CA GLY A 213 29.58 8.38 -54.64
C GLY A 213 28.56 8.68 -53.56
N GLN A 214 27.85 7.63 -53.16
CA GLN A 214 26.74 7.76 -52.23
C GLN A 214 27.12 7.25 -50.85
N VAL A 215 26.65 7.96 -49.82
CA VAL A 215 26.87 7.61 -48.43
C VAL A 215 25.52 7.53 -47.72
N TYR A 216 25.39 6.56 -46.82
CA TYR A 216 24.16 6.37 -46.05
C TYR A 216 22.94 6.16 -46.95
N GLY A 217 23.15 5.76 -48.19
CA GLY A 217 22.05 5.56 -49.11
C GLY A 217 21.54 6.79 -49.82
N VAL A 218 22.24 7.93 -49.70
CA VAL A 218 21.87 9.15 -50.41
C VAL A 218 23.05 9.56 -51.27
N LEU A 219 22.79 9.86 -52.53
CA LEU A 219 23.85 10.19 -53.47
C LEU A 219 24.36 11.61 -53.22
N ALA A 220 25.68 11.76 -53.24
CA ALA A 220 26.31 13.05 -52.99
C ALA A 220 27.48 13.23 -53.95
N VAL A 221 27.83 14.48 -54.20
CA VAL A 221 28.95 14.83 -55.06
C VAL A 221 30.05 15.45 -54.21
N LEU A 222 31.29 15.13 -54.54
CA LEU A 222 32.46 15.56 -53.77
C LEU A 222 33.39 16.36 -54.67
N ILE A 223 33.82 17.52 -54.18
CA ILE A 223 34.72 18.42 -54.89
C ILE A 223 35.85 18.81 -53.97
N LEU A 224 37.09 18.72 -54.46
CA LEU A 224 38.25 19.15 -53.69
C LEU A 224 38.50 20.65 -53.87
N GLN A 225 38.94 21.29 -52.80
CA GLN A 225 39.11 22.74 -52.78
C GLN A 225 40.21 23.11 -51.81
N SER A 226 40.76 24.30 -51.99
CA SER A 226 41.73 24.88 -51.08
C SER A 226 41.12 26.09 -50.40
N ASN A 227 41.54 26.35 -49.17
CA ASN A 227 40.97 27.44 -48.39
C ASN A 227 41.25 28.79 -49.07
N SER A 228 40.22 29.63 -49.13
CA SER A 228 40.38 30.94 -49.77
C SER A 228 41.11 31.93 -48.87
N THR A 229 41.30 31.60 -47.60
CA THR A 229 42.00 32.48 -46.66
C THR A 229 43.40 32.00 -46.32
N THR A 230 43.55 30.73 -45.94
CA THR A 230 44.85 30.19 -45.55
C THR A 230 45.47 29.28 -46.60
N GLY A 231 44.73 28.92 -47.65
CA GLY A 231 45.27 28.08 -48.69
C GLY A 231 45.27 26.59 -48.38
N LEU A 232 44.78 26.20 -47.20
CA LEU A 232 44.77 24.79 -46.83
C LEU A 232 43.70 24.04 -47.61
N MET A 233 43.99 22.79 -47.94
CA MET A 233 43.07 21.98 -48.73
C MET A 233 41.83 21.61 -47.93
N GLU A 234 40.73 21.41 -48.64
CA GLU A 234 39.47 21.02 -48.02
C GLU A 234 38.63 20.28 -49.05
N VAL A 235 37.50 19.74 -48.62
CA VAL A 235 36.60 18.99 -49.48
C VAL A 235 35.23 19.64 -49.44
N GLU A 236 34.67 19.89 -50.62
CA GLU A 236 33.35 20.51 -50.74
C GLU A 236 32.34 19.42 -51.05
N VAL A 237 31.29 19.32 -50.22
CA VAL A 237 30.33 18.22 -50.28
C VAL A 237 28.95 18.80 -50.57
N HIS A 238 28.27 18.24 -51.57
CA HIS A 238 26.89 18.58 -51.88
C HIS A 238 26.07 17.30 -51.91
N LEU A 239 24.94 17.31 -51.22
CA LEU A 239 24.06 16.14 -51.14
C LEU A 239 22.85 16.34 -52.04
N LEU A 240 22.55 15.31 -52.83
CA LEU A 240 21.37 15.34 -53.71
C LEU A 240 20.13 14.89 -52.95
N ASN A 241 19.74 15.70 -51.96
CA ASN A 241 18.62 15.38 -51.09
C ASN A 241 17.49 16.40 -51.16
N GLY A 242 17.59 17.43 -52.00
CA GLY A 242 16.55 18.41 -52.14
C GLY A 242 15.33 17.84 -52.82
N PRO A 243 14.19 18.53 -52.70
CA PRO A 243 12.96 18.06 -53.37
C PRO A 243 13.14 18.01 -54.87
N GLY A 244 12.89 16.83 -55.44
CA GLY A 244 13.16 16.61 -56.85
C GLY A 244 14.60 16.29 -57.17
N LEU A 245 15.36 15.76 -56.21
CA LEU A 245 16.77 15.44 -56.38
C LEU A 245 17.57 16.69 -56.77
N ALA A 246 17.20 17.82 -56.19
CA ALA A 246 17.95 19.05 -56.45
C ALA A 246 19.24 19.05 -55.65
N PRO A 247 20.38 19.38 -56.29
CA PRO A 247 21.64 19.46 -55.55
C PRO A 247 21.58 20.53 -54.47
N ARG A 248 22.26 20.26 -53.36
CA ARG A 248 22.19 21.16 -52.20
C ARG A 248 23.42 20.93 -51.33
N LYS A 249 24.17 22.00 -51.08
CA LYS A 249 25.32 21.91 -50.19
C LYS A 249 24.88 21.67 -48.76
N CYS A 250 25.52 20.71 -48.09
CA CYS A 250 25.18 20.38 -46.71
C CYS A 250 26.37 20.21 -45.78
N HIS A 251 27.58 19.96 -46.29
CA HIS A 251 28.71 19.68 -45.42
C HIS A 251 30.00 20.16 -46.06
N VAL A 252 30.96 20.49 -45.20
CA VAL A 252 32.31 20.87 -45.63
C VAL A 252 33.30 20.24 -44.67
N LEU A 253 34.38 19.67 -45.21
CA LEU A 253 35.39 18.97 -44.43
C LEU A 253 36.66 19.82 -44.35
N ARG A 254 37.23 19.91 -43.16
CA ARG A 254 38.45 20.68 -42.91
C ARG A 254 39.63 19.71 -42.88
N LEU A 255 40.41 19.69 -43.96
CA LEU A 255 41.56 18.80 -44.03
C LEU A 255 42.77 19.42 -43.33
N SER A 256 43.02 20.71 -43.59
CA SER A 256 44.12 21.46 -42.96
C SER A 256 45.49 20.88 -43.31
N LEU A 257 45.62 20.36 -44.53
CA LEU A 257 46.91 19.95 -45.08
C LEU A 257 47.02 20.45 -46.51
N LEU A 258 48.12 20.08 -47.17
CA LEU A 258 48.35 20.44 -48.56
C LEU A 258 48.93 19.23 -49.28
N GLY A 259 48.56 19.06 -50.54
CA GLY A 259 49.07 17.99 -51.37
C GLY A 259 47.98 17.38 -52.19
N ARG A 260 48.24 16.18 -52.72
CA ARG A 260 47.26 15.44 -53.49
C ARG A 260 46.43 14.57 -52.55
N PHE A 261 45.15 14.41 -52.91
CA PHE A 261 44.22 13.68 -52.06
C PHE A 261 43.29 12.83 -52.91
N ALA A 262 42.85 11.71 -52.34
CA ALA A 262 41.89 10.81 -52.94
C ALA A 262 40.83 10.45 -51.91
N ILE A 263 39.63 10.13 -52.40
CA ILE A 263 38.50 9.83 -51.53
C ILE A 263 37.89 8.51 -51.92
N ASN A 264 37.67 7.64 -50.94
CA ASN A 264 36.86 6.44 -51.11
C ASN A 264 35.65 6.53 -50.19
N THR A 265 34.86 5.47 -50.12
CA THR A 265 33.70 5.44 -49.22
C THR A 265 33.60 4.04 -48.65
N VAL A 266 34.08 3.86 -47.42
CA VAL A 266 34.13 2.56 -46.78
C VAL A 266 33.21 2.60 -45.56
N ASP A 267 32.24 1.71 -45.52
CA ASP A 267 31.30 1.61 -44.39
C ASP A 267 30.66 2.96 -44.08
N ASN A 268 30.26 3.66 -45.13
CA ASN A 268 29.60 4.97 -45.02
C ASN A 268 30.52 6.01 -44.37
N LEU A 269 31.83 5.82 -44.49
CA LEU A 269 32.80 6.79 -44.01
C LEU A 269 33.55 7.37 -45.20
N ILE A 270 33.72 8.69 -45.21
CA ILE A 270 34.42 9.38 -46.30
C ILE A 270 35.90 9.36 -45.93
N VAL A 271 36.63 8.43 -46.51
CA VAL A 271 38.06 8.29 -46.26
C VAL A 271 38.83 9.18 -47.23
N VAL A 272 39.81 9.92 -46.72
CA VAL A 272 40.66 10.80 -47.52
C VAL A 272 42.10 10.34 -47.36
N HIS A 273 42.81 10.17 -48.47
CA HIS A 273 44.18 9.68 -48.46
C HIS A 273 45.12 10.78 -48.91
N HIS A 274 46.25 10.90 -48.21
CA HIS A 274 47.30 11.86 -48.53
C HIS A 274 48.57 11.09 -48.86
N GLN A 275 48.97 11.12 -50.13
CA GLN A 275 50.14 10.35 -50.55
C GLN A 275 51.43 10.93 -49.98
N ALA A 276 51.53 12.26 -49.91
CA ALA A 276 52.77 12.89 -49.48
C ALA A 276 53.08 12.57 -48.01
N SER A 277 52.09 12.78 -47.13
CA SER A 277 52.31 12.51 -45.72
C SER A 277 52.07 11.06 -45.36
N GLY A 278 51.50 10.28 -46.26
CA GLY A 278 51.20 8.89 -45.98
C GLY A 278 50.22 8.66 -44.86
N THR A 279 49.12 9.43 -44.83
CA THR A 279 48.13 9.33 -43.78
C THR A 279 46.73 9.33 -44.40
N SER A 280 45.78 8.74 -43.67
CA SER A 280 44.38 8.71 -44.06
C SER A 280 43.55 9.42 -43.01
N LEU A 281 42.43 10.00 -43.44
CA LEU A 281 41.55 10.76 -42.55
C LEU A 281 40.12 10.27 -42.70
N LEU A 282 39.46 10.00 -41.58
CA LEU A 282 38.06 9.62 -41.58
C LEU A 282 37.18 10.82 -41.28
N PHE A 283 36.00 10.84 -41.88
CA PHE A 283 35.00 11.86 -41.61
C PHE A 283 33.63 11.20 -41.53
N ASP A 284 32.99 11.30 -40.38
CA ASP A 284 31.64 10.78 -40.19
C ASP A 284 30.66 11.93 -40.33
N ILE A 285 29.77 11.83 -41.32
CA ILE A 285 28.87 12.94 -41.64
C ILE A 285 27.85 13.14 -40.53
N SER A 286 27.37 12.05 -39.94
CA SER A 286 26.29 12.14 -38.95
C SER A 286 26.76 12.61 -37.58
N LEU A 287 28.07 12.72 -37.35
CA LEU A 287 28.55 13.17 -36.06
C LEU A 287 28.26 14.66 -35.86
N PRO A 288 27.98 15.08 -34.63
CA PRO A 288 27.74 16.51 -34.37
C PRO A 288 29.01 17.32 -34.56
N GLY A 289 28.96 18.27 -35.50
CA GLY A 289 30.08 19.15 -35.76
C GLY A 289 29.64 20.60 -35.77
N GLU A 290 30.64 21.48 -35.83
CA GLU A 290 30.36 22.91 -35.86
C GLU A 290 29.67 23.30 -37.16
N VAL A 291 28.72 24.22 -37.05
CA VAL A 291 27.96 24.72 -38.19
C VAL A 291 28.21 26.22 -38.31
N ILE A 292 28.59 26.66 -39.51
CA ILE A 292 28.81 28.06 -39.81
C ILE A 292 28.04 28.41 -41.08
N ASN A 293 27.18 29.41 -40.99
CA ASN A 293 26.33 29.84 -42.10
C ASN A 293 25.52 28.66 -42.64
N GLU A 294 24.77 28.04 -41.72
CA GLU A 294 23.92 26.87 -42.00
C GLU A 294 24.65 25.79 -42.79
N ILE A 295 25.98 25.76 -42.68
CA ILE A 295 26.81 24.74 -43.32
C ILE A 295 27.70 24.13 -42.25
N THR A 296 27.65 22.81 -42.12
CA THR A 296 28.36 22.11 -41.06
C THR A 296 29.79 21.84 -41.48
N TYR A 297 30.73 22.14 -40.59
CA TYR A 297 32.15 21.90 -40.81
C TYR A 297 32.63 20.76 -39.94
N HIS A 298 33.50 19.93 -40.49
CA HIS A 298 33.91 18.69 -39.84
C HIS A 298 35.44 18.60 -39.80
N THR A 299 35.91 17.83 -38.83
CA THR A 299 37.32 17.57 -38.57
C THR A 299 37.51 16.06 -38.42
N PRO A 300 38.72 15.56 -38.69
CA PRO A 300 38.97 14.13 -38.47
C PRO A 300 38.69 13.73 -37.04
N ILE A 301 38.11 12.54 -36.88
CA ILE A 301 37.75 12.06 -35.54
C ILE A 301 38.93 11.42 -34.81
N THR A 302 39.98 11.05 -35.53
CA THR A 302 41.17 10.47 -34.95
C THR A 302 42.40 11.15 -35.54
N PRO A 303 43.52 11.17 -34.81
CA PRO A 303 44.75 11.72 -35.38
C PRO A 303 45.15 10.96 -36.62
N GLY A 304 45.70 11.68 -37.60
CA GLY A 304 46.05 11.10 -38.89
C GLY A 304 46.98 9.91 -38.79
N ARG A 305 46.58 8.79 -39.37
CA ARG A 305 47.36 7.57 -39.32
C ARG A 305 47.31 6.89 -40.68
N SER A 306 48.34 6.09 -40.96
CA SER A 306 48.45 5.40 -42.23
C SER A 306 47.63 4.13 -42.23
N ILE A 307 47.47 3.54 -43.42
CA ILE A 307 46.85 2.24 -43.54
C ILE A 307 47.74 1.23 -42.83
N LYS A 308 47.13 0.19 -42.28
CA LYS A 308 47.85 -0.82 -41.53
C LYS A 308 48.92 -1.46 -42.41
N PRO A 309 50.18 -1.50 -42.00
CA PRO A 309 51.24 -2.01 -42.86
C PRO A 309 51.11 -3.52 -43.05
N PHE A 310 50.74 -3.92 -44.26
CA PHE A 310 50.55 -5.33 -44.58
C PHE A 310 50.56 -5.47 -46.09
N GLY A 311 51.39 -6.38 -46.59
CA GLY A 311 51.51 -6.61 -48.02
C GLY A 311 52.27 -5.52 -48.73
N TYR A 329 51.17 3.30 -49.96
CA TYR A 329 50.76 4.54 -50.60
C TYR A 329 51.46 4.74 -51.93
N SER A 330 51.65 3.67 -52.68
CA SER A 330 52.29 3.76 -53.98
C SER A 330 51.41 4.54 -54.94
N THR A 331 52.05 5.33 -55.80
CA THR A 331 51.33 6.17 -56.75
C THR A 331 50.77 5.39 -57.94
N HIS A 332 50.87 4.06 -57.93
CA HIS A 332 50.45 3.25 -59.06
C HIS A 332 49.02 2.75 -58.97
N TRP A 333 48.35 2.92 -57.82
CA TRP A 333 47.00 2.39 -57.68
C TRP A 333 45.99 3.28 -58.41
N VAL A 334 44.82 2.69 -58.67
CA VAL A 334 43.66 3.41 -59.17
C VAL A 334 42.52 3.11 -58.21
N LEU A 335 41.96 4.16 -57.61
CA LEU A 335 40.95 4.01 -56.56
C LEU A 335 39.56 4.13 -57.18
N PHE A 336 38.75 3.10 -56.98
CA PHE A 336 37.39 3.06 -57.51
C PHE A 336 36.40 3.03 -56.35
N GLN A 337 35.30 3.76 -56.50
CA GLN A 337 34.28 3.78 -55.48
C GLN A 337 33.53 2.43 -55.47
N PRO A 338 33.04 2.00 -54.29
CA PRO A 338 33.17 2.70 -53.01
C PRO A 338 34.45 2.40 -52.24
N ASN A 339 34.93 1.16 -52.27
CA ASN A 339 36.12 0.76 -51.53
C ASN A 339 36.99 -0.18 -52.38
N ILE A 340 37.18 0.18 -53.64
CA ILE A 340 37.92 -0.66 -54.58
C ILE A 340 39.27 -0.04 -54.85
N VAL A 341 40.33 -0.83 -54.64
CA VAL A 341 41.69 -0.44 -55.00
C VAL A 341 42.29 -1.55 -55.84
N ILE A 342 42.91 -1.18 -56.96
CA ILE A 342 43.42 -2.15 -57.93
C ILE A 342 44.91 -1.90 -58.14
N ASP A 343 45.55 -2.85 -58.80
CA ASP A 343 46.97 -2.79 -59.12
C ASP A 343 47.19 -2.93 -60.61
N ALA A 344 48.07 -2.09 -61.16
CA ALA A 344 48.40 -2.15 -62.57
C ALA A 344 49.58 -3.09 -62.82
N LYS A 345 50.71 -2.82 -62.18
CA LYS A 345 51.91 -3.62 -62.37
C LYS A 345 52.09 -4.71 -61.31
N LEU A 346 51.16 -4.82 -60.37
CA LEU A 346 51.21 -5.87 -59.36
C LEU A 346 50.23 -7.00 -59.60
N GLY A 347 49.12 -6.72 -60.28
CA GLY A 347 48.17 -7.76 -60.62
C GLY A 347 47.28 -8.23 -59.49
N CYS A 348 46.95 -7.36 -58.55
CA CYS A 348 46.09 -7.72 -57.43
C CYS A 348 45.03 -6.64 -57.22
N MET A 349 44.08 -6.93 -56.34
CA MET A 349 42.98 -6.01 -56.06
C MET A 349 42.43 -6.32 -54.67
N TRP A 350 42.41 -5.32 -53.79
CA TRP A 350 41.93 -5.48 -52.43
C TRP A 350 40.59 -4.78 -52.24
N PHE A 351 40.06 -4.90 -51.03
CA PHE A 351 38.92 -4.13 -50.56
C PHE A 351 39.26 -3.61 -49.17
N LEU A 352 38.91 -2.36 -48.92
CA LEU A 352 39.23 -1.73 -47.64
C LEU A 352 38.27 -2.19 -46.55
N ASN A 353 38.69 -2.02 -45.30
CA ASN A 353 37.93 -2.49 -44.16
C ASN A 353 38.29 -1.65 -42.93
N LEU A 354 37.49 -1.75 -41.88
CA LEU A 354 37.71 -1.03 -40.64
C LEU A 354 37.89 -2.01 -39.48
N CYS A 355 38.85 -1.71 -38.62
CA CYS A 355 39.09 -2.47 -37.39
C CYS A 355 38.52 -1.63 -36.25
N ILE A 356 37.32 -2.00 -35.78
CA ILE A 356 36.64 -1.19 -34.77
C ILE A 356 37.22 -1.41 -33.37
N GLU A 357 37.90 -2.52 -33.14
CA GLU A 357 38.50 -2.75 -31.82
C GLU A 357 39.55 -1.69 -31.47
N PRO A 358 40.51 -1.36 -32.32
CA PRO A 358 41.40 -0.23 -31.99
C PRO A 358 40.68 1.10 -31.88
N LEU A 359 39.62 1.31 -32.68
CA LEU A 359 38.90 2.58 -32.62
C LEU A 359 38.17 2.75 -31.29
N CYS A 360 37.68 1.66 -30.71
CA CYS A 360 37.00 1.75 -29.42
C CYS A 360 37.95 2.19 -28.31
N GLN A 361 39.26 2.04 -28.51
CA GLN A 361 40.25 2.48 -27.54
C GLN A 361 40.86 3.83 -27.88
N LEU A 362 40.99 4.15 -29.18
CA LEU A 362 41.58 5.42 -29.57
C LEU A 362 40.69 6.59 -29.14
N ILE A 363 39.39 6.48 -29.35
CA ILE A 363 38.47 7.54 -28.96
C ILE A 363 38.19 7.44 -27.46
N SER A 364 38.37 8.54 -26.75
CA SER A 364 38.25 8.55 -25.30
C SER A 364 36.90 9.02 -24.79
N ASP A 365 36.22 9.91 -25.51
CA ASP A 365 34.94 10.44 -25.05
C ASP A 365 33.85 9.38 -25.25
N ARG A 366 33.26 8.94 -24.14
CA ARG A 366 32.30 7.84 -24.21
C ARG A 366 31.06 8.22 -25.00
N ILE A 367 30.58 9.45 -24.84
CA ILE A 367 29.43 9.90 -25.61
C ILE A 367 29.75 9.91 -27.11
N ARG A 368 30.93 10.41 -27.46
CA ARG A 368 31.34 10.41 -28.87
C ARG A 368 31.48 8.99 -29.40
N LEU A 369 32.04 8.09 -28.60
CA LEU A 369 32.18 6.71 -29.05
C LEU A 369 30.82 6.05 -29.26
N THR A 370 29.87 6.31 -28.35
CA THR A 370 28.53 5.77 -28.52
C THR A 370 27.87 6.32 -29.78
N GLU A 371 28.02 7.62 -30.03
CA GLU A 371 27.43 8.21 -31.24
C GLU A 371 28.06 7.60 -32.49
N PHE A 372 29.38 7.38 -32.46
CA PHE A 372 30.05 6.81 -33.62
C PHE A 372 29.62 5.36 -33.86
N LEU A 373 29.45 4.59 -32.78
CA LEU A 373 29.12 3.18 -32.90
C LEU A 373 27.64 2.91 -33.12
N LEU A 374 26.76 3.87 -32.88
CA LEU A 374 25.35 3.65 -33.08
C LEU A 374 24.93 3.70 -34.55
N GLN A 375 25.86 3.99 -35.46
CA GLN A 375 25.56 4.07 -36.88
C GLN A 375 26.54 3.27 -37.71
N ARG A 376 27.13 2.23 -37.13
CA ARG A 376 28.03 1.35 -37.86
C ARG A 376 27.26 0.11 -38.30
N SER A 377 27.99 -0.88 -38.83
CA SER A 377 27.41 -2.15 -39.21
C SER A 377 27.70 -3.26 -38.21
N ASN A 378 28.74 -3.10 -37.37
CA ASN A 378 29.07 -4.08 -36.34
C ASN A 378 29.03 -3.46 -34.95
N GLY A 379 28.39 -2.30 -34.81
CA GLY A 379 28.40 -1.59 -33.55
C GLY A 379 27.36 -2.07 -32.55
N LYS A 380 27.19 -3.38 -32.44
CA LYS A 380 26.33 -3.94 -31.41
C LYS A 380 27.16 -4.74 -30.42
N GLN A 381 27.97 -5.67 -30.94
CA GLN A 381 28.84 -6.47 -30.10
C GLN A 381 29.88 -5.62 -29.38
N MET A 382 30.31 -4.51 -30.00
CA MET A 382 31.22 -3.58 -29.37
C MET A 382 30.52 -2.59 -28.44
N LEU A 383 29.34 -2.12 -28.83
CA LEU A 383 28.61 -1.19 -27.98
C LEU A 383 28.18 -1.85 -26.67
N LEU A 384 27.67 -3.07 -26.73
CA LEU A 384 27.29 -3.78 -25.52
C LEU A 384 28.49 -4.05 -24.63
N LYS A 385 29.64 -4.40 -25.21
CA LYS A 385 30.86 -4.56 -24.45
C LYS A 385 31.29 -3.27 -23.78
N VAL A 386 31.17 -2.14 -24.47
CA VAL A 386 31.53 -0.85 -23.88
C VAL A 386 30.63 -0.55 -22.69
N ILE A 387 29.32 -0.75 -22.85
CA ILE A 387 28.40 -0.49 -21.74
C ILE A 387 28.69 -1.41 -20.57
N GLY A 388 28.96 -2.69 -20.84
CA GLY A 388 29.30 -3.63 -19.79
C GLY A 388 30.57 -3.28 -19.05
N GLN A 389 31.60 -2.84 -19.76
CA GLN A 389 32.82 -2.38 -19.11
C GLN A 389 32.58 -1.13 -18.28
N LEU A 390 31.74 -0.22 -18.78
CA LEU A 390 31.53 1.04 -18.09
C LEU A 390 30.65 0.88 -16.85
N VAL A 391 29.80 -0.14 -16.81
CA VAL A 391 28.86 -0.30 -15.71
C VAL A 391 29.33 -1.30 -14.67
N ASP A 392 30.26 -2.20 -15.01
CA ASP A 392 30.65 -3.28 -14.12
C ASP A 392 32.09 -3.14 -13.64
N ASP A 393 33.06 -3.05 -14.55
CA ASP A 393 34.46 -3.07 -14.14
C ASP A 393 34.95 -1.70 -13.71
N GLN A 394 34.93 -0.73 -14.63
CA GLN A 394 35.47 0.59 -14.36
C GLN A 394 34.36 1.56 -13.93
N TYR A 395 33.76 1.26 -12.79
CA TYR A 395 32.70 2.11 -12.24
C TYR A 395 33.27 3.13 -11.29
N LYS A 396 32.71 4.35 -11.35
CA LYS A 396 33.14 5.44 -10.49
C LYS A 396 31.90 6.20 -10.01
N GLY A 397 32.08 7.22 -9.19
CA GLY A 397 30.95 7.97 -8.68
C GLY A 397 30.18 8.73 -9.74
N ILE A 406 30.81 9.28 -14.33
CA ILE A 406 30.16 8.11 -14.91
C ILE A 406 28.65 8.26 -14.83
N PHE A 407 28.18 8.86 -13.73
CA PHE A 407 26.75 9.06 -13.55
C PHE A 407 26.15 9.85 -14.70
N SER A 408 26.73 11.01 -15.03
CA SER A 408 26.20 11.83 -16.11
C SER A 408 26.57 11.29 -17.47
N ARG A 409 27.47 10.30 -17.55
CA ARG A 409 27.79 9.69 -18.82
C ARG A 409 26.77 8.63 -19.20
N ILE A 410 26.45 7.73 -18.28
CA ILE A 410 25.38 6.77 -18.53
C ILE A 410 24.01 7.39 -18.36
N ASN A 411 23.93 8.63 -17.87
CA ASN A 411 22.67 9.35 -17.97
C ASN A 411 22.40 9.79 -19.41
N LYS A 412 23.45 9.96 -20.21
CA LYS A 412 23.32 10.41 -21.59
C LYS A 412 23.33 9.27 -22.59
N ILE A 413 24.11 8.22 -22.32
CA ILE A 413 24.15 7.08 -23.25
C ILE A 413 22.77 6.47 -23.40
N TYR A 414 22.07 6.28 -22.28
CA TYR A 414 20.70 5.77 -22.34
C TYR A 414 19.83 6.65 -23.21
N ALA A 415 19.63 7.90 -22.80
CA ALA A 415 18.81 8.83 -23.58
C ALA A 415 19.29 8.98 -25.01
N SER A 416 20.48 8.47 -25.35
CA SER A 416 20.95 8.46 -26.73
C SER A 416 20.45 7.26 -27.51
N TRP A 417 20.44 6.06 -26.93
CA TRP A 417 19.96 4.91 -27.72
C TRP A 417 18.47 4.63 -27.55
N VAL A 418 17.89 5.02 -26.41
CA VAL A 418 16.46 4.83 -26.20
C VAL A 418 15.67 5.64 -27.22
N GLN A 419 16.24 6.75 -27.71
CA GLN A 419 15.58 7.49 -28.78
C GLN A 419 15.47 6.66 -30.04
N LEU A 420 16.53 5.94 -30.41
CA LEU A 420 16.47 5.04 -31.55
C LEU A 420 15.44 3.94 -31.33
N GLU A 421 15.42 3.37 -30.12
CA GLU A 421 14.44 2.31 -29.85
C GLU A 421 13.01 2.83 -29.97
N LEU A 422 12.75 4.04 -29.47
CA LEU A 422 11.41 4.62 -29.60
C LEU A 422 11.06 4.92 -31.05
N GLN A 423 12.03 5.41 -31.82
CA GLN A 423 11.76 5.71 -33.22
C GLN A 423 11.48 4.44 -34.01
N ASN A 424 12.06 3.31 -33.61
CA ASN A 424 11.72 2.05 -34.25
C ASN A 424 10.26 1.69 -33.99
N GLN A 425 9.80 1.88 -32.75
CA GLN A 425 8.45 1.47 -32.38
C GLN A 425 7.39 2.37 -33.01
N THR A 426 7.61 3.69 -32.94
CA THR A 426 6.57 4.63 -33.39
C THR A 426 6.36 4.54 -34.90
N ALA A 427 7.35 4.01 -35.62
CA ALA A 427 7.21 3.81 -37.05
C ALA A 427 6.58 2.47 -37.40
N GLN A 428 6.23 1.65 -36.41
CA GLN A 428 5.60 0.37 -36.67
C GLN A 428 4.21 0.29 -36.03
N THR A 441 12.59 -0.46 -43.10
CA THR A 441 13.95 -0.88 -42.80
C THR A 441 14.34 -0.50 -41.37
N PRO A 442 14.61 -1.50 -40.53
CA PRO A 442 15.00 -1.20 -39.16
C PRO A 442 16.33 -0.47 -39.12
N PRO A 443 16.54 0.38 -38.13
CA PRO A 443 17.81 1.09 -38.04
C PRO A 443 18.97 0.14 -37.77
N ILE A 444 20.14 0.50 -38.29
CA ILE A 444 21.36 -0.25 -38.04
C ILE A 444 21.77 -0.06 -36.59
N VAL A 445 22.04 -1.17 -35.91
CA VAL A 445 22.29 -1.22 -34.47
C VAL A 445 21.03 -0.78 -33.72
N LEU A 446 20.36 -1.73 -33.09
CA LEU A 446 19.14 -1.47 -32.33
C LEU A 446 19.20 -2.27 -31.05
N ILE A 447 19.09 -1.59 -29.91
CA ILE A 447 19.21 -2.21 -28.60
C ILE A 447 17.87 -2.10 -27.88
N GLU A 448 17.30 -3.24 -27.51
CA GLU A 448 16.01 -3.31 -26.85
C GLU A 448 16.22 -3.57 -25.35
N GLN A 449 15.12 -3.80 -24.63
CA GLN A 449 15.22 -4.03 -23.19
C GLN A 449 15.88 -5.37 -22.88
N LEU A 450 15.56 -6.42 -23.65
CA LEU A 450 16.13 -7.73 -23.38
C LEU A 450 17.63 -7.75 -23.66
N ASP A 451 18.13 -6.78 -24.43
CA ASP A 451 19.56 -6.70 -24.68
C ASP A 451 20.32 -6.27 -23.44
N MET A 452 19.85 -5.23 -22.75
CA MET A 452 20.56 -4.69 -21.60
C MET A 452 20.01 -5.16 -20.27
N VAL A 453 18.99 -6.02 -20.25
CA VAL A 453 18.68 -6.75 -19.03
C VAL A 453 19.77 -7.76 -18.73
N GLN A 454 20.30 -8.41 -19.78
CA GLN A 454 21.39 -9.36 -19.58
C GLN A 454 22.65 -8.67 -19.09
N ILE A 455 22.83 -7.39 -19.44
CA ILE A 455 23.99 -6.64 -18.94
C ILE A 455 23.88 -6.44 -17.44
N PHE A 456 22.69 -6.09 -16.96
CA PHE A 456 22.50 -5.81 -15.53
C PHE A 456 22.52 -7.05 -14.66
N GLN A 457 22.52 -8.25 -15.26
CA GLN A 457 22.52 -9.47 -14.46
C GLN A 457 23.82 -9.63 -13.69
N ARG A 458 24.96 -9.33 -14.33
CA ARG A 458 26.24 -9.57 -13.69
C ARG A 458 26.54 -8.57 -12.57
N ILE A 459 25.82 -7.45 -12.52
CA ILE A 459 26.03 -6.46 -11.47
C ILE A 459 24.98 -6.57 -10.36
N ALA A 460 24.24 -7.67 -10.31
CA ALA A 460 23.26 -7.85 -9.26
C ALA A 460 23.92 -8.08 -7.92
N ARG A 461 23.16 -7.80 -6.85
CA ARG A 461 23.63 -7.95 -5.47
C ARG A 461 24.87 -7.10 -5.20
N ARG A 462 24.81 -5.85 -5.63
CA ARG A 462 25.85 -4.86 -5.38
C ARG A 462 25.21 -3.61 -4.78
N PRO A 463 25.97 -2.81 -4.03
CA PRO A 463 25.37 -1.62 -3.41
C PRO A 463 24.82 -0.61 -4.41
N TYR A 464 25.43 -0.48 -5.59
CA TYR A 464 25.11 0.62 -6.50
C TYR A 464 24.18 0.21 -7.63
N THR A 465 23.59 -0.98 -7.58
CA THR A 465 22.72 -1.42 -8.67
C THR A 465 21.40 -0.66 -8.72
N GLU A 466 20.88 -0.27 -7.56
CA GLU A 466 19.58 0.40 -7.50
C GLU A 466 19.61 1.70 -8.30
N SER A 467 20.68 2.48 -8.17
CA SER A 467 20.76 3.75 -8.88
C SER A 467 20.78 3.55 -10.39
N ILE A 468 21.52 2.55 -10.87
CA ILE A 468 21.59 2.29 -12.30
C ILE A 468 20.23 1.85 -12.83
N LEU A 469 19.57 0.94 -12.12
CA LEU A 469 18.25 0.48 -12.55
C LEU A 469 17.25 1.64 -12.57
N MET A 470 17.27 2.49 -11.54
CA MET A 470 16.35 3.61 -11.51
C MET A 470 16.65 4.63 -12.61
N LEU A 471 17.92 4.83 -12.94
CA LEU A 471 18.27 5.72 -14.04
C LEU A 471 17.74 5.18 -15.37
N TYR A 472 17.91 3.88 -15.59
CA TYR A 472 17.40 3.26 -16.81
C TYR A 472 15.88 3.39 -16.90
N LEU A 473 15.19 3.12 -15.79
CA LEU A 473 13.74 3.24 -15.77
C LEU A 473 13.30 4.68 -16.01
N GLN A 474 14.04 5.65 -15.46
CA GLN A 474 13.72 7.05 -15.69
C GLN A 474 13.86 7.41 -17.16
N SER A 475 14.91 6.92 -17.82
CA SER A 475 15.05 7.19 -19.25
C SER A 475 13.92 6.58 -20.06
N LEU A 476 13.58 5.32 -19.76
CA LEU A 476 12.47 4.67 -20.46
C LEU A 476 11.17 5.45 -20.28
N ASN A 477 10.89 5.86 -19.04
CA ASN A 477 9.68 6.62 -18.77
C ASN A 477 9.69 7.96 -19.48
N LYS A 478 10.85 8.61 -19.56
CA LYS A 478 10.96 9.88 -20.26
C LYS A 478 10.63 9.71 -21.73
N PHE A 479 11.03 8.58 -22.32
CA PHE A 479 10.74 8.33 -23.73
C PHE A 479 9.47 7.51 -23.96
N ASN A 480 8.67 7.30 -22.91
CA ASN A 480 7.36 6.64 -23.01
C ASN A 480 7.48 5.23 -23.59
N ILE A 481 8.20 4.39 -22.86
CA ILE A 481 8.35 2.98 -23.19
C ILE A 481 8.00 2.16 -21.96
N ALA A 482 7.15 1.16 -22.12
CA ALA A 482 6.71 0.33 -21.00
C ALA A 482 7.82 -0.62 -20.57
N ALA A 483 7.81 -0.96 -19.29
CA ALA A 483 8.77 -1.90 -18.72
C ALA A 483 8.20 -3.30 -18.76
N GLN A 484 8.98 -4.24 -19.30
CA GLN A 484 8.51 -5.60 -19.50
C GLN A 484 8.65 -6.39 -18.19
N GLU A 485 8.48 -7.71 -18.27
CA GLU A 485 8.41 -8.53 -17.07
C GLU A 485 9.77 -8.63 -16.37
N GLU A 486 10.83 -8.91 -17.12
CA GLU A 486 12.13 -9.17 -16.51
C GLU A 486 12.69 -7.94 -15.80
N LEU A 487 12.58 -6.78 -16.42
CA LEU A 487 13.06 -5.55 -15.79
C LEU A 487 12.26 -5.26 -14.52
N SER A 488 10.95 -5.46 -14.55
CA SER A 488 10.14 -5.26 -13.36
C SER A 488 10.55 -6.20 -12.24
N LYS A 489 10.82 -7.47 -12.57
CA LYS A 489 11.25 -8.42 -11.56
C LYS A 489 12.59 -8.00 -10.95
N MET A 490 13.52 -7.55 -11.79
CA MET A 490 14.82 -7.12 -11.28
C MET A 490 14.67 -5.91 -10.36
N ILE A 491 13.85 -4.95 -10.76
CA ILE A 491 13.65 -3.76 -9.95
C ILE A 491 13.02 -4.12 -8.60
N ILE A 492 12.02 -5.00 -8.62
CA ILE A 492 11.38 -5.44 -7.38
C ILE A 492 12.39 -6.12 -6.47
N SER A 493 13.21 -7.01 -7.03
CA SER A 493 14.18 -7.72 -6.20
C SER A 493 15.17 -6.76 -5.57
N GLU A 494 15.68 -5.79 -6.35
CA GLU A 494 16.65 -4.86 -5.81
C GLU A 494 16.02 -3.95 -4.74
N LEU A 495 14.79 -3.49 -4.97
CA LEU A 495 14.12 -2.65 -3.99
C LEU A 495 13.86 -3.41 -2.70
N ILE A 496 13.42 -4.66 -2.80
CA ILE A 496 13.14 -5.45 -1.61
C ILE A 496 14.43 -5.73 -0.83
N SER A 497 15.52 -6.07 -1.53
CA SER A 497 16.76 -6.39 -0.85
C SER A 497 17.32 -5.19 -0.10
N ASN A 498 17.21 -4.00 -0.68
CA ASN A 498 17.78 -2.79 -0.10
C ASN A 498 16.84 -2.09 0.87
N ARG A 499 15.77 -2.77 1.32
CA ARG A 499 14.90 -2.27 2.39
C ARG A 499 14.25 -0.94 2.03
N SER A 500 13.90 -0.74 0.77
CA SER A 500 13.25 0.49 0.32
C SER A 500 11.81 0.16 -0.08
N PHE A 501 10.85 0.55 0.76
CA PHE A 501 9.45 0.22 0.52
C PHE A 501 8.64 1.42 0.03
N ASP A 502 9.00 2.64 0.38
CA ASP A 502 8.27 3.80 -0.12
C ASP A 502 8.39 3.91 -1.64
N THR A 503 9.59 3.66 -2.16
CA THR A 503 9.77 3.66 -3.61
C THR A 503 8.94 2.56 -4.27
N LEU A 504 8.87 1.39 -3.65
CA LEU A 504 8.07 0.30 -4.20
C LEU A 504 6.59 0.67 -4.24
N ARG A 505 6.08 1.25 -3.15
CA ARG A 505 4.69 1.67 -3.13
C ARG A 505 4.41 2.72 -4.21
N ARG A 506 5.32 3.69 -4.36
CA ARG A 506 5.09 4.72 -5.36
C ARG A 506 5.18 4.16 -6.78
N LEU A 507 6.09 3.22 -7.02
CA LEU A 507 6.20 2.61 -8.34
C LEU A 507 4.96 1.81 -8.69
N VAL A 508 4.45 1.02 -7.73
CA VAL A 508 3.22 0.28 -7.98
C VAL A 508 2.03 1.23 -8.17
N SER A 509 2.03 2.36 -7.46
CA SER A 509 0.92 3.30 -7.57
C SER A 509 0.78 3.85 -8.98
N TYR A 510 1.90 4.18 -9.62
CA TYR A 510 1.87 4.73 -10.98
C TYR A 510 1.77 3.66 -12.05
N SER A 511 1.76 2.39 -11.67
CA SER A 511 1.71 1.26 -12.62
C SER A 511 2.91 1.29 -13.56
N MET A 512 4.10 1.48 -12.98
CA MET A 512 5.34 1.43 -13.73
C MET A 512 5.94 0.04 -13.81
N LEU A 513 5.33 -0.95 -13.16
CA LEU A 513 5.77 -2.33 -13.25
C LEU A 513 4.66 -3.15 -13.92
N LEU A 514 5.07 -4.15 -14.68
CA LEU A 514 4.11 -4.96 -15.44
C LEU A 514 3.09 -5.60 -14.49
N GLU A 515 1.81 -5.47 -14.82
CA GLU A 515 0.74 -6.03 -14.00
C GLU A 515 0.40 -7.42 -14.52
N SER A 516 1.27 -8.37 -14.20
CA SER A 516 1.12 -9.75 -14.61
C SER A 516 0.93 -10.64 -13.41
N LYS A 517 0.41 -11.84 -13.66
CA LYS A 517 0.26 -12.81 -12.57
C LYS A 517 1.60 -13.38 -12.14
N SER A 518 2.57 -13.44 -13.06
CA SER A 518 3.91 -13.88 -12.68
C SER A 518 4.57 -12.88 -11.73
N VAL A 519 4.39 -11.58 -11.98
CA VAL A 519 4.91 -10.57 -11.07
C VAL A 519 4.23 -10.67 -9.72
N ALA A 520 2.92 -10.93 -9.72
CA ALA A 520 2.19 -11.11 -8.46
C ALA A 520 2.74 -12.30 -7.68
N CYS A 521 3.00 -13.41 -8.38
CA CYS A 521 3.59 -14.57 -7.71
C CYS A 521 4.98 -14.23 -7.18
N PHE A 522 5.75 -13.44 -7.93
CA PHE A 522 7.09 -13.07 -7.49
C PHE A 522 7.04 -12.24 -6.21
N LEU A 523 6.14 -11.25 -6.16
CA LEU A 523 5.97 -10.47 -4.94
C LEU A 523 5.49 -11.35 -3.79
N LEU A 524 4.51 -12.21 -4.05
CA LEU A 524 3.89 -13.01 -3.00
C LEU A 524 4.81 -14.10 -2.47
N SER A 525 5.78 -14.54 -3.26
CA SER A 525 6.65 -15.62 -2.82
C SER A 525 7.61 -15.19 -1.72
N HIS A 526 7.84 -13.90 -1.54
CA HIS A 526 8.71 -13.46 -0.46
C HIS A 526 7.95 -13.42 0.86
N SER A 527 7.02 -12.47 1.00
CA SER A 527 5.96 -12.50 1.99
C SER A 527 6.46 -12.62 3.43
N ASN A 528 7.78 -12.64 3.62
CA ASN A 528 8.37 -12.89 4.92
C ASN A 528 9.43 -11.89 5.31
N VAL A 529 10.03 -11.18 4.36
CA VAL A 529 10.93 -10.09 4.68
C VAL A 529 10.18 -9.01 5.48
N ASP A 530 8.95 -8.73 5.08
CA ASP A 530 8.08 -7.80 5.78
C ASP A 530 6.64 -8.14 5.40
N THR A 531 5.68 -7.42 5.99
CA THR A 531 4.27 -7.59 5.63
C THR A 531 3.78 -6.56 4.62
N ALA A 532 4.48 -5.44 4.48
CA ALA A 532 4.13 -4.48 3.43
C ALA A 532 4.25 -5.11 2.05
N ILE A 533 5.20 -6.04 1.88
CA ILE A 533 5.30 -6.77 0.62
C ILE A 533 4.04 -7.57 0.37
N SER A 534 3.52 -8.23 1.40
CA SER A 534 2.27 -8.98 1.26
C SER A 534 1.11 -8.05 0.93
N GLN A 535 1.07 -6.88 1.57
CA GLN A 535 0.01 -5.91 1.28
C GLN A 535 0.05 -5.47 -0.17
N VAL A 536 1.24 -5.16 -0.68
CA VAL A 536 1.37 -4.73 -2.07
C VAL A 536 0.98 -5.85 -3.01
N ALA A 537 1.42 -7.07 -2.71
CA ALA A 537 1.09 -8.21 -3.57
C ALA A 537 -0.41 -8.42 -3.65
N ILE A 538 -1.09 -8.37 -2.50
CA ILE A 538 -2.54 -8.56 -2.50
C ILE A 538 -3.24 -7.42 -3.22
N ASP A 539 -2.78 -6.19 -3.02
CA ASP A 539 -3.41 -5.05 -3.68
C ASP A 539 -3.31 -5.16 -5.19
N MET A 540 -2.13 -5.53 -5.71
CA MET A 540 -1.97 -5.58 -7.15
C MET A 540 -2.49 -6.90 -7.74
N LEU A 541 -2.72 -7.91 -6.90
CA LEU A 541 -3.50 -9.07 -7.33
C LEU A 541 -4.97 -8.71 -7.50
N GLY A 542 -5.52 -7.94 -6.56
CA GLY A 542 -6.89 -7.50 -6.68
C GLY A 542 -7.09 -6.47 -7.78
N ARG A 543 -6.04 -5.75 -8.16
CA ARG A 543 -6.15 -4.82 -9.28
C ARG A 543 -6.47 -5.54 -10.59
N ILE A 544 -5.83 -6.70 -10.83
CA ILE A 544 -6.02 -7.41 -12.08
C ILE A 544 -7.14 -8.44 -12.01
N GLU A 545 -7.84 -8.53 -10.88
CA GLU A 545 -8.97 -9.45 -10.70
C GLU A 545 -8.55 -10.91 -10.88
N ALA A 546 -7.65 -11.36 -10.00
CA ALA A 546 -7.24 -12.75 -9.91
C ALA A 546 -7.73 -13.28 -8.57
N HIS A 547 -8.98 -13.75 -8.55
CA HIS A 547 -9.64 -14.07 -7.30
C HIS A 547 -9.23 -15.42 -6.74
N GLU A 548 -8.92 -16.40 -7.60
CA GLU A 548 -8.60 -17.73 -7.12
C GLU A 548 -7.34 -17.72 -6.26
N ILE A 549 -6.33 -16.95 -6.66
CA ILE A 549 -5.10 -16.86 -5.88
C ILE A 549 -5.37 -16.20 -4.53
N ILE A 550 -6.21 -15.16 -4.51
CA ILE A 550 -6.54 -14.50 -3.25
C ILE A 550 -7.26 -15.47 -2.32
N ILE A 551 -8.20 -16.26 -2.86
CA ILE A 551 -8.92 -17.23 -2.05
C ILE A 551 -7.97 -18.27 -1.50
N GLU A 552 -7.06 -18.78 -2.34
CA GLU A 552 -6.12 -19.78 -1.88
C GLU A 552 -5.21 -19.23 -0.78
N VAL A 553 -4.74 -17.98 -0.95
CA VAL A 553 -3.88 -17.37 0.06
C VAL A 553 -4.64 -17.18 1.37
N MET A 554 -5.87 -16.68 1.28
CA MET A 554 -6.65 -16.43 2.50
C MET A 554 -6.95 -17.72 3.24
N LEU A 555 -7.26 -18.79 2.49
CA LEU A 555 -7.42 -20.09 3.12
C LEU A 555 -6.09 -20.62 3.67
N GLY A 556 -4.96 -20.19 3.10
CA GLY A 556 -3.67 -20.61 3.63
C GLY A 556 -3.39 -20.06 5.02
N GLN A 557 -3.73 -18.79 5.25
CA GLN A 557 -3.55 -18.20 6.57
C GLN A 557 -4.49 -18.78 7.61
N GLY A 558 -5.68 -19.22 7.20
CA GLY A 558 -6.65 -19.76 8.12
C GLY A 558 -7.81 -18.82 8.38
N LYS A 559 -8.27 -18.12 7.34
CA LYS A 559 -9.42 -17.24 7.42
C LYS A 559 -10.52 -17.83 6.53
N VAL A 560 -11.28 -18.77 7.10
CA VAL A 560 -12.25 -19.51 6.29
C VAL A 560 -13.46 -18.63 5.96
N ILE A 561 -13.93 -17.84 6.92
CA ILE A 561 -15.16 -17.07 6.70
C ILE A 561 -14.95 -16.01 5.63
N ASP A 562 -13.82 -15.31 5.67
CA ASP A 562 -13.57 -14.28 4.66
C ASP A 562 -13.41 -14.90 3.27
N ALA A 563 -12.70 -16.03 3.18
CA ALA A 563 -12.56 -16.71 1.91
C ALA A 563 -13.91 -17.16 1.37
N LEU A 564 -14.77 -17.69 2.25
CA LEU A 564 -16.10 -18.11 1.82
C LEU A 564 -16.93 -16.92 1.36
N ARG A 565 -16.82 -15.79 2.05
CA ARG A 565 -17.54 -14.59 1.64
C ARG A 565 -17.10 -14.14 0.26
N LEU A 566 -15.79 -14.16 0.00
CA LEU A 566 -15.29 -13.79 -1.33
C LEU A 566 -15.75 -14.78 -2.38
N ALA A 567 -15.71 -16.09 -2.07
CA ALA A 567 -16.06 -17.11 -3.04
C ALA A 567 -17.53 -17.03 -3.44
N LYS A 568 -18.42 -16.79 -2.47
CA LYS A 568 -19.84 -16.74 -2.81
C LYS A 568 -20.20 -15.54 -3.66
N ASN A 569 -19.34 -14.54 -3.75
CA ASN A 569 -19.53 -13.43 -4.68
C ASN A 569 -18.81 -13.63 -6.00
N SER A 570 -17.65 -14.28 -6.00
CA SER A 570 -16.93 -14.55 -7.24
C SER A 570 -17.56 -15.72 -7.99
N MET A 571 -17.71 -16.86 -7.32
CA MET A 571 -18.24 -18.05 -7.96
C MET A 571 -19.75 -17.93 -8.19
N GLY A 572 -20.52 -17.75 -7.12
CA GLY A 572 -21.93 -17.44 -7.27
C GLY A 572 -22.91 -18.37 -6.59
N LEU A 573 -22.47 -19.07 -5.54
CA LEU A 573 -23.32 -19.84 -4.63
C LEU A 573 -23.87 -21.12 -5.25
N GLU A 574 -23.68 -21.32 -6.55
CA GLU A 574 -23.99 -22.60 -7.17
C GLU A 574 -22.75 -23.36 -7.59
N LYS A 575 -21.56 -22.82 -7.31
CA LYS A 575 -20.32 -23.44 -7.74
C LYS A 575 -19.29 -23.58 -6.63
N VAL A 576 -19.60 -23.12 -5.41
CA VAL A 576 -18.64 -23.22 -4.31
C VAL A 576 -18.44 -24.69 -3.94
N PRO A 577 -17.21 -25.14 -3.73
CA PRO A 577 -16.98 -26.53 -3.34
C PRO A 577 -17.22 -26.74 -1.85
N ALA A 578 -18.24 -27.53 -1.52
CA ALA A 578 -18.53 -27.81 -0.11
C ALA A 578 -17.41 -28.62 0.53
N ARG A 579 -16.84 -29.56 -0.21
CA ARG A 579 -15.82 -30.44 0.36
C ARG A 579 -14.60 -29.65 0.84
N LYS A 580 -14.08 -28.76 -0.01
CA LYS A 580 -12.87 -28.04 0.33
C LYS A 580 -13.08 -27.15 1.55
N PHE A 581 -14.18 -26.39 1.56
CA PHE A 581 -14.43 -25.48 2.68
C PHE A 581 -14.71 -26.24 3.97
N LEU A 582 -15.44 -27.35 3.87
CA LEU A 582 -15.70 -28.14 5.08
C LEU A 582 -14.41 -28.71 5.64
N GLU A 583 -13.53 -29.23 4.78
CA GLU A 583 -12.25 -29.74 5.27
C GLU A 583 -11.40 -28.63 5.87
N ALA A 584 -11.35 -27.47 5.21
CA ALA A 584 -10.54 -26.36 5.73
C ALA A 584 -11.05 -25.88 7.07
N ALA A 585 -12.37 -25.80 7.23
CA ALA A 585 -12.94 -25.40 8.52
C ALA A 585 -12.78 -26.49 9.58
N HIS A 586 -12.71 -27.75 9.16
CA HIS A 586 -12.52 -28.83 10.11
C HIS A 586 -11.08 -28.90 10.61
N LYS A 587 -10.11 -28.51 9.79
CA LYS A 587 -8.72 -28.55 10.24
C LYS A 587 -8.45 -27.54 11.37
N THR A 588 -9.15 -26.40 11.36
CA THR A 588 -8.87 -25.36 12.34
C THR A 588 -9.24 -25.80 13.75
N LYS A 589 -10.20 -26.72 13.88
CA LYS A 589 -10.65 -27.22 15.18
C LYS A 589 -11.17 -26.08 16.06
N ASP A 590 -12.23 -25.41 15.63
CA ASP A 590 -12.79 -24.28 16.37
C ASP A 590 -14.23 -24.48 16.81
N ASP A 591 -15.00 -25.34 16.14
CA ASP A 591 -16.35 -25.72 16.55
C ASP A 591 -17.35 -24.58 16.40
N LEU A 592 -16.89 -23.41 15.99
CA LEU A 592 -17.77 -22.31 15.63
C LEU A 592 -17.74 -22.01 14.14
N ILE A 593 -16.54 -21.94 13.56
CA ILE A 593 -16.42 -21.82 12.11
C ILE A 593 -17.02 -23.04 11.43
N PHE A 594 -16.81 -24.23 12.02
CA PHE A 594 -17.39 -25.44 11.47
C PHE A 594 -18.91 -25.36 11.45
N HIS A 595 -19.50 -24.91 12.56
CA HIS A 595 -20.96 -24.80 12.61
C HIS A 595 -21.47 -23.77 11.61
N SER A 596 -20.80 -22.62 11.51
CA SER A 596 -21.27 -21.59 10.59
C SER A 596 -21.19 -22.06 9.14
N VAL A 597 -20.09 -22.73 8.78
CA VAL A 597 -19.96 -23.24 7.41
C VAL A 597 -21.00 -24.31 7.13
N TYR A 598 -21.20 -25.23 8.07
CA TYR A 598 -22.19 -26.28 7.89
C TYR A 598 -23.59 -25.70 7.74
N ARG A 599 -23.92 -24.68 8.55
CA ARG A 599 -25.23 -24.06 8.44
C ARG A 599 -25.39 -23.32 7.13
N PHE A 600 -24.33 -22.68 6.65
CA PHE A 600 -24.41 -22.00 5.35
C PHE A 600 -24.69 -22.99 4.23
N PHE A 601 -24.03 -24.14 4.27
CA PHE A 601 -24.29 -25.14 3.23
C PHE A 601 -25.65 -25.79 3.39
N GLN A 602 -26.14 -25.94 4.63
CA GLN A 602 -27.50 -26.42 4.84
C GLN A 602 -28.52 -25.46 4.22
N MET A 603 -28.33 -24.17 4.41
CA MET A 603 -29.27 -23.21 3.82
C MET A 603 -29.11 -23.13 2.31
N ARG A 604 -27.91 -23.36 1.78
CA ARG A 604 -27.76 -23.48 0.33
C ARG A 604 -28.57 -24.66 -0.19
N ASN A 605 -28.51 -25.80 0.51
CA ASN A 605 -29.31 -26.95 0.12
C ASN A 605 -30.80 -26.64 0.22
N LEU A 606 -31.20 -25.89 1.24
CA LEU A 606 -32.61 -25.50 1.35
C LEU A 606 -33.05 -24.62 0.18
N LYS A 607 -32.20 -23.66 -0.20
CA LYS A 607 -32.56 -22.76 -1.30
C LYS A 607 -32.60 -23.49 -2.63
N LEU A 608 -31.70 -24.46 -2.84
CA LEU A 608 -31.63 -25.15 -4.13
C LEU A 608 -32.66 -26.26 -4.24
N TYR A 609 -32.70 -27.15 -3.25
CA TYR A 609 -33.41 -28.43 -3.35
C TYR A 609 -34.60 -28.53 -2.41
N GLU A 610 -34.93 -27.45 -1.70
CA GLU A 610 -36.08 -27.41 -0.78
C GLU A 610 -35.99 -28.53 0.26
N THR A 611 -34.79 -28.73 0.79
CA THR A 611 -34.56 -29.73 1.82
C THR A 611 -33.29 -29.36 2.58
N LEU A 612 -33.08 -30.02 3.73
CA LEU A 612 -31.92 -29.73 4.57
C LEU A 612 -30.93 -30.87 4.58
N SER A 613 -30.96 -31.74 3.57
CA SER A 613 -30.07 -32.89 3.49
C SER A 613 -28.99 -32.66 2.47
N PHE A 614 -27.91 -33.44 2.56
CA PHE A 614 -26.77 -33.30 1.69
C PHE A 614 -26.91 -34.25 0.52
N PRO A 615 -26.92 -33.76 -0.72
CA PRO A 615 -27.10 -34.66 -1.87
C PRO A 615 -25.97 -35.66 -1.97
N LYS A 616 -26.28 -36.85 -2.50
CA LYS A 616 -25.30 -37.91 -2.61
C LYS A 616 -24.15 -37.55 -3.56
N ALA A 617 -24.34 -36.55 -4.42
CA ALA A 617 -23.27 -36.14 -5.32
C ALA A 617 -22.09 -35.55 -4.57
N GLU A 618 -22.34 -34.85 -3.47
CA GLU A 618 -21.25 -34.22 -2.72
C GLU A 618 -20.33 -35.27 -2.09
N GLN A 619 -20.90 -36.38 -1.61
CA GLN A 619 -20.16 -37.46 -0.98
C GLN A 619 -19.40 -36.96 0.26
N CYS A 620 -20.17 -36.44 1.22
CA CYS A 620 -19.63 -35.87 2.45
C CYS A 620 -20.41 -36.37 3.65
N THR A 621 -20.62 -37.68 3.72
CA THR A 621 -21.30 -38.26 4.89
C THR A 621 -20.40 -38.26 6.12
N GLU A 622 -19.08 -38.25 5.93
CA GLU A 622 -18.17 -38.20 7.07
C GLU A 622 -18.36 -36.91 7.86
N PHE A 623 -18.50 -35.78 7.17
CA PHE A 623 -18.72 -34.53 7.87
C PHE A 623 -20.08 -34.49 8.56
N ILE A 624 -21.08 -35.12 7.96
CA ILE A 624 -22.40 -35.19 8.61
C ILE A 624 -22.30 -35.99 9.90
N GLN A 625 -21.62 -37.13 9.87
CA GLN A 625 -21.44 -37.92 11.09
C GLN A 625 -20.66 -37.13 12.13
N HIS A 626 -19.61 -36.43 11.70
CA HIS A 626 -18.81 -35.64 12.64
C HIS A 626 -19.64 -34.55 13.29
N TYR A 627 -20.47 -33.86 12.51
CA TYR A 627 -21.31 -32.81 13.07
C TYR A 627 -22.37 -33.38 14.00
N ASN A 628 -22.98 -34.50 13.63
CA ASN A 628 -24.00 -35.08 14.49
C ASN A 628 -23.42 -35.54 15.81
N ASN A 629 -22.21 -36.11 15.79
CA ASN A 629 -21.57 -36.51 17.05
C ASN A 629 -21.09 -35.30 17.85
N THR A 630 -20.62 -34.24 17.18
CA THR A 630 -20.06 -33.09 17.88
C THR A 630 -21.15 -32.29 18.58
N PHE A 631 -22.26 -32.01 17.89
CA PHE A 631 -23.35 -31.21 18.43
C PHE A 631 -24.57 -32.11 18.61
N PRO A 632 -24.83 -32.61 19.82
CA PRO A 632 -25.96 -33.51 20.00
C PRO A 632 -27.28 -32.80 19.76
N ALA A 633 -28.25 -33.54 19.23
CA ALA A 633 -29.56 -32.98 18.92
C ALA A 633 -30.40 -32.80 20.18
N GLN B 6 -21.09 26.40 31.93
CA GLN B 6 -19.75 26.94 32.17
C GLN B 6 -18.72 25.83 32.09
N ARG B 7 -18.26 25.52 30.87
CA ARG B 7 -17.33 24.44 30.65
C ARG B 7 -15.91 24.86 31.04
N VAL B 8 -15.17 23.89 31.58
CA VAL B 8 -13.81 24.10 32.05
C VAL B 8 -12.80 23.35 31.18
N GLU B 9 -13.22 22.21 30.61
CA GLU B 9 -12.45 21.33 29.73
C GLU B 9 -11.10 20.90 30.32
N ILE B 10 -10.43 19.99 29.62
CA ILE B 10 -9.24 19.35 30.17
C ILE B 10 -8.08 20.33 30.22
N THR B 11 -7.33 20.30 31.32
CA THR B 11 -6.12 21.08 31.47
C THR B 11 -4.95 20.18 31.85
N LEU B 12 -3.80 20.76 32.18
CA LEU B 12 -2.66 19.99 32.64
C LEU B 12 -2.36 20.39 34.07
N ARG B 13 -2.24 19.41 34.96
CA ARG B 13 -2.03 19.70 36.37
C ARG B 13 -0.62 19.37 36.85
N SER B 14 -0.03 18.28 36.39
CA SER B 14 1.32 17.90 36.81
C SER B 14 1.92 16.95 35.80
N PHE B 15 3.24 16.77 35.91
CA PHE B 15 3.99 15.82 35.09
C PHE B 15 5.31 15.57 35.80
N TYR B 16 5.63 14.31 36.07
CA TYR B 16 6.87 14.04 36.78
C TYR B 16 7.40 12.66 36.40
N ILE B 17 8.70 12.48 36.64
CA ILE B 17 9.39 11.22 36.40
C ILE B 17 10.06 10.82 37.70
N PHE B 18 9.88 9.57 38.12
CA PHE B 18 10.47 9.10 39.36
C PHE B 18 11.03 7.70 39.15
N ASN B 19 11.98 7.34 40.01
CA ASN B 19 12.58 6.01 40.00
C ASN B 19 12.69 5.55 41.44
N SER B 20 11.92 4.51 41.80
CA SER B 20 11.85 4.08 43.19
C SER B 20 13.14 3.48 43.69
N THR B 21 14.04 3.06 42.81
CA THR B 21 15.30 2.46 43.25
C THR B 21 16.13 3.47 44.04
N PHE B 22 16.18 4.71 43.57
CA PHE B 22 16.95 5.75 44.26
C PHE B 22 16.26 6.12 45.57
N GLY B 23 17.08 6.54 46.54
CA GLY B 23 16.55 6.99 47.82
C GLY B 23 15.88 5.93 48.65
N GLN B 24 16.47 4.74 48.75
CA GLN B 24 15.95 3.70 49.63
C GLN B 24 16.33 3.90 51.09
N VAL B 25 17.30 4.76 51.37
CA VAL B 25 17.75 5.03 52.74
C VAL B 25 16.93 6.20 53.27
N GLU B 26 16.57 6.14 54.55
CA GLU B 26 15.74 7.17 55.15
C GLU B 26 16.44 8.53 55.09
N GLY B 27 15.64 9.58 54.89
CA GLY B 27 16.15 10.92 54.75
C GLY B 27 16.48 11.34 53.33
N GLU B 28 16.35 10.44 52.36
CA GLU B 28 16.62 10.73 50.96
C GLU B 28 15.35 10.61 50.13
N GLU B 29 14.22 11.04 50.71
CA GLU B 29 12.94 10.96 50.02
C GLU B 29 12.86 11.89 48.82
N HIS B 30 13.76 12.88 48.72
CA HIS B 30 13.76 13.81 47.60
C HIS B 30 14.56 13.29 46.42
N LYS B 31 15.25 12.16 46.57
CA LYS B 31 16.01 11.59 45.47
C LYS B 31 15.14 10.83 44.48
N LYS B 32 13.89 10.53 44.85
CA LYS B 32 13.01 9.81 43.93
C LYS B 32 12.75 10.62 42.67
N VAL B 33 12.45 11.91 42.83
CA VAL B 33 12.03 12.73 41.71
C VAL B 33 13.24 13.06 40.84
N LEU B 34 13.11 12.80 39.54
CA LEU B 34 14.09 13.24 38.55
C LEU B 34 13.61 14.46 37.79
N PHE B 35 12.34 14.81 37.89
CA PHE B 35 11.75 15.94 37.19
C PHE B 35 10.34 16.14 37.74
N TYR B 36 9.94 17.40 37.88
CA TYR B 36 8.60 17.72 38.36
C TYR B 36 8.15 19.02 37.71
N HIS B 37 6.87 19.06 37.32
CA HIS B 37 6.33 20.20 36.61
C HIS B 37 4.95 20.55 37.18
N PRO B 38 4.72 21.81 37.57
CA PRO B 38 5.66 22.93 37.56
C PRO B 38 6.66 22.87 38.71
N ASN B 39 7.79 23.55 38.57
CA ASN B 39 8.84 23.50 39.57
C ASN B 39 8.58 24.41 40.76
N ASP B 40 7.47 25.15 40.76
CA ASP B 40 7.16 26.08 41.83
C ASP B 40 6.55 25.39 43.06
N ILE B 41 6.21 24.10 42.95
CA ILE B 41 5.55 23.41 44.05
C ILE B 41 6.57 23.08 45.14
N GLU B 42 6.08 23.01 46.38
CA GLU B 42 6.95 22.66 47.50
C GLU B 42 7.39 21.21 47.41
N LEU B 43 8.55 20.92 48.01
CA LEU B 43 9.13 19.58 47.95
C LEU B 43 8.24 18.55 48.63
N ASN B 44 7.58 18.92 49.72
CA ASN B 44 6.73 17.98 50.44
C ASN B 44 5.60 17.47 49.56
N THR B 45 4.99 18.36 48.76
CA THR B 45 3.93 17.93 47.86
C THR B 45 4.46 16.99 46.79
N LYS B 46 5.67 17.24 46.29
CA LYS B 46 6.27 16.34 45.32
C LYS B 46 6.45 14.95 45.90
N ILE B 47 6.98 14.88 47.13
CA ILE B 47 7.19 13.60 47.77
C ILE B 47 5.86 12.90 48.01
N LYS B 48 4.83 13.66 48.39
CA LYS B 48 3.52 13.07 48.63
C LYS B 48 2.92 12.48 47.34
N ASP B 49 3.04 13.21 46.23
CA ASP B 49 2.51 12.70 44.97
C ASP B 49 3.25 11.44 44.52
N VAL B 50 4.58 11.43 44.65
CA VAL B 50 5.33 10.24 44.27
C VAL B 50 4.96 9.07 45.16
N GLY B 51 4.73 9.33 46.46
CA GLY B 51 4.30 8.28 47.35
C GLY B 51 2.95 7.70 46.97
N LEU B 52 2.00 8.57 46.58
CA LEU B 52 0.71 8.08 46.14
C LEU B 52 0.82 7.21 44.90
N SER B 53 1.62 7.64 43.92
CA SER B 53 1.81 6.84 42.70
C SER B 53 2.42 5.49 43.02
N GLU B 54 3.44 5.46 43.87
CA GLU B 54 4.07 4.20 44.24
C GLU B 54 3.11 3.30 45.00
N ALA B 55 2.27 3.89 45.86
CA ALA B 55 1.29 3.09 46.60
C ALA B 55 0.30 2.44 45.64
N ILE B 56 -0.18 3.18 44.64
CA ILE B 56 -1.11 2.60 43.69
C ILE B 56 -0.46 1.48 42.90
N ILE B 57 0.78 1.69 42.46
CA ILE B 57 1.48 0.66 41.68
C ILE B 57 1.67 -0.60 42.51
N ARG B 58 2.09 -0.45 43.77
CA ARG B 58 2.31 -1.63 44.60
C ARG B 58 1.00 -2.30 45.02
N PHE B 59 -0.10 -1.56 45.05
CA PHE B 59 -1.40 -2.18 45.29
C PHE B 59 -1.84 -3.00 44.09
N THR B 60 -1.63 -2.48 42.89
CA THR B 60 -1.94 -3.26 41.68
C THR B 60 -1.07 -4.50 41.60
N GLY B 61 0.20 -4.38 41.98
CA GLY B 61 1.13 -5.49 41.82
C GLY B 61 0.91 -6.70 42.70
N THR B 62 -0.23 -6.78 43.38
CA THR B 62 -0.55 -7.96 44.18
C THR B 62 -1.48 -8.94 43.47
N PHE B 63 -2.12 -8.52 42.39
CA PHE B 63 -2.97 -9.41 41.61
C PHE B 63 -2.34 -9.84 40.30
N THR B 64 -1.59 -8.96 39.64
CA THR B 64 -0.98 -9.25 38.35
C THR B 64 0.46 -8.74 38.38
N SER B 65 1.08 -8.69 37.20
CA SER B 65 2.44 -8.18 37.12
C SER B 65 2.48 -6.69 37.47
N GLU B 66 3.63 -6.25 38.01
CA GLU B 66 3.76 -4.86 38.43
C GLU B 66 3.70 -3.89 37.28
N ASP B 67 4.18 -4.29 36.11
CA ASP B 67 4.20 -3.40 34.95
C ASP B 67 2.91 -3.40 34.18
N ASP B 68 1.80 -3.59 34.86
CA ASP B 68 0.49 -3.56 34.23
C ASP B 68 -0.34 -2.35 34.61
N CYS B 69 0.06 -1.59 35.63
CA CYS B 69 -0.72 -0.44 36.06
C CYS B 69 -0.77 0.59 34.94
N GLN B 70 -1.96 1.16 34.72
CA GLN B 70 -2.17 2.05 33.59
C GLN B 70 -2.92 3.33 33.90
N ALA B 71 -3.73 3.40 34.95
CA ALA B 71 -4.54 4.60 35.15
C ALA B 71 -5.05 4.67 36.57
N LEU B 72 -5.59 5.84 36.90
CA LEU B 72 -6.32 6.11 38.13
C LEU B 72 -7.39 7.14 37.80
N HIS B 73 -8.60 6.95 38.32
CA HIS B 73 -9.69 7.89 38.10
C HIS B 73 -10.24 8.32 39.45
N THR B 74 -9.78 9.48 39.94
CA THR B 74 -10.38 10.08 41.11
C THR B 74 -11.63 10.85 40.67
N GLN B 75 -12.24 11.60 41.59
CA GLN B 75 -13.46 12.32 41.24
C GLN B 75 -13.20 13.44 40.26
N LYS B 76 -12.05 14.12 40.36
CA LYS B 76 -11.79 15.27 39.52
C LYS B 76 -10.42 15.28 38.85
N THR B 77 -9.55 14.31 39.13
CA THR B 77 -8.26 14.19 38.47
C THR B 77 -8.03 12.77 38.00
N THR B 78 -7.40 12.62 36.84
CA THR B 78 -7.10 11.31 36.28
C THR B 78 -5.60 11.23 35.98
N GLN B 79 -4.96 10.17 36.43
CA GLN B 79 -3.52 9.98 36.27
C GLN B 79 -3.26 8.85 35.29
N LEU B 80 -2.17 8.96 34.53
CA LEU B 80 -1.78 7.94 33.57
C LEU B 80 -0.33 7.54 33.81
N PHE B 81 -0.07 6.25 33.89
CA PHE B 81 1.26 5.73 34.15
C PHE B 81 1.84 5.12 32.88
N TYR B 82 3.18 5.03 32.85
CA TYR B 82 3.89 4.49 31.69
C TYR B 82 5.34 4.18 32.06
N GLN B 83 5.79 2.98 31.74
CA GLN B 83 7.16 2.55 32.06
C GLN B 83 7.93 2.24 30.79
N PRO B 84 8.76 3.17 30.30
CA PRO B 84 9.53 2.88 29.09
C PRO B 84 10.68 1.90 29.34
N GLU B 85 11.38 2.04 30.44
CA GLU B 85 12.47 1.15 30.80
C GLU B 85 12.31 0.70 32.26
N PRO B 86 12.83 -0.49 32.61
CA PRO B 86 12.58 -1.03 33.95
C PRO B 86 13.04 -0.12 35.08
N GLY B 87 12.08 0.37 35.86
CA GLY B 87 12.39 1.23 36.99
C GLY B 87 11.89 2.65 36.85
N TYR B 88 11.86 3.18 35.64
CA TYR B 88 11.50 4.56 35.38
C TYR B 88 10.03 4.66 34.99
N TRP B 89 9.31 5.58 35.63
CA TRP B 89 7.89 5.76 35.40
C TRP B 89 7.60 7.20 35.02
N LEU B 90 6.70 7.39 34.06
CA LEU B 90 6.20 8.70 33.70
C LEU B 90 4.73 8.80 34.11
N VAL B 91 4.35 9.95 34.66
CA VAL B 91 2.99 10.17 35.13
C VAL B 91 2.48 11.50 34.59
N LEU B 92 1.23 11.51 34.12
CA LEU B 92 0.62 12.68 33.50
C LEU B 92 -0.72 12.96 34.21
N VAL B 93 -0.69 13.82 35.22
CA VAL B 93 -1.91 14.17 35.93
C VAL B 93 -2.74 15.13 35.08
N LEU B 94 -4.04 14.86 34.99
CA LEU B 94 -4.95 15.67 34.18
C LEU B 94 -6.05 16.24 35.08
N ASN B 95 -6.86 17.12 34.50
CA ASN B 95 -7.98 17.72 35.20
C ASN B 95 -9.28 17.41 34.46
N VAL B 96 -10.26 16.93 35.22
CA VAL B 96 -11.58 16.56 34.69
C VAL B 96 -12.36 17.81 34.33
N PRO B 97 -13.08 17.82 33.21
CA PRO B 97 -13.93 18.97 32.90
C PRO B 97 -15.05 19.15 33.93
N LYS B 98 -15.45 20.40 34.13
CA LYS B 98 -16.51 20.74 35.07
C LYS B 98 -17.69 21.33 34.32
N GLU B 99 -18.88 21.13 34.88
CA GLU B 99 -20.10 21.74 34.39
C GLU B 99 -20.83 22.37 35.57
N VAL B 100 -21.24 23.63 35.42
CA VAL B 100 -21.89 24.37 36.49
C VAL B 100 -23.32 24.66 36.07
N ARG B 101 -24.28 24.32 36.92
CA ARG B 101 -25.68 24.56 36.62
C ARG B 101 -26.37 25.32 37.75
N VAL B 108 -23.61 24.11 41.84
CA VAL B 108 -23.06 22.78 42.05
C VAL B 108 -22.14 22.41 40.89
N ALA B 109 -21.15 21.57 41.17
CA ALA B 109 -20.18 21.15 40.18
C ALA B 109 -20.58 19.78 39.61
N ASP B 110 -20.60 19.69 38.29
CA ASP B 110 -20.96 18.46 37.59
C ASP B 110 -19.72 17.96 36.83
N TYR B 111 -18.90 17.17 37.52
CA TYR B 111 -17.72 16.61 36.88
C TYR B 111 -18.13 15.58 35.85
N ARG B 112 -17.44 15.60 34.71
CA ARG B 112 -17.75 14.72 33.58
C ARG B 112 -16.50 13.98 33.13
N GLY B 113 -15.83 13.34 34.09
CA GLY B 113 -14.63 12.58 33.80
C GLY B 113 -14.84 11.36 32.94
N ALA B 114 -16.06 11.18 32.43
CA ALA B 114 -16.38 10.10 31.52
C ALA B 114 -16.18 10.50 30.06
N GLU B 115 -15.68 11.70 29.80
CA GLU B 115 -15.45 12.20 28.44
C GLU B 115 -13.97 12.20 28.09
N ILE B 116 -13.19 11.32 28.72
CA ILE B 116 -11.74 11.25 28.51
C ILE B 116 -11.39 9.84 28.06
N SER B 117 -10.68 9.75 26.94
CA SER B 117 -10.22 8.48 26.41
C SER B 117 -8.74 8.31 26.75
N ASP B 118 -8.41 7.23 27.45
CA ASP B 118 -7.05 7.04 27.94
C ASP B 118 -6.05 6.78 26.81
N ARG B 119 -6.51 6.25 25.68
CA ARG B 119 -5.58 5.87 24.62
C ARG B 119 -4.87 7.08 24.04
N ILE B 120 -5.58 8.18 23.86
CA ILE B 120 -4.98 9.37 23.25
C ILE B 120 -3.85 9.91 24.12
N TYR B 121 -4.13 10.10 25.41
CA TYR B 121 -3.13 10.68 26.29
C TYR B 121 -2.01 9.70 26.62
N ARG B 122 -2.29 8.40 26.62
CA ARG B 122 -1.21 7.45 26.78
C ARG B 122 -0.31 7.42 25.55
N ALA B 123 -0.89 7.62 24.37
CA ALA B 123 -0.08 7.80 23.17
C ALA B 123 0.77 9.06 23.25
N ILE B 124 0.22 10.13 23.81
CA ILE B 124 1.01 11.36 24.00
C ILE B 124 2.18 11.10 24.94
N LEU B 125 1.93 10.36 26.03
CA LEU B 125 3.01 9.97 26.93
C LEU B 125 4.07 9.15 26.21
N ARG B 126 3.65 8.27 25.30
CA ARG B 126 4.61 7.52 24.50
C ARG B 126 5.45 8.44 23.62
N GLN B 127 4.81 9.43 22.98
CA GLN B 127 5.51 10.30 22.05
C GLN B 127 6.53 11.17 22.77
N CYS B 128 6.22 11.59 24.00
CA CYS B 128 7.19 12.38 24.77
C CYS B 128 8.51 11.63 24.94
N TYR B 129 8.44 10.39 25.43
CA TYR B 129 9.64 9.60 25.61
C TYR B 129 10.31 9.29 24.28
N GLN B 130 9.52 9.09 23.22
CA GLN B 130 10.13 8.82 21.92
C GLN B 130 10.98 10.01 21.45
N MET B 131 10.46 11.22 21.61
CA MET B 131 11.23 12.40 21.21
C MET B 131 12.49 12.57 22.07
N PHE B 132 12.35 12.36 23.39
CA PHE B 132 13.53 12.46 24.24
C PHE B 132 14.59 11.44 23.82
N ARG B 133 14.17 10.21 23.53
CA ARG B 133 15.12 9.19 23.08
C ARG B 133 15.75 9.59 21.77
N PHE B 134 14.96 10.15 20.85
CA PHE B 134 15.51 10.56 19.56
C PHE B 134 16.65 11.54 19.73
N GLN B 135 16.44 12.56 20.57
CA GLN B 135 17.49 13.59 20.68
C GLN B 135 18.63 13.18 21.60
N ASN B 136 18.31 12.67 22.80
CA ASN B 136 19.32 12.48 23.84
C ASN B 136 19.69 11.03 24.09
N GLY B 137 18.83 10.07 23.75
CA GLY B 137 19.12 8.67 23.96
C GLY B 137 18.28 8.05 25.06
N CYS B 138 18.77 6.94 25.59
CA CYS B 138 18.05 6.21 26.61
C CYS B 138 18.25 6.85 27.98
N PHE B 139 17.38 6.48 28.92
CA PHE B 139 17.50 6.97 30.29
C PHE B 139 18.77 6.44 30.96
N SER B 140 19.11 5.18 30.70
CA SER B 140 20.31 4.60 31.27
C SER B 140 21.51 4.83 30.36
N ASN B 148 27.17 10.71 41.10
CA ASN B 148 26.40 9.66 40.47
C ASN B 148 25.87 10.11 39.12
N PRO B 149 25.63 9.15 38.21
CA PRO B 149 25.00 9.51 36.93
C PRO B 149 23.60 10.06 37.05
N ASP B 150 22.91 9.83 38.18
CA ASP B 150 21.57 10.39 38.32
C ASP B 150 21.61 11.91 38.38
N LYS B 151 22.69 12.48 38.92
CA LYS B 151 22.84 13.93 38.93
C LYS B 151 23.02 14.49 37.53
N ARG B 152 23.71 13.78 36.64
CA ARG B 152 23.79 14.20 35.25
C ARG B 152 22.44 14.03 34.56
N ARG B 153 21.75 12.94 34.86
CA ARG B 153 20.47 12.67 34.22
C ARG B 153 19.42 13.71 34.60
N GLU B 154 19.42 14.12 35.87
CA GLU B 154 18.42 15.07 36.36
C GLU B 154 18.57 16.43 35.71
N LEU B 155 19.80 16.80 35.35
CA LEU B 155 20.06 18.05 34.65
C LEU B 155 19.92 17.92 33.15
N LEU B 156 20.08 16.72 32.60
CA LEU B 156 19.81 16.51 31.18
C LEU B 156 18.32 16.34 30.90
N CYS B 157 17.50 16.07 31.93
CA CYS B 157 16.06 15.95 31.77
C CYS B 157 15.34 17.29 31.78
N GLN B 158 16.05 18.40 31.93
CA GLN B 158 15.40 19.70 31.79
C GLN B 158 15.28 20.08 30.32
N LYS B 159 15.38 19.07 29.45
CA LYS B 159 14.90 19.17 28.07
C LYS B 159 13.38 19.15 28.00
N LEU B 160 12.72 18.47 28.94
CA LEU B 160 11.27 18.38 29.01
C LEU B 160 10.64 19.60 29.64
N LEU B 161 11.38 20.71 29.68
CA LEU B 161 10.85 22.00 30.12
C LEU B 161 10.33 22.84 28.97
N GLN B 162 11.06 22.90 27.85
CA GLN B 162 10.56 23.61 26.69
C GLN B 162 9.59 22.74 25.90
N PHE B 163 9.72 21.41 26.01
CA PHE B 163 8.83 20.51 25.29
C PHE B 163 7.39 20.67 25.74
N TYR B 164 7.17 20.86 27.03
CA TYR B 164 5.84 21.11 27.57
C TYR B 164 5.50 22.60 27.62
N ASP B 165 6.39 23.46 27.14
CA ASP B 165 6.08 24.86 26.92
C ASP B 165 5.69 25.15 25.48
N GLN B 166 6.10 24.31 24.54
CA GLN B 166 5.78 24.49 23.14
C GLN B 166 4.72 23.49 22.68
N ASP B 173 -2.42 21.68 22.36
CA ASP B 173 -3.40 21.90 23.41
C ASP B 173 -4.01 20.58 23.86
N PRO B 174 -4.11 20.36 25.17
CA PRO B 174 -4.66 19.09 25.67
C PRO B 174 -6.08 18.82 25.23
N ALA B 175 -6.93 19.85 25.11
CA ALA B 175 -8.32 19.63 24.73
C ALA B 175 -8.45 19.22 23.28
N GLN B 176 -7.62 19.78 22.41
CA GLN B 176 -7.69 19.50 20.97
C GLN B 176 -6.84 18.26 20.66
N CYS B 177 -7.45 17.09 20.77
CA CYS B 177 -6.80 15.84 20.41
C CYS B 177 -7.83 14.94 19.74
N ASP B 178 -7.39 14.17 18.75
CA ASP B 178 -8.30 13.34 17.97
C ASP B 178 -7.57 12.06 17.57
N ILE B 179 -8.17 11.31 16.65
CA ILE B 179 -7.63 10.01 16.26
C ILE B 179 -6.30 10.14 15.52
N ILE B 180 -6.12 11.23 14.78
CA ILE B 180 -4.87 11.42 14.05
C ILE B 180 -3.69 11.53 15.01
N ASP B 181 -3.86 12.30 16.08
CA ASP B 181 -2.83 12.38 17.10
C ASP B 181 -2.68 11.07 17.88
N MET B 182 -3.71 10.22 17.87
CA MET B 182 -3.62 8.92 18.52
C MET B 182 -2.80 7.93 17.68
N LEU B 183 -2.89 8.04 16.35
CA LEU B 183 -2.24 7.08 15.47
C LEU B 183 -0.97 7.61 14.82
N HIS B 184 -0.66 8.90 14.95
CA HIS B 184 0.59 9.49 14.46
C HIS B 184 0.73 9.33 12.94
N SER B 185 -0.18 9.97 12.22
CA SER B 185 -0.20 9.91 10.77
C SER B 185 0.14 11.27 10.16
N ILE B 186 0.64 11.23 8.92
CA ILE B 186 1.03 12.42 8.16
C ILE B 186 0.30 12.37 6.83
N GLN B 187 -0.12 13.54 6.34
CA GLN B 187 -0.91 13.57 5.13
C GLN B 187 -0.09 13.12 3.92
N TYR B 188 -0.79 12.83 2.83
CA TYR B 188 -0.21 12.25 1.63
C TYR B 188 -0.01 13.31 0.56
N LEU B 189 1.16 13.29 -0.08
CA LEU B 189 1.48 14.25 -1.13
C LEU B 189 1.36 13.58 -2.49
N PRO B 190 0.38 13.93 -3.31
CA PRO B 190 0.27 13.34 -4.65
C PRO B 190 1.13 14.11 -5.65
N LEU B 191 1.92 13.37 -6.42
CA LEU B 191 2.77 13.93 -7.47
C LEU B 191 2.64 13.10 -8.73
N ASP B 192 2.86 13.74 -9.87
CA ASP B 192 2.92 13.00 -11.12
C ASP B 192 4.24 12.25 -11.23
N LYS B 193 4.30 11.31 -12.17
CA LYS B 193 5.41 10.37 -12.19
C LYS B 193 6.74 11.06 -12.48
N THR B 194 6.76 12.00 -13.44
CA THR B 194 8.02 12.58 -13.86
C THR B 194 8.69 13.34 -12.73
N LEU B 195 7.93 14.15 -12.00
CA LEU B 195 8.49 14.89 -10.87
C LEU B 195 8.99 13.95 -9.78
N PHE B 196 8.27 12.87 -9.53
CA PHE B 196 8.73 11.92 -8.51
C PHE B 196 10.03 11.25 -8.92
N LEU B 197 10.15 10.87 -10.20
CA LEU B 197 11.41 10.29 -10.67
C LEU B 197 12.55 11.28 -10.57
N ARG B 198 12.28 12.56 -10.88
CA ARG B 198 13.31 13.58 -10.74
C ARG B 198 13.72 13.76 -9.28
N ALA B 199 12.75 13.74 -8.36
CA ALA B 199 13.06 13.96 -6.95
C ALA B 199 13.81 12.79 -6.35
N GLN B 200 13.42 11.56 -6.70
CA GLN B 200 14.10 10.38 -6.20
C GLN B 200 15.52 10.27 -6.76
N ASN B 201 15.84 11.02 -7.81
CA ASN B 201 17.17 10.98 -8.40
C ASN B 201 18.24 11.49 -7.43
N PHE B 202 17.86 12.23 -6.40
CA PHE B 202 18.80 12.75 -5.41
C PHE B 202 19.23 11.63 -4.46
N GLY B 203 19.82 10.60 -5.05
CA GLY B 203 20.36 9.48 -4.29
C GLY B 203 21.77 9.18 -4.72
N THR B 204 22.29 10.00 -5.63
CA THR B 204 23.67 9.91 -6.07
C THR B 204 24.62 10.66 -5.13
N LEU B 205 24.09 11.36 -4.13
CA LEU B 205 24.94 12.02 -3.15
C LEU B 205 25.72 11.00 -2.32
N CYS B 206 25.11 9.86 -2.03
CA CYS B 206 25.79 8.80 -1.29
C CYS B 206 26.91 8.16 -2.10
N GLU B 207 26.99 8.44 -3.40
CA GLU B 207 28.06 7.92 -4.26
C GLU B 207 29.11 8.98 -4.58
N THR B 208 28.68 10.20 -4.92
CA THR B 208 29.65 11.28 -5.15
C THR B 208 30.35 11.66 -3.85
N PHE B 209 29.60 11.72 -2.75
CA PHE B 209 30.18 11.94 -1.43
C PHE B 209 30.03 10.66 -0.61
N PRO B 210 31.11 9.92 -0.37
CA PRO B 210 30.99 8.64 0.34
C PRO B 210 30.59 8.78 1.79
N ASP B 211 30.72 9.97 2.38
CA ASP B 211 30.48 10.14 3.80
C ASP B 211 29.01 10.07 4.18
N ILE B 212 28.11 10.51 3.31
CA ILE B 212 26.68 10.59 3.64
C ILE B 212 26.10 9.19 3.66
N LYS B 213 25.42 8.85 4.75
CA LYS B 213 24.83 7.54 4.92
C LYS B 213 23.35 7.47 4.52
N GLU B 214 22.66 8.61 4.46
CA GLU B 214 21.21 8.60 4.30
C GLU B 214 20.75 10.00 3.99
N SER B 215 19.65 10.10 3.24
CA SER B 215 19.05 11.40 2.94
C SER B 215 17.55 11.25 2.88
N ILE B 216 16.85 12.29 3.36
CA ILE B 216 15.40 12.36 3.36
C ILE B 216 14.99 13.73 2.84
N MET B 217 14.00 13.77 1.98
CA MET B 217 13.52 15.01 1.39
C MET B 217 12.08 15.24 1.81
N LEU B 218 11.80 16.46 2.25
CA LEU B 218 10.46 16.86 2.67
C LEU B 218 10.00 18.04 1.84
N TYR B 219 8.70 18.07 1.52
CA TYR B 219 8.08 19.30 1.04
C TYR B 219 7.76 20.15 2.25
N GLN B 220 6.89 21.16 2.10
CA GLN B 220 6.65 22.09 3.19
C GLN B 220 6.29 21.37 4.47
N GLU B 221 5.31 20.48 4.42
CA GLU B 221 4.97 19.67 5.59
C GLU B 221 4.75 18.20 5.32
N GLN B 222 4.43 17.81 4.09
CA GLN B 222 4.26 16.40 3.77
C GLN B 222 5.60 15.79 3.40
N VAL B 223 5.75 14.50 3.70
CA VAL B 223 6.96 13.77 3.32
C VAL B 223 6.94 13.53 1.82
N LEU B 224 7.97 13.99 1.14
CA LEU B 224 8.04 13.83 -0.31
C LEU B 224 8.69 12.50 -0.68
N CYS B 225 9.92 12.28 -0.23
CA CYS B 225 10.65 11.05 -0.56
C CYS B 225 11.55 10.70 0.62
N GLY B 226 11.06 9.87 1.52
CA GLY B 226 11.88 9.37 2.61
C GLY B 226 11.94 7.86 2.62
N GLY B 227 13.11 7.29 2.31
CA GLY B 227 13.26 5.86 2.14
C GLY B 227 14.30 5.26 3.07
N LYS B 228 14.24 3.94 3.16
CA LYS B 228 15.12 3.15 4.02
C LYS B 228 15.10 3.65 5.46
N LEU B 229 13.90 3.95 5.95
CA LEU B 229 13.75 4.40 7.32
C LEU B 229 12.40 3.93 7.84
N SER B 230 12.38 3.42 9.06
CA SER B 230 11.14 2.95 9.65
C SER B 230 10.18 4.11 9.87
N PRO B 231 8.87 3.86 9.87
CA PRO B 231 7.92 4.96 10.04
C PRO B 231 8.09 5.74 11.33
N GLU B 232 8.51 5.09 12.41
CA GLU B 232 8.68 5.80 13.68
C GLU B 232 9.81 6.82 13.59
N ASP B 233 10.96 6.42 13.04
CA ASP B 233 12.06 7.35 12.89
C ASP B 233 11.69 8.50 11.97
N LEU B 234 10.97 8.20 10.89
CA LEU B 234 10.55 9.24 9.96
C LEU B 234 9.60 10.22 10.65
N HIS B 235 8.68 9.71 11.47
CA HIS B 235 7.80 10.60 12.21
C HIS B 235 8.57 11.48 13.18
N CYS B 236 9.56 10.90 13.88
CA CYS B 236 10.36 11.70 14.80
C CYS B 236 11.13 12.80 14.07
N VAL B 237 11.73 12.46 12.93
CA VAL B 237 12.48 13.45 12.16
C VAL B 237 11.57 14.56 11.68
N HIS B 238 10.40 14.18 11.15
CA HIS B 238 9.45 15.18 10.65
C HIS B 238 8.98 16.08 11.78
N SER B 239 8.66 15.51 12.94
CA SER B 239 8.17 16.32 14.06
C SER B 239 9.23 17.29 14.54
N TYR B 240 10.49 16.81 14.67
CA TYR B 240 11.55 17.70 15.11
C TYR B 240 11.78 18.83 14.13
N VAL B 241 11.83 18.51 12.84
CA VAL B 241 12.06 19.53 11.83
C VAL B 241 10.94 20.57 11.85
N VAL B 242 9.69 20.11 11.87
CA VAL B 242 8.57 21.04 11.87
C VAL B 242 8.58 21.91 13.11
N GLN B 243 8.86 21.31 14.28
CA GLN B 243 8.83 22.06 15.53
C GLN B 243 9.92 23.13 15.57
N HIS B 244 11.13 22.81 15.13
CA HIS B 244 12.26 23.72 15.33
C HIS B 244 12.59 24.53 14.07
N VAL B 245 12.92 23.87 12.97
CA VAL B 245 13.45 24.58 11.81
C VAL B 245 12.35 25.41 11.14
N LEU B 246 11.17 24.83 10.96
CA LEU B 246 10.12 25.49 10.18
C LEU B 246 9.46 26.62 10.97
N LYS B 247 9.22 26.42 12.26
CA LYS B 247 8.53 27.44 13.05
C LYS B 247 9.49 28.55 13.45
N VAL B 248 10.53 28.22 14.19
CA VAL B 248 11.50 29.21 14.65
C VAL B 248 12.85 28.98 13.96
N GLY B 271 18.03 29.66 2.89
CA GLY B 271 18.56 29.54 1.54
C GLY B 271 19.72 28.56 1.44
N GLY B 272 20.18 28.11 2.59
CA GLY B 272 21.29 27.16 2.64
C GLY B 272 21.26 26.38 3.92
N PHE B 273 22.43 25.91 4.34
CA PHE B 273 22.57 25.11 5.55
C PHE B 273 22.12 25.95 6.75
N VAL B 274 21.07 25.50 7.44
CA VAL B 274 20.61 26.18 8.64
C VAL B 274 21.48 25.74 9.81
N ARG B 275 22.02 26.72 10.54
CA ARG B 275 22.87 26.46 11.69
C ARG B 275 22.16 26.89 12.97
N SER B 276 22.17 26.02 13.97
CA SER B 276 21.51 26.26 15.23
C SER B 276 22.51 26.75 16.28
N ARG B 277 22.01 27.55 17.22
CA ARG B 277 22.85 28.11 18.27
C ARG B 277 22.86 27.21 19.51
N PRO B 294 27.02 20.96 15.35
CA PRO B 294 27.04 19.50 15.21
C PRO B 294 25.99 18.85 16.10
N MET B 295 24.81 18.57 15.55
CA MET B 295 23.68 18.08 16.31
C MET B 295 23.49 16.60 16.03
N LYS B 296 23.46 15.79 17.09
CA LYS B 296 23.43 14.34 16.97
C LYS B 296 22.03 13.82 17.16
N VAL B 297 21.68 12.78 16.39
CA VAL B 297 20.39 12.10 16.52
C VAL B 297 20.66 10.62 16.68
N TYR B 298 19.68 9.92 17.25
CA TYR B 298 19.77 8.49 17.49
C TYR B 298 18.66 7.80 16.71
N VAL B 299 19.00 7.21 15.57
CA VAL B 299 18.05 6.48 14.74
C VAL B 299 18.62 5.09 14.50
N THR B 300 17.73 4.15 14.22
CA THR B 300 18.12 2.75 14.04
C THR B 300 18.22 2.42 12.55
N LEU B 301 19.40 1.99 12.13
CA LEU B 301 19.64 1.55 10.77
C LEU B 301 20.49 0.29 10.83
N ASP B 302 20.04 -0.75 10.11
CA ASP B 302 20.68 -2.07 10.13
C ASP B 302 20.68 -2.67 11.53
N LYS B 303 19.47 -2.79 12.07
CA LYS B 303 19.16 -3.51 13.31
C LYS B 303 19.89 -2.96 14.53
N GLU B 304 20.28 -1.69 14.53
CA GLU B 304 20.93 -1.11 15.69
C GLU B 304 20.76 0.40 15.69
N ALA B 305 20.47 0.95 16.86
CA ALA B 305 20.36 2.40 17.01
C ALA B 305 21.74 3.00 17.26
N LYS B 306 22.13 3.95 16.43
CA LYS B 306 23.45 4.55 16.49
C LYS B 306 23.35 6.06 16.30
N PRO B 307 24.28 6.82 16.86
CA PRO B 307 24.26 8.26 16.65
C PRO B 307 24.60 8.64 15.22
N TYR B 308 24.04 9.77 14.78
CA TYR B 308 24.30 10.30 13.45
C TYR B 308 24.21 11.82 13.48
N TYR B 309 25.11 12.47 12.77
CA TYR B 309 25.01 13.91 12.60
C TYR B 309 23.87 14.24 11.65
N LEU B 310 23.18 15.34 11.90
CA LEU B 310 22.06 15.77 11.06
C LEU B 310 22.41 17.09 10.41
N LEU B 311 22.35 17.13 9.08
CA LEU B 311 22.57 18.35 8.30
C LEU B 311 21.29 18.68 7.56
N ILE B 312 20.81 19.91 7.72
CA ILE B 312 19.53 20.34 7.17
C ILE B 312 19.78 21.44 6.16
N TYR B 313 19.45 21.18 4.90
CA TYR B 313 19.60 22.12 3.81
C TYR B 313 18.22 22.59 3.35
N ARG B 314 18.05 23.90 3.24
CA ARG B 314 16.74 24.49 2.97
C ARG B 314 16.75 25.16 1.60
N ALA B 315 16.05 24.57 0.64
CA ALA B 315 15.69 25.24 -0.60
C ALA B 315 14.46 26.10 -0.35
N LEU B 316 13.78 26.54 -1.41
CA LEU B 316 12.62 27.41 -1.25
C LEU B 316 11.58 26.78 -0.32
N HIS B 317 11.02 25.64 -0.72
CA HIS B 317 10.05 24.91 0.08
C HIS B 317 10.49 23.50 0.44
N ILE B 318 11.74 23.14 0.13
CA ILE B 318 12.21 21.77 0.26
C ILE B 318 13.24 21.70 1.37
N THR B 319 13.08 20.74 2.28
CA THR B 319 14.02 20.47 3.34
C THR B 319 14.66 19.12 3.12
N LEU B 320 15.99 19.08 3.11
CA LEU B 320 16.74 17.87 2.80
C LEU B 320 17.65 17.55 3.98
N CYS B 321 17.33 16.46 4.70
CA CYS B 321 18.09 16.06 5.88
C CYS B 321 19.09 14.98 5.50
N LEU B 322 20.35 15.18 5.89
CA LEU B 322 21.44 14.29 5.54
C LEU B 322 22.04 13.71 6.81
N PHE B 323 22.23 12.40 6.84
CA PHE B 323 22.71 11.68 8.02
C PHE B 323 24.17 11.30 7.80
N LEU B 324 25.07 12.05 8.44
CA LEU B 324 26.49 11.75 8.39
C LEU B 324 26.86 10.79 9.50
N ASN B 325 27.92 10.02 9.28
CA ASN B 325 28.40 9.10 10.29
C ASN B 325 28.92 9.84 11.51
N ALA B 326 28.71 9.26 12.70
CA ALA B 326 28.99 9.96 13.95
C ALA B 326 30.06 9.28 14.79
N ASP B 327 30.83 8.36 14.21
CA ASP B 327 31.95 7.74 14.91
C ASP B 327 33.28 8.37 14.53
N GLN B 328 33.26 9.43 13.73
CA GLN B 328 34.46 10.15 13.33
C GLN B 328 34.33 11.61 13.75
N VAL B 329 35.29 12.44 13.32
CA VAL B 329 35.25 13.85 13.69
C VAL B 329 34.14 14.56 12.95
N ALA B 330 33.78 15.74 13.45
CA ALA B 330 32.72 16.52 12.83
C ALA B 330 33.14 16.99 11.45
N PRO B 331 32.20 17.15 10.52
CA PRO B 331 32.55 17.61 9.18
C PRO B 331 33.11 19.02 9.20
N LYS B 332 34.01 19.29 8.26
CA LYS B 332 34.67 20.58 8.16
C LYS B 332 33.87 21.53 7.27
N GLN B 333 34.42 22.73 7.06
CA GLN B 333 33.71 23.71 6.24
C GLN B 333 33.80 23.39 4.75
N ASP B 334 34.88 22.73 4.32
CA ASP B 334 35.04 22.40 2.91
C ASP B 334 33.93 21.49 2.43
N LEU B 335 33.52 20.53 3.25
CA LEU B 335 32.41 19.66 2.87
C LEU B 335 31.12 20.45 2.70
N TYR B 336 30.85 21.40 3.58
CA TYR B 336 29.64 22.21 3.44
C TYR B 336 29.68 23.03 2.17
N ASP B 337 30.84 23.63 1.87
CA ASP B 337 30.96 24.42 0.65
C ASP B 337 30.77 23.56 -0.59
N ASP B 338 31.37 22.36 -0.60
CA ASP B 338 31.21 21.46 -1.74
C ASP B 338 29.76 21.05 -1.92
N LEU B 339 29.09 20.68 -0.83
CA LEU B 339 27.69 20.28 -0.92
C LEU B 339 26.83 21.41 -1.46
N HIS B 340 27.04 22.63 -0.94
CA HIS B 340 26.27 23.78 -1.40
C HIS B 340 26.47 24.02 -2.89
N ALA B 341 27.74 24.12 -3.31
CA ALA B 341 28.03 24.45 -4.70
C ALA B 341 27.65 23.32 -5.65
N TYR B 342 27.51 22.10 -5.13
CA TYR B 342 27.13 20.98 -5.98
C TYR B 342 25.63 20.77 -6.05
N MET B 343 24.88 21.26 -5.05
CA MET B 343 23.49 20.87 -4.91
C MET B 343 22.49 22.01 -5.04
N ALA B 344 22.90 23.27 -4.87
CA ALA B 344 21.92 24.37 -4.83
C ALA B 344 21.05 24.49 -6.08
N PRO B 345 21.59 24.54 -7.30
CA PRO B 345 20.72 24.89 -8.44
C PRO B 345 19.70 23.83 -8.79
N GLN B 346 20.10 22.56 -8.76
CA GLN B 346 19.16 21.49 -9.09
C GLN B 346 18.00 21.46 -8.11
N LEU B 347 18.30 21.60 -6.81
CA LEU B 347 17.25 21.62 -5.81
C LEU B 347 16.33 22.81 -5.98
N THR B 348 16.89 23.98 -6.29
CA THR B 348 16.05 25.15 -6.52
C THR B 348 15.11 24.94 -7.70
N SER B 349 15.63 24.40 -8.81
CA SER B 349 14.80 24.16 -9.98
C SER B 349 13.70 23.15 -9.67
N LEU B 350 14.05 22.08 -8.95
CA LEU B 350 13.04 21.07 -8.62
C LEU B 350 11.95 21.66 -7.74
N ALA B 351 12.32 22.48 -6.75
CA ALA B 351 11.33 23.10 -5.90
C ALA B 351 10.40 24.02 -6.69
N ARG B 352 10.97 24.80 -7.61
CA ARG B 352 10.14 25.68 -8.43
C ARG B 352 9.17 24.87 -9.30
N ASP B 353 9.67 23.78 -9.89
CA ASP B 353 8.80 22.95 -10.74
C ASP B 353 7.66 22.34 -9.94
N ILE B 354 7.97 21.82 -8.75
CA ILE B 354 6.93 21.20 -7.93
C ILE B 354 5.90 22.23 -7.50
N SER B 355 6.36 23.43 -7.11
CA SER B 355 5.42 24.47 -6.70
C SER B 355 4.51 24.88 -7.86
N SER B 356 5.09 25.04 -9.05
CA SER B 356 4.28 25.41 -10.21
C SER B 356 3.27 24.32 -10.55
N GLU B 357 3.67 23.06 -10.47
CA GLU B 357 2.74 21.96 -10.76
C GLU B 357 1.60 21.91 -9.75
N LEU B 358 1.93 22.11 -8.46
CA LEU B 358 0.88 22.09 -7.44
C LEU B 358 -0.05 23.29 -7.59
N THR B 359 0.46 24.43 -8.03
CA THR B 359 -0.40 25.57 -8.35
C THR B 359 -1.31 25.22 -9.53
N LYS B 360 -0.78 24.54 -10.53
CA LYS B 360 -1.60 24.12 -11.66
C LYS B 360 -2.74 23.21 -11.23
N GLU B 361 -2.43 22.22 -10.39
CA GLU B 361 -3.48 21.35 -9.86
C GLU B 361 -4.36 22.10 -8.86
N ALA B 378 -22.12 18.29 3.59
CA ALA B 378 -21.24 17.48 2.77
C ALA B 378 -20.57 16.38 3.59
N PRO B 379 -20.47 15.18 3.01
CA PRO B 379 -19.88 14.07 3.74
C PRO B 379 -18.36 14.19 3.84
N LYS B 380 -17.84 13.86 5.03
CA LYS B 380 -16.42 13.83 5.28
C LYS B 380 -15.88 12.41 5.09
N TYR B 381 -14.56 12.28 5.15
CA TYR B 381 -13.95 10.96 5.07
C TYR B 381 -12.54 11.03 5.65
N LEU B 382 -12.01 9.85 5.97
CA LEU B 382 -10.65 9.75 6.52
C LEU B 382 -10.16 8.34 6.24
N PHE B 383 -9.22 8.21 5.32
CA PHE B 383 -8.69 6.91 4.91
C PHE B 383 -7.29 6.78 5.49
N ILE B 384 -7.16 5.94 6.52
CA ILE B 384 -5.91 5.78 7.25
C ILE B 384 -5.23 4.49 6.81
N ASN B 385 -3.92 4.57 6.63
CA ASN B 385 -3.10 3.39 6.33
C ASN B 385 -2.29 3.03 7.58
N GLU B 386 -2.31 1.75 7.94
CA GLU B 386 -1.63 1.29 9.15
C GLU B 386 -0.21 0.83 8.89
N GLN B 387 0.22 0.75 7.62
CA GLN B 387 1.55 0.25 7.31
C GLN B 387 2.55 1.34 6.99
N SER B 388 2.08 2.53 6.58
CA SER B 388 2.96 3.64 6.28
C SER B 388 2.59 4.92 7.01
N LEU B 389 1.46 4.93 7.73
CA LEU B 389 1.01 6.08 8.51
C LEU B 389 0.89 7.33 7.64
N GLN B 390 0.22 7.17 6.50
CA GLN B 390 -0.11 8.28 5.61
C GLN B 390 -1.62 8.29 5.40
N HIS B 391 -2.29 9.27 5.99
CA HIS B 391 -3.73 9.39 5.89
C HIS B 391 -4.12 10.35 4.78
N HIS B 392 -5.41 10.32 4.43
CA HIS B 392 -5.92 11.12 3.32
C HIS B 392 -7.35 11.51 3.66
N THR B 393 -7.57 12.78 4.01
CA THR B 393 -8.84 13.24 4.53
C THR B 393 -9.18 14.61 3.98
N ASN B 394 -10.38 15.10 4.33
CA ASN B 394 -10.79 16.46 4.05
C ASN B 394 -11.39 17.12 5.30
N PHE B 395 -10.98 16.66 6.48
CA PHE B 395 -11.47 17.22 7.73
C PHE B 395 -11.12 18.70 7.85
N ASN B 406 -18.26 18.54 12.52
CA ASN B 406 -18.04 17.42 13.42
C ASN B 406 -18.00 17.85 14.87
N VAL B 407 -19.08 17.57 15.60
CA VAL B 407 -19.19 17.99 16.99
C VAL B 407 -18.35 17.08 17.88
N LEU B 408 -18.20 17.48 19.15
CA LEU B 408 -17.35 16.73 20.07
C LEU B 408 -17.87 15.31 20.28
N SER B 409 -19.18 15.13 20.35
CA SER B 409 -19.73 13.79 20.53
C SER B 409 -19.38 12.88 19.36
N ILE B 410 -19.43 13.43 18.13
CA ILE B 410 -19.05 12.63 16.96
C ILE B 410 -17.56 12.32 17.00
N ILE B 411 -16.73 13.31 17.29
CA ILE B 411 -15.28 13.07 17.32
C ILE B 411 -14.94 12.02 18.38
N ALA B 412 -15.68 11.99 19.49
CA ALA B 412 -15.42 10.99 20.51
C ALA B 412 -15.74 9.58 20.04
N ASP B 413 -16.70 9.42 19.12
CA ASP B 413 -17.07 8.09 18.66
C ASP B 413 -16.00 7.50 17.74
N LEU B 414 -15.38 8.32 16.89
CA LEU B 414 -14.35 7.81 16.00
C LEU B 414 -13.16 7.26 16.77
N ALA B 415 -12.73 7.94 17.83
CA ALA B 415 -11.62 7.46 18.64
C ALA B 415 -11.99 6.25 19.48
N ASN B 416 -13.28 5.98 19.68
CA ASN B 416 -13.68 4.81 20.45
C ASN B 416 -13.61 3.56 19.59
N GLY B 417 -14.31 3.56 18.46
CA GLY B 417 -14.31 2.41 17.56
C GLY B 417 -13.16 2.41 16.59
N SER B 418 -11.95 2.09 17.07
CA SER B 418 -10.78 2.00 16.21
C SER B 418 -9.83 0.97 16.80
N GLY B 419 -8.94 0.47 15.95
CA GLY B 419 -8.00 -0.56 16.35
C GLY B 419 -6.69 0.03 16.86
N ALA B 426 -5.99 -9.71 12.14
CA ALA B 426 -7.41 -9.43 12.34
C ALA B 426 -8.14 -9.39 11.01
N PRO B 427 -9.28 -10.09 10.93
CA PRO B 427 -10.04 -10.14 9.68
C PRO B 427 -10.76 -8.83 9.37
N ALA B 428 -11.46 -8.79 8.24
CA ALA B 428 -12.21 -7.61 7.86
C ALA B 428 -13.45 -7.44 8.75
N GLU B 429 -14.03 -6.24 8.70
CA GLU B 429 -15.17 -5.91 9.54
C GLU B 429 -15.92 -4.77 8.89
N GLU B 430 -17.09 -4.44 9.46
CA GLU B 430 -17.96 -3.41 8.90
C GLU B 430 -18.91 -2.95 9.99
N VAL B 431 -18.84 -1.68 10.37
CA VAL B 431 -19.59 -1.15 11.49
C VAL B 431 -20.36 0.08 11.03
N GLN B 432 -21.65 0.13 11.33
CA GLN B 432 -22.49 1.28 11.03
C GLN B 432 -23.24 1.69 12.28
N VAL B 433 -23.20 2.98 12.61
CA VAL B 433 -23.70 3.49 13.87
C VAL B 433 -24.45 4.79 13.61
N LYS B 434 -25.59 4.96 14.27
CA LYS B 434 -26.35 6.20 14.20
C LYS B 434 -26.45 6.80 15.59
N THR B 435 -26.11 8.08 15.70
CA THR B 435 -26.16 8.78 16.98
C THR B 435 -27.51 9.48 17.15
N THR B 436 -27.74 9.97 18.38
CA THR B 436 -29.03 10.60 18.68
C THR B 436 -29.25 11.86 17.86
N ASN B 437 -28.19 12.62 17.59
CA ASN B 437 -28.28 13.85 16.82
C ASN B 437 -28.24 13.63 15.31
N ASP B 438 -28.60 12.42 14.86
CA ASP B 438 -28.77 12.11 13.44
C ASP B 438 -27.47 12.26 12.65
N TYR B 439 -26.47 11.47 13.05
CA TYR B 439 -25.21 11.35 12.33
C TYR B 439 -24.94 9.88 12.06
N TRP B 440 -24.66 9.55 10.80
CA TRP B 440 -24.33 8.19 10.42
C TRP B 440 -22.83 8.04 10.26
N ILE B 441 -22.26 7.02 10.89
CA ILE B 441 -20.83 6.77 10.86
C ILE B 441 -20.60 5.36 10.32
N VAL B 442 -19.80 5.25 9.27
CA VAL B 442 -19.52 3.98 8.62
C VAL B 442 -18.03 3.71 8.70
N LYS B 443 -17.67 2.45 8.92
CA LYS B 443 -16.27 2.07 9.05
C LYS B 443 -16.02 0.76 8.32
N ARG B 444 -14.87 0.68 7.63
CA ARG B 444 -14.42 -0.52 6.96
C ARG B 444 -13.00 -0.82 7.42
N ARG B 445 -12.60 -2.09 7.29
CA ARG B 445 -11.22 -2.46 7.59
C ARG B 445 -10.78 -3.55 6.62
N CYS B 446 -10.04 -3.15 5.60
CA CYS B 446 -9.43 -4.09 4.66
C CYS B 446 -8.12 -4.63 5.22
N ASN B 447 -7.27 -5.21 4.37
CA ASN B 447 -6.07 -5.89 4.82
C ASN B 447 -5.27 -5.10 5.85
N TYR B 448 -4.74 -3.94 5.49
CA TYR B 448 -4.18 -3.01 6.49
C TYR B 448 -4.57 -1.59 6.08
N ARG B 449 -5.77 -1.17 6.45
CA ARG B 449 -6.30 0.19 6.24
C ARG B 449 -7.55 0.34 7.09
N GLN B 450 -7.99 1.59 7.25
CA GLN B 450 -9.22 1.91 7.93
C GLN B 450 -9.91 3.06 7.20
N TYR B 451 -11.19 2.90 6.91
CA TYR B 451 -11.95 3.90 6.18
C TYR B 451 -13.10 4.40 7.05
N TYR B 452 -13.31 5.72 7.04
CA TYR B 452 -14.38 6.35 7.79
C TYR B 452 -15.17 7.28 6.88
N VAL B 453 -16.49 7.25 7.02
CA VAL B 453 -17.37 8.19 6.33
C VAL B 453 -18.39 8.70 7.34
N ILE B 454 -18.59 10.01 7.37
CA ILE B 454 -19.53 10.64 8.29
C ILE B 454 -20.61 11.34 7.46
N LEU B 455 -21.87 11.05 7.77
CA LEU B 455 -23.01 11.59 7.08
C LEU B 455 -23.91 12.36 8.05
N CYS B 456 -24.64 13.33 7.51
CA CYS B 456 -25.59 14.12 8.30
C CYS B 456 -26.93 14.09 7.58
N ASN B 457 -27.73 13.07 7.85
CA ASN B 457 -29.02 12.89 7.20
C ASN B 457 -29.96 12.22 8.18
N SER B 458 -31.07 12.89 8.52
CA SER B 458 -32.03 12.37 9.47
C SER B 458 -33.18 11.61 8.82
N LYS B 459 -33.21 11.52 7.49
CA LYS B 459 -34.30 10.85 6.77
C LYS B 459 -33.80 9.65 5.97
N ALA B 460 -32.82 8.93 6.49
CA ALA B 460 -32.23 7.78 5.82
C ALA B 460 -32.44 6.52 6.63
N THR B 461 -32.49 5.39 5.93
CA THR B 461 -32.57 4.07 6.52
C THR B 461 -31.21 3.38 6.37
N LEU B 462 -31.17 2.10 6.75
CA LEU B 462 -29.91 1.36 6.69
C LEU B 462 -29.44 1.19 5.24
N LEU B 463 -30.35 0.80 4.34
CA LEU B 463 -29.97 0.57 2.95
C LEU B 463 -29.54 1.87 2.28
N ASP B 464 -30.26 2.96 2.53
CA ASP B 464 -29.91 4.24 1.92
C ASP B 464 -28.53 4.69 2.38
N VAL B 465 -28.22 4.51 3.67
CA VAL B 465 -26.92 4.90 4.20
C VAL B 465 -25.82 4.04 3.58
N THR B 466 -26.08 2.74 3.43
CA THR B 466 -25.08 1.89 2.78
C THR B 466 -24.83 2.33 1.35
N GLN B 467 -25.88 2.67 0.61
CA GLN B 467 -25.72 3.12 -0.76
C GLN B 467 -24.94 4.43 -0.83
N GLU B 468 -25.24 5.38 0.07
CA GLU B 468 -24.51 6.64 0.07
C GLU B 468 -23.03 6.43 0.40
N ALA B 469 -22.74 5.58 1.38
CA ALA B 469 -21.34 5.30 1.70
C ALA B 469 -20.64 4.64 0.52
N ARG B 470 -21.32 3.73 -0.18
CA ARG B 470 -20.72 3.11 -1.36
C ARG B 470 -20.44 4.14 -2.44
N ARG B 471 -21.37 5.09 -2.63
CA ARG B 471 -21.16 6.16 -3.60
C ARG B 471 -19.91 6.97 -3.26
N ILE B 472 -19.77 7.34 -1.98
CA ILE B 472 -18.59 8.13 -1.58
C ILE B 472 -17.31 7.33 -1.77
N PHE B 473 -17.34 6.04 -1.39
CA PHE B 473 -16.15 5.21 -1.53
C PHE B 473 -15.74 5.06 -2.99
N GLU B 474 -16.71 4.90 -3.89
CA GLU B 474 -16.38 4.81 -5.31
C GLU B 474 -15.92 6.15 -5.86
N GLN B 475 -16.45 7.26 -5.34
CA GLN B 475 -16.10 8.57 -5.88
C GLN B 475 -14.68 8.97 -5.48
N GLU B 476 -14.31 8.76 -4.22
CA GLU B 476 -13.03 9.23 -3.71
C GLU B 476 -11.93 8.17 -3.78
N LEU B 477 -12.21 7.01 -4.37
CA LEU B 477 -11.22 5.95 -4.48
C LEU B 477 -11.32 5.30 -5.85
N THR B 478 -10.21 4.75 -6.31
CA THR B 478 -10.16 3.92 -7.51
C THR B 478 -9.69 2.52 -7.13
N ASP B 479 -9.88 1.58 -8.06
CA ASP B 479 -9.47 0.19 -7.87
C ASP B 479 -10.15 -0.42 -6.64
N ASP B 480 -11.46 -0.61 -6.77
CA ASP B 480 -12.33 -1.08 -5.70
C ASP B 480 -11.68 -2.16 -4.86
N VAL B 481 -11.59 -1.92 -3.55
CA VAL B 481 -10.79 -2.75 -2.66
C VAL B 481 -11.69 -3.71 -1.90
N PHE B 482 -12.96 -3.33 -1.74
CA PHE B 482 -13.90 -4.12 -0.95
C PHE B 482 -14.52 -5.27 -1.73
N PHE B 483 -14.17 -5.44 -3.01
CA PHE B 483 -14.74 -6.47 -3.87
C PHE B 483 -16.26 -6.33 -3.94
N ASP B 484 -16.74 -5.09 -4.01
CA ASP B 484 -18.18 -4.84 -4.10
C ASP B 484 -18.75 -5.38 -5.41
N LYS B 485 -18.05 -5.17 -6.51
CA LYS B 485 -18.49 -5.59 -7.84
C LYS B 485 -19.90 -5.09 -8.15
N LEU C 131 -3.64 -18.78 42.38
CA LEU C 131 -4.94 -19.43 42.27
C LEU C 131 -6.05 -18.52 42.81
N TRP C 132 -5.83 -18.00 44.01
CA TRP C 132 -6.80 -17.07 44.60
C TRP C 132 -6.91 -15.80 43.79
N GLN C 133 -5.77 -15.30 43.29
CA GLN C 133 -5.75 -14.07 42.52
C GLN C 133 -6.15 -14.29 41.06
N GLY C 134 -6.31 -15.55 40.64
CA GLY C 134 -6.69 -15.85 39.28
C GLY C 134 -8.18 -15.99 39.06
N GLN C 135 -8.97 -15.67 40.08
CA GLN C 135 -10.42 -15.78 39.98
C GLN C 135 -10.95 -14.66 39.09
N LYS C 136 -12.20 -14.80 38.64
CA LYS C 136 -12.79 -13.89 37.68
C LYS C 136 -13.63 -12.80 38.34
N LYS C 137 -13.73 -12.79 39.67
CA LYS C 137 -14.56 -11.82 40.37
C LYS C 137 -14.19 -11.84 41.85
N HIS C 138 -13.99 -10.66 42.41
CA HIS C 138 -13.70 -10.50 43.83
C HIS C 138 -14.59 -9.41 44.38
N ILE C 139 -15.13 -9.62 45.58
CA ILE C 139 -15.97 -8.64 46.25
C ILE C 139 -15.43 -8.50 47.67
N PHE C 140 -14.97 -7.30 48.02
CA PHE C 140 -14.49 -7.00 49.36
C PHE C 140 -15.38 -5.92 49.98
N ILE C 141 -15.78 -6.13 51.23
CA ILE C 141 -16.53 -5.14 52.00
C ILE C 141 -15.72 -4.81 53.25
N LEU C 142 -15.51 -3.52 53.50
CA LEU C 142 -14.75 -3.04 54.64
C LEU C 142 -15.64 -2.17 55.52
N SER C 143 -15.01 -1.58 56.53
CA SER C 143 -15.63 -0.53 57.34
C SER C 143 -14.79 0.73 57.20
N GLU C 144 -15.33 1.84 57.71
CA GLU C 144 -14.59 3.10 57.64
C GLU C 144 -13.27 3.03 58.40
N ALA C 145 -13.20 2.19 59.43
CA ALA C 145 -11.97 2.05 60.20
C ALA C 145 -11.03 1.01 59.62
N GLY C 146 -11.56 0.05 58.86
CA GLY C 146 -10.73 -0.97 58.26
C GLY C 146 -10.93 -2.35 58.88
N LYS C 147 -12.16 -2.62 59.32
CA LYS C 147 -12.49 -3.88 59.96
C LYS C 147 -13.08 -4.83 58.93
N PRO C 148 -12.46 -5.99 58.68
CA PRO C 148 -13.02 -6.92 57.69
C PRO C 148 -14.46 -7.33 58.00
N ILE C 149 -15.30 -7.44 56.97
CA ILE C 149 -16.69 -7.81 57.12
C ILE C 149 -17.04 -9.01 56.23
N PHE C 150 -16.84 -8.88 54.92
CA PHE C 150 -17.29 -9.91 53.99
C PHE C 150 -16.33 -9.98 52.82
N SER C 151 -16.05 -11.21 52.39
CA SER C 151 -15.24 -11.45 51.20
C SER C 151 -15.83 -12.64 50.45
N LEU C 152 -16.00 -12.48 49.13
CA LEU C 152 -16.59 -13.54 48.33
C LEU C 152 -15.70 -14.78 48.30
N HIS C 153 -14.39 -14.59 48.13
CA HIS C 153 -13.45 -15.69 48.10
C HIS C 153 -12.46 -15.57 49.26
N GLY C 154 -12.16 -16.70 49.89
CA GLY C 154 -11.25 -16.70 51.01
C GLY C 154 -11.90 -16.30 52.31
N ASN C 155 -11.09 -16.30 53.36
CA ASN C 155 -11.54 -15.98 54.71
C ASN C 155 -11.34 -14.51 54.99
N GLU C 156 -12.35 -13.89 55.62
CA GLU C 156 -12.29 -12.47 55.93
C GLU C 156 -11.19 -12.12 56.92
N ASP C 157 -10.73 -13.09 57.72
CA ASP C 157 -9.69 -12.85 58.71
C ASP C 157 -8.28 -13.16 58.20
N LYS C 158 -8.17 -13.89 57.08
CA LYS C 158 -6.86 -14.17 56.50
C LYS C 158 -6.38 -13.04 55.61
N LEU C 159 -7.24 -12.07 55.30
CA LEU C 159 -6.92 -10.97 54.39
C LEU C 159 -6.95 -9.61 55.09
N ALA C 160 -6.38 -9.55 56.29
CA ALA C 160 -6.37 -8.30 57.04
C ALA C 160 -5.46 -7.25 56.40
N THR C 161 -4.29 -7.68 55.91
CA THR C 161 -3.33 -6.73 55.35
C THR C 161 -3.88 -6.06 54.10
N LEU C 162 -4.59 -6.81 53.25
CA LEU C 162 -5.18 -6.22 52.06
C LEU C 162 -6.22 -5.18 52.42
N PHE C 163 -7.05 -5.47 53.44
CA PHE C 163 -8.06 -4.51 53.87
C PHE C 163 -7.41 -3.26 54.44
N GLY C 164 -6.34 -3.43 55.22
CA GLY C 164 -5.62 -2.27 55.72
C GLY C 164 -5.03 -1.42 54.60
N VAL C 165 -4.48 -2.08 53.58
CA VAL C 165 -3.92 -1.37 52.43
C VAL C 165 -5.01 -0.56 51.73
N ILE C 166 -6.17 -1.18 51.53
CA ILE C 166 -7.26 -0.50 50.83
C ILE C 166 -7.73 0.70 51.65
N GLN C 167 -7.90 0.54 52.96
CA GLN C 167 -8.35 1.64 53.79
C GLN C 167 -7.34 2.78 53.81
N ALA C 168 -6.04 2.44 53.91
CA ALA C 168 -5.01 3.46 53.89
C ALA C 168 -5.04 4.22 52.57
N LEU C 169 -5.19 3.51 51.45
CA LEU C 169 -5.22 4.16 50.15
C LEU C 169 -6.42 5.11 50.04
N VAL C 170 -7.59 4.66 50.48
CA VAL C 170 -8.79 5.49 50.39
C VAL C 170 -8.65 6.74 51.25
N SER C 171 -8.17 6.58 52.48
CA SER C 171 -7.98 7.73 53.36
C SER C 171 -6.93 8.69 52.81
N PHE C 172 -5.84 8.13 52.24
CA PHE C 172 -4.76 8.93 51.70
C PHE C 172 -5.28 9.80 50.55
N VAL C 173 -6.12 9.21 49.68
CA VAL C 173 -6.70 10.00 48.61
C VAL C 173 -7.68 11.03 49.16
N GLN C 174 -8.48 10.65 50.16
CA GLN C 174 -9.48 11.56 50.69
C GLN C 174 -8.88 12.74 51.44
N MET C 175 -7.65 12.60 51.93
CA MET C 175 -7.00 13.73 52.61
C MET C 175 -6.86 14.94 51.69
N GLY C 176 -6.87 14.73 50.38
CA GLY C 176 -6.77 15.82 49.44
C GLY C 176 -8.12 16.30 48.94
N GLN C 177 -9.14 16.20 49.78
CA GLN C 177 -10.51 16.60 49.45
C GLN C 177 -10.94 16.01 48.10
N ASP C 178 -10.73 14.70 47.95
CA ASP C 178 -11.02 14.00 46.72
C ASP C 178 -11.48 12.60 47.04
N ALA C 179 -12.10 11.94 46.06
CA ALA C 179 -12.66 10.61 46.25
C ALA C 179 -12.19 9.70 45.13
N ILE C 180 -11.63 8.54 45.49
CA ILE C 180 -11.15 7.58 44.50
C ILE C 180 -12.31 6.76 43.98
N THR C 181 -12.31 6.47 42.68
CA THR C 181 -13.40 5.72 42.07
C THR C 181 -12.97 4.42 41.44
N SER C 182 -11.93 4.40 40.61
CA SER C 182 -11.58 3.18 39.91
C SER C 182 -10.12 3.17 39.52
N ILE C 183 -9.62 1.99 39.19
CA ILE C 183 -8.25 1.78 38.72
C ILE C 183 -8.30 0.83 37.54
N HIS C 184 -7.69 1.21 36.42
CA HIS C 184 -7.57 0.34 35.25
C HIS C 184 -6.12 -0.11 35.13
N ALA C 185 -5.89 -1.42 35.22
CA ALA C 185 -4.54 -1.96 35.18
C ALA C 185 -4.47 -3.17 34.25
N GLY C 186 -4.26 -2.90 32.97
CA GLY C 186 -3.92 -3.90 31.97
C GLY C 186 -4.62 -5.26 32.06
N GLY C 187 -5.95 -5.27 31.96
CA GLY C 187 -6.73 -6.49 31.98
C GLY C 187 -7.58 -6.68 33.22
N ILE C 188 -7.26 -5.95 34.29
CA ILE C 188 -8.01 -6.02 35.53
C ILE C 188 -8.54 -4.64 35.84
N LYS C 189 -9.78 -4.58 36.34
CA LYS C 189 -10.41 -3.32 36.72
C LYS C 189 -10.87 -3.42 38.17
N PHE C 190 -10.68 -2.34 38.92
CA PHE C 190 -11.17 -2.24 40.28
C PHE C 190 -12.15 -1.07 40.37
N ALA C 191 -13.18 -1.23 41.19
CA ALA C 191 -14.15 -0.18 41.42
C ALA C 191 -14.33 0.02 42.92
N PHE C 192 -14.41 1.28 43.34
CA PHE C 192 -14.49 1.63 44.75
C PHE C 192 -15.81 2.35 45.02
N MET C 193 -16.29 2.23 46.26
CA MET C 193 -17.47 2.97 46.71
C MET C 193 -17.35 3.25 48.19
N GLN C 194 -17.75 4.46 48.59
CA GLN C 194 -17.72 4.89 49.99
C GLN C 194 -19.09 5.48 50.30
N ARG C 195 -19.91 4.71 51.01
CA ARG C 195 -21.26 5.13 51.35
C ARG C 195 -21.57 4.75 52.79
N SER C 196 -22.00 5.73 53.58
CA SER C 196 -22.45 5.52 54.96
C SER C 196 -21.40 4.78 55.78
N SER C 197 -20.17 5.26 55.73
CA SER C 197 -19.05 4.72 56.51
C SER C 197 -18.77 3.26 56.17
N LEU C 198 -18.92 2.90 54.90
CA LEU C 198 -18.58 1.57 54.41
C LEU C 198 -17.74 1.69 53.15
N ILE C 199 -16.85 0.72 52.95
CA ILE C 199 -15.97 0.69 51.78
C ILE C 199 -16.29 -0.57 50.99
N LEU C 200 -16.70 -0.39 49.74
CA LEU C 200 -17.07 -1.48 48.85
C LEU C 200 -16.10 -1.51 47.68
N VAL C 201 -15.43 -2.64 47.48
CA VAL C 201 -14.44 -2.81 46.43
C VAL C 201 -14.76 -4.06 45.62
N ALA C 202 -14.73 -3.96 44.31
CA ALA C 202 -15.00 -5.07 43.41
C ALA C 202 -13.96 -5.10 42.30
N ALA C 203 -13.37 -6.28 42.06
CA ALA C 203 -12.39 -6.47 41.01
C ALA C 203 -12.89 -7.55 40.05
N SER C 204 -12.63 -7.35 38.76
CA SER C 204 -13.16 -8.26 37.75
C SER C 204 -12.24 -8.30 36.54
N ARG C 205 -11.97 -9.50 36.05
CA ARG C 205 -11.18 -9.71 34.84
C ARG C 205 -12.03 -9.85 33.60
N SER C 206 -13.34 -9.65 33.70
CA SER C 206 -14.25 -9.83 32.59
C SER C 206 -14.22 -8.61 31.67
N ASN C 207 -15.19 -8.52 30.76
CA ASN C 207 -15.30 -7.41 29.84
C ASN C 207 -16.20 -6.29 30.36
N MET C 208 -16.73 -6.42 31.58
CA MET C 208 -17.60 -5.39 32.12
C MET C 208 -16.85 -4.08 32.29
N SER C 209 -17.56 -2.98 32.07
CA SER C 209 -17.00 -1.65 32.28
C SER C 209 -17.05 -1.32 33.77
N VAL C 210 -16.74 -0.09 34.13
CA VAL C 210 -16.70 0.30 35.53
C VAL C 210 -18.09 0.67 36.05
N GLN C 211 -18.93 1.27 35.21
CA GLN C 211 -20.27 1.66 35.65
C GLN C 211 -21.10 0.44 36.01
N GLN C 212 -20.96 -0.65 35.27
CA GLN C 212 -21.71 -1.86 35.58
C GLN C 212 -21.22 -2.48 36.89
N LEU C 213 -19.92 -2.41 37.15
CA LEU C 213 -19.41 -2.86 38.45
C LEU C 213 -19.94 -1.98 39.58
N GLN C 214 -20.09 -0.68 39.31
CA GLN C 214 -20.69 0.21 40.30
C GLN C 214 -22.15 -0.17 40.56
N LEU C 215 -22.87 -0.56 39.51
CA LEU C 215 -24.24 -1.04 39.70
C LEU C 215 -24.28 -2.30 40.55
N GLN C 216 -23.34 -3.22 40.31
CA GLN C 216 -23.27 -4.44 41.13
C GLN C 216 -23.00 -4.09 42.59
N LEU C 217 -22.07 -3.16 42.84
CA LEU C 217 -21.78 -2.76 44.21
C LEU C 217 -22.99 -2.10 44.85
N GLY C 218 -23.74 -1.30 44.08
CA GLY C 218 -24.95 -0.72 44.60
C GLY C 218 -25.97 -1.77 44.98
N ASP C 219 -26.04 -2.85 44.20
CA ASP C 219 -26.94 -3.95 44.55
C ASP C 219 -26.53 -4.61 45.86
N VAL C 220 -25.22 -4.82 46.05
CA VAL C 220 -24.74 -5.40 47.30
C VAL C 220 -25.06 -4.49 48.49
N TYR C 221 -24.85 -3.17 48.31
CA TYR C 221 -25.17 -2.24 49.38
C TYR C 221 -26.66 -2.23 49.69
N ASN C 222 -27.50 -2.35 48.65
CA ASN C 222 -28.94 -2.45 48.89
C ASN C 222 -29.30 -3.71 49.64
N GLN C 223 -28.61 -4.82 49.37
CA GLN C 223 -28.84 -6.04 50.13
C GLN C 223 -28.51 -5.82 51.61
N ILE C 224 -27.37 -5.17 51.88
CA ILE C 224 -27.00 -4.87 53.27
C ILE C 224 -28.05 -3.98 53.91
N LEU C 225 -28.49 -2.94 53.20
CA LEU C 225 -29.50 -2.02 53.71
C LEU C 225 -30.82 -2.72 53.98
N SER C 226 -31.13 -3.77 53.22
CA SER C 226 -32.35 -4.53 53.46
C SER C 226 -32.22 -5.41 54.69
N ILE C 227 -31.06 -6.04 54.89
CA ILE C 227 -30.87 -6.85 56.09
C ILE C 227 -30.91 -5.98 57.34
N LEU C 228 -30.21 -4.85 57.32
CA LEU C 228 -30.16 -3.93 58.46
C LEU C 228 -30.72 -2.59 58.01
N THR C 229 -31.80 -2.16 58.66
CA THR C 229 -32.44 -0.91 58.26
C THR C 229 -31.49 0.26 58.48
N TYR C 230 -31.71 1.32 57.70
CA TYR C 230 -30.74 2.42 57.66
C TYR C 230 -30.60 3.11 59.01
N SER C 231 -31.72 3.31 59.71
CA SER C 231 -31.64 3.96 61.02
C SER C 231 -30.80 3.13 61.98
N HIS C 232 -31.00 1.81 62.00
CA HIS C 232 -30.26 0.97 62.93
C HIS C 232 -28.76 1.08 62.68
N MET C 233 -28.34 0.99 61.43
CA MET C 233 -26.91 1.02 61.14
C MET C 233 -26.33 2.41 61.37
N THR C 234 -27.07 3.47 61.03
CA THR C 234 -26.52 4.80 61.25
C THR C 234 -26.38 5.11 62.74
N LYS C 235 -27.34 4.68 63.57
CA LYS C 235 -27.17 4.85 65.01
C LYS C 235 -26.03 4.00 65.56
N ILE C 236 -25.91 2.75 65.11
CA ILE C 236 -24.85 1.91 65.68
C ILE C 236 -23.48 2.41 65.22
N PHE C 237 -23.39 3.06 64.07
CA PHE C 237 -22.14 3.67 63.66
C PHE C 237 -21.87 4.99 64.39
N GLU C 238 -22.93 5.75 64.69
CA GLU C 238 -22.79 6.91 65.57
C GLU C 238 -22.32 6.49 66.95
N ARG C 239 -22.59 5.23 67.33
CA ARG C 239 -22.04 4.65 68.54
C ARG C 239 -20.60 4.25 68.29
N ARG C 240 -20.03 3.42 69.16
CA ARG C 240 -18.63 3.00 69.08
C ARG C 240 -18.18 2.77 67.65
N LYS C 241 -17.06 3.38 67.28
CA LYS C 241 -16.59 3.36 65.90
C LYS C 241 -15.98 2.03 65.49
N ASN C 242 -15.72 1.13 66.43
CA ASN C 242 -15.05 -0.14 66.15
C ASN C 242 -15.97 -1.33 66.41
N PHE C 243 -17.24 -1.20 66.01
CA PHE C 243 -18.23 -2.25 66.22
C PHE C 243 -18.20 -3.21 65.03
N ASP C 244 -18.05 -4.50 65.31
CA ASP C 244 -18.02 -5.50 64.25
C ASP C 244 -19.44 -5.82 63.78
N LEU C 245 -19.67 -5.66 62.47
CA LEU C 245 -20.98 -5.86 61.89
C LEU C 245 -21.25 -7.31 61.49
N ARG C 246 -20.24 -8.18 61.54
CA ARG C 246 -20.48 -9.59 61.27
C ARG C 246 -21.43 -10.20 62.28
N ARG C 247 -21.50 -9.62 63.49
CA ARG C 247 -22.47 -10.09 64.48
C ARG C 247 -23.89 -9.91 63.97
N LEU C 248 -24.21 -8.71 63.49
CA LEU C 248 -25.55 -8.44 62.99
C LEU C 248 -25.80 -9.07 61.63
N LEU C 249 -24.75 -9.37 60.87
CA LEU C 249 -24.86 -10.02 59.56
C LEU C 249 -24.51 -11.49 59.62
N SER C 250 -24.86 -12.17 60.69
CA SER C 250 -24.58 -13.60 60.86
C SER C 250 -25.81 -14.40 60.44
N GLY C 251 -25.58 -15.42 59.61
CA GLY C 251 -26.66 -16.27 59.12
C GLY C 251 -27.30 -15.80 57.84
N SER C 252 -26.98 -14.61 57.35
CA SER C 252 -27.53 -14.09 56.10
C SER C 252 -26.48 -14.04 54.99
N GLU C 253 -25.47 -14.92 55.07
CA GLU C 253 -24.49 -15.01 53.99
C GLU C 253 -25.05 -15.65 52.74
N ARG C 254 -26.12 -16.44 52.89
CA ARG C 254 -26.69 -17.13 51.73
C ARG C 254 -27.24 -16.13 50.72
N LEU C 255 -27.86 -15.04 51.18
CA LEU C 255 -28.39 -14.05 50.25
C LEU C 255 -27.26 -13.38 49.46
N PHE C 256 -26.18 -13.01 50.13
CA PHE C 256 -25.05 -12.41 49.45
C PHE C 256 -24.43 -13.36 48.43
N TYR C 257 -24.24 -14.63 48.84
CA TYR C 257 -23.62 -15.58 47.92
C TYR C 257 -24.52 -15.83 46.71
N ASN C 258 -25.84 -15.92 46.92
CA ASN C 258 -26.76 -16.08 45.80
C ASN C 258 -26.71 -14.88 44.87
N LEU C 259 -26.72 -13.67 45.44
CA LEU C 259 -26.73 -12.46 44.62
C LEU C 259 -25.48 -12.36 43.78
N LEU C 260 -24.32 -12.67 44.37
CA LEU C 260 -23.07 -12.56 43.62
C LEU C 260 -22.78 -13.76 42.74
N ALA C 261 -23.48 -14.89 42.95
CA ALA C 261 -23.37 -16.04 42.08
C ALA C 261 -24.47 -16.09 41.03
N ASN C 262 -25.38 -15.11 41.04
CA ASN C 262 -26.43 -15.01 40.03
C ASN C 262 -25.87 -14.78 38.63
N ASP C 263 -24.56 -14.61 38.49
CA ASP C 263 -23.91 -14.42 37.21
C ASP C 263 -23.34 -15.74 36.72
N SER C 264 -23.14 -15.82 35.40
CA SER C 264 -22.68 -17.04 34.74
C SER C 264 -21.16 -17.19 34.75
N SER C 265 -20.47 -16.52 35.67
CA SER C 265 -19.02 -16.58 35.68
C SER C 265 -18.51 -17.97 36.07
N SER C 266 -19.04 -18.53 37.16
CA SER C 266 -18.45 -19.74 37.71
C SER C 266 -18.93 -21.01 37.00
N ALA C 267 -20.22 -21.32 37.15
CA ALA C 267 -20.74 -22.57 36.60
C ALA C 267 -22.16 -22.49 36.05
N LYS C 268 -22.77 -21.31 36.01
CA LYS C 268 -24.19 -21.19 35.74
C LYS C 268 -24.46 -21.06 34.24
N VAL C 269 -25.44 -21.81 33.75
CA VAL C 269 -25.90 -21.72 32.36
C VAL C 269 -27.39 -21.43 32.43
N SER C 270 -27.75 -20.15 32.42
CA SER C 270 -29.15 -19.73 32.51
C SER C 270 -29.24 -18.30 31.96
N ASN C 271 -30.38 -17.66 32.21
CA ASN C 271 -30.64 -16.30 31.74
C ASN C 271 -30.68 -15.28 32.88
N ASN C 272 -30.28 -15.69 34.09
CA ASN C 272 -30.23 -14.74 35.19
C ASN C 272 -29.20 -13.65 34.93
N ILE C 273 -28.12 -13.96 34.22
CA ILE C 273 -27.17 -12.93 33.82
C ILE C 273 -27.82 -11.92 32.89
N PHE C 274 -28.68 -12.40 31.97
CA PHE C 274 -29.35 -11.49 31.06
C PHE C 274 -30.38 -10.62 31.80
N THR C 275 -31.02 -11.17 32.84
CA THR C 275 -31.92 -10.34 33.63
C THR C 275 -31.15 -9.34 34.47
N PHE C 276 -29.96 -9.71 34.96
CA PHE C 276 -29.15 -8.77 35.73
C PHE C 276 -28.64 -7.63 34.86
N LEU C 277 -28.16 -7.94 33.65
CA LEU C 277 -27.53 -6.92 32.82
C LEU C 277 -28.49 -5.79 32.49
N THR C 278 -29.74 -6.11 32.17
CA THR C 278 -30.73 -5.11 31.82
C THR C 278 -31.62 -4.72 33.00
N ASN C 279 -31.43 -5.34 34.16
CA ASN C 279 -32.14 -4.99 35.39
C ASN C 279 -33.66 -5.07 35.21
N SER C 280 -34.14 -6.29 34.96
CA SER C 280 -35.55 -6.53 34.77
C SER C 280 -35.83 -8.00 35.01
N ILE C 281 -37.12 -8.33 35.14
CA ILE C 281 -37.55 -9.69 35.48
C ILE C 281 -38.24 -10.33 34.28
N ARG C 282 -38.58 -11.62 34.41
CA ARG C 282 -39.28 -12.36 33.38
C ARG C 282 -40.66 -12.77 33.88
N VAL C 283 -41.64 -12.72 33.00
CA VAL C 283 -43.03 -12.99 33.34
C VAL C 283 -43.42 -14.39 32.85
N PHE C 284 -44.15 -15.11 33.68
CA PHE C 284 -44.60 -16.46 33.37
C PHE C 284 -45.60 -16.43 32.22
N PRO C 285 -45.37 -17.15 31.13
CA PRO C 285 -46.29 -17.08 29.98
C PRO C 285 -47.52 -17.97 30.20
N LEU C 286 -48.66 -17.33 30.38
CA LEU C 286 -49.96 -18.00 30.49
C LEU C 286 -50.97 -17.28 29.62
N PRO C 287 -52.01 -17.96 29.19
CA PRO C 287 -53.11 -17.27 28.50
C PRO C 287 -53.75 -16.23 29.40
N THR C 288 -54.33 -15.21 28.77
CA THR C 288 -54.86 -14.08 29.52
C THR C 288 -55.97 -14.50 30.48
N THR C 289 -56.77 -15.51 30.11
CA THR C 289 -57.88 -15.91 30.95
C THR C 289 -57.42 -16.46 32.29
N ILE C 290 -56.39 -17.31 32.29
CA ILE C 290 -55.90 -17.90 33.53
C ILE C 290 -55.39 -16.80 34.46
N ARG C 291 -54.58 -15.89 33.92
CA ARG C 291 -54.01 -14.82 34.73
C ARG C 291 -55.08 -13.89 35.27
N SER C 292 -56.08 -13.55 34.44
CA SER C 292 -57.17 -12.70 34.91
C SER C 292 -57.96 -13.39 36.01
N GLN C 293 -58.20 -14.69 35.89
CA GLN C 293 -58.89 -15.42 36.93
C GLN C 293 -58.11 -15.41 38.23
N ILE C 294 -56.80 -15.65 38.16
CA ILE C 294 -55.97 -15.68 39.36
C ILE C 294 -55.97 -14.31 40.05
N THR C 295 -55.77 -13.25 39.27
CA THR C 295 -55.75 -11.90 39.83
C THR C 295 -57.10 -11.55 40.45
N SER C 296 -58.20 -11.88 39.77
CA SER C 296 -59.52 -11.58 40.30
C SER C 296 -59.77 -12.33 41.60
N ALA C 297 -59.36 -13.61 41.66
CA ALA C 297 -59.53 -14.38 42.89
C ALA C 297 -58.77 -13.74 44.04
N ILE C 298 -57.51 -13.37 43.80
CA ILE C 298 -56.70 -12.80 44.88
C ILE C 298 -57.29 -11.48 45.35
N GLN C 299 -57.64 -10.60 44.41
CA GLN C 299 -58.11 -9.27 44.79
C GLN C 299 -59.53 -9.32 45.35
N SER C 300 -60.29 -10.38 45.10
CA SER C 300 -61.60 -10.51 45.73
C SER C 300 -61.49 -11.10 47.13
N ASN C 301 -60.56 -12.05 47.33
CA ASN C 301 -60.43 -12.66 48.64
C ASN C 301 -59.72 -11.77 49.65
N CYS C 302 -58.73 -10.98 49.21
CA CYS C 302 -57.92 -10.18 50.12
C CYS C 302 -58.36 -8.71 50.16
N SER C 303 -59.66 -8.45 50.07
CA SER C 303 -60.12 -7.07 50.03
C SER C 303 -60.34 -6.47 51.41
N LYS C 304 -60.84 -7.27 52.36
CA LYS C 304 -61.26 -6.72 53.65
C LYS C 304 -60.12 -6.54 54.64
N ILE C 305 -58.95 -7.13 54.39
CA ILE C 305 -57.86 -7.05 55.35
C ILE C 305 -57.25 -5.66 55.34
N LYS C 306 -56.93 -5.15 56.53
CA LYS C 306 -56.35 -3.83 56.70
C LYS C 306 -54.83 -3.91 56.62
N ASN C 307 -54.23 -2.91 55.97
CA ASN C 307 -52.78 -2.76 55.90
C ASN C 307 -52.13 -3.93 55.15
N LEU C 308 -52.62 -4.20 53.94
CA LEU C 308 -51.99 -5.16 53.04
C LEU C 308 -51.43 -4.39 51.85
N VAL C 309 -50.10 -4.36 51.73
CA VAL C 309 -49.46 -3.49 50.74
C VAL C 309 -49.29 -4.22 49.41
N PHE C 310 -48.64 -5.39 49.41
CA PHE C 310 -48.36 -6.13 48.18
C PHE C 310 -48.69 -7.59 48.37
N ALA C 311 -49.14 -8.23 47.29
CA ALA C 311 -49.34 -9.67 47.24
C ALA C 311 -48.71 -10.18 45.95
N VAL C 312 -47.70 -11.03 46.08
CA VAL C 312 -46.88 -11.47 44.95
C VAL C 312 -46.97 -12.98 44.84
N LEU C 313 -47.20 -13.48 43.62
CA LEU C 313 -47.26 -14.91 43.35
C LEU C 313 -46.26 -15.22 42.24
N ILE C 314 -45.21 -15.97 42.56
CA ILE C 314 -44.17 -16.30 41.61
C ILE C 314 -44.01 -17.81 41.54
N ALA C 315 -43.48 -18.29 40.43
CA ALA C 315 -43.30 -19.71 40.20
C ALA C 315 -42.11 -19.92 39.28
N ASN C 316 -41.10 -20.64 39.78
CA ASN C 316 -39.90 -20.98 39.01
C ASN C 316 -39.19 -19.73 38.49
N ASN C 317 -38.86 -18.84 39.42
CA ASN C 317 -38.09 -17.62 39.12
C ASN C 317 -38.79 -16.77 38.06
N LYS C 318 -40.12 -16.71 38.12
CA LYS C 318 -40.89 -16.01 37.12
C LYS C 318 -42.18 -15.50 37.75
N LEU C 319 -42.46 -14.20 37.58
CA LEU C 319 -43.64 -13.60 38.17
C LEU C 319 -44.90 -14.09 37.44
N ILE C 320 -45.94 -14.38 38.21
CA ILE C 320 -47.23 -14.80 37.67
C ILE C 320 -48.27 -13.70 37.79
N ALA C 321 -48.44 -13.14 38.98
CA ALA C 321 -49.41 -12.08 39.21
C ALA C 321 -48.90 -11.17 40.31
N LEU C 322 -49.43 -9.95 40.34
CA LEU C 322 -49.06 -8.98 41.37
C LEU C 322 -50.19 -7.99 41.53
N VAL C 323 -50.57 -7.72 42.78
CA VAL C 323 -51.61 -6.75 43.11
C VAL C 323 -51.11 -5.87 44.23
N ARG C 324 -51.37 -4.56 44.11
CA ARG C 324 -50.79 -3.57 45.01
C ARG C 324 -51.84 -2.55 45.41
N MET C 325 -51.55 -1.79 46.46
CA MET C 325 -52.42 -0.71 46.86
C MET C 325 -52.40 0.40 45.82
N LYS C 326 -53.45 1.22 45.83
CA LYS C 326 -53.60 2.25 44.82
C LYS C 326 -52.49 3.30 44.90
N LYS C 327 -52.23 3.81 46.10
CA LYS C 327 -51.35 4.96 46.27
C LYS C 327 -49.88 4.60 46.34
N TYR C 328 -49.53 3.33 46.53
CA TYR C 328 -48.14 2.91 46.65
C TYR C 328 -47.81 1.93 45.53
N SER C 329 -46.70 2.17 44.85
CA SER C 329 -46.22 1.32 43.77
C SER C 329 -45.00 0.54 44.25
N ILE C 330 -44.38 -0.20 43.32
CA ILE C 330 -43.19 -0.97 43.61
C ILE C 330 -42.11 -0.60 42.60
N HIS C 331 -40.86 -0.79 43.01
CA HIS C 331 -39.71 -0.43 42.21
C HIS C 331 -38.92 -1.69 41.86
N PRO C 332 -38.37 -1.80 40.64
CA PRO C 332 -37.79 -3.07 40.18
C PRO C 332 -36.70 -3.64 41.08
N ALA C 333 -35.93 -2.78 41.74
CA ALA C 333 -34.90 -3.28 42.64
C ALA C 333 -35.49 -4.08 43.79
N ASP C 334 -36.56 -3.57 44.40
CA ASP C 334 -37.21 -4.30 45.50
C ASP C 334 -37.80 -5.61 45.02
N LEU C 335 -38.40 -5.61 43.82
CA LEU C 335 -38.97 -6.85 43.30
C LEU C 335 -37.90 -7.89 43.05
N ARG C 336 -36.75 -7.48 42.51
CA ARG C 336 -35.65 -8.42 42.35
C ARG C 336 -35.13 -8.90 43.69
N LEU C 337 -35.17 -8.03 44.70
CA LEU C 337 -34.75 -8.44 46.04
C LEU C 337 -35.69 -9.51 46.61
N ILE C 338 -37.00 -9.33 46.41
CA ILE C 338 -37.97 -10.33 46.83
C ILE C 338 -37.74 -11.65 46.11
N PHE C 339 -37.48 -11.57 44.80
CA PHE C 339 -37.19 -12.78 44.02
C PHE C 339 -35.98 -13.50 44.58
N ASN C 340 -34.92 -12.76 44.91
CA ASN C 340 -33.73 -13.39 45.48
C ASN C 340 -34.03 -14.04 46.82
N LEU C 341 -34.81 -13.36 47.67
CA LEU C 341 -35.15 -13.93 48.96
C LEU C 341 -35.93 -15.24 48.80
N VAL C 342 -36.89 -15.26 47.89
CA VAL C 342 -37.70 -16.47 47.70
C VAL C 342 -36.87 -17.59 47.10
N GLU C 343 -36.05 -17.28 46.10
CA GLU C 343 -35.26 -18.31 45.43
C GLU C 343 -34.21 -18.91 46.36
N CYS C 344 -33.54 -18.09 47.16
CA CYS C 344 -32.44 -18.59 47.97
C CYS C 344 -32.94 -19.44 49.13
N SER C 345 -33.98 -18.99 49.83
CA SER C 345 -34.49 -19.70 50.98
C SER C 345 -35.22 -20.97 50.58
N GLU C 346 -35.03 -22.03 51.35
CA GLU C 346 -35.65 -23.32 51.09
C GLU C 346 -36.64 -23.75 52.15
N SER C 347 -36.71 -23.06 53.29
CA SER C 347 -37.61 -23.43 54.37
C SER C 347 -39.01 -22.86 54.20
N PHE C 348 -39.34 -22.32 53.02
CA PHE C 348 -40.68 -21.80 52.78
C PHE C 348 -41.66 -22.88 52.32
N LYS C 349 -41.18 -24.09 52.03
CA LYS C 349 -42.02 -25.14 51.49
C LYS C 349 -42.62 -26.03 52.59
N SER C 350 -41.88 -26.26 53.66
CA SER C 350 -42.29 -27.18 54.72
C SER C 350 -43.04 -26.49 55.84
N SER C 351 -43.27 -25.18 55.74
CA SER C 351 -43.94 -24.45 56.81
C SER C 351 -44.50 -23.16 56.23
N GLU C 352 -45.39 -22.53 57.02
CA GLU C 352 -45.96 -21.23 56.68
C GLU C 352 -45.15 -20.17 57.41
N ASN C 353 -43.99 -19.84 56.86
CA ASN C 353 -43.05 -18.95 57.53
C ASN C 353 -43.61 -17.53 57.59
N TRP C 354 -43.25 -16.84 58.67
CA TRP C 354 -43.66 -15.45 58.91
C TRP C 354 -42.40 -14.67 59.29
N SER C 355 -41.84 -13.94 58.33
CA SER C 355 -40.56 -13.29 58.50
C SER C 355 -40.64 -11.83 58.06
N PRO C 356 -39.80 -10.96 58.62
CA PRO C 356 -39.79 -9.56 58.22
C PRO C 356 -38.84 -9.30 57.05
N ILE C 357 -39.15 -8.24 56.32
CA ILE C 357 -38.36 -7.81 55.17
C ILE C 357 -38.36 -6.30 55.11
N CYS C 358 -37.25 -5.73 54.64
CA CYS C 358 -37.09 -4.29 54.48
C CYS C 358 -36.95 -3.95 53.01
N LEU C 359 -37.81 -3.05 52.52
CA LEU C 359 -37.74 -2.62 51.14
C LEU C 359 -37.17 -1.21 51.10
N PRO C 360 -35.94 -1.02 50.64
CA PRO C 360 -35.31 0.31 50.73
C PRO C 360 -36.07 1.40 50.00
N LYS C 361 -36.66 1.12 48.84
CA LYS C 361 -37.35 2.17 48.10
C LYS C 361 -38.72 2.49 48.71
N PHE C 362 -39.42 1.46 49.21
CA PHE C 362 -40.71 1.68 49.87
C PHE C 362 -40.54 2.55 51.10
N ASP C 363 -39.83 2.04 52.10
CA ASP C 363 -39.53 2.80 53.31
C ASP C 363 -38.25 2.25 53.90
N MET C 364 -37.19 3.05 53.88
CA MET C 364 -35.85 2.58 54.22
C MET C 364 -35.62 2.49 55.72
N ASN C 365 -36.52 3.05 56.52
CA ASN C 365 -36.40 3.02 57.97
C ASN C 365 -37.46 2.15 58.64
N GLY C 366 -38.36 1.56 57.88
CA GLY C 366 -39.42 0.75 58.44
C GLY C 366 -39.42 -0.66 57.87
N TYR C 367 -39.94 -1.59 58.67
CA TYR C 367 -39.95 -3.00 58.31
C TYR C 367 -41.30 -3.40 57.73
N LEU C 368 -41.28 -4.47 56.93
CA LEU C 368 -42.46 -5.13 56.41
C LEU C 368 -42.41 -6.60 56.81
N HIS C 369 -43.55 -7.14 57.24
CA HIS C 369 -43.65 -8.53 57.66
C HIS C 369 -44.36 -9.33 56.58
N ALA C 370 -43.75 -10.44 56.17
CA ALA C 370 -44.17 -11.18 54.99
C ALA C 370 -44.66 -12.57 55.40
N HIS C 371 -45.88 -12.91 55.00
CA HIS C 371 -46.39 -14.27 55.12
C HIS C 371 -46.08 -14.99 53.82
N VAL C 372 -45.19 -15.98 53.89
CA VAL C 372 -44.71 -16.69 52.71
C VAL C 372 -45.09 -18.16 52.83
N SER C 373 -45.69 -18.71 51.77
CA SER C 373 -46.14 -20.09 51.77
C SER C 373 -46.38 -20.52 50.32
N TYR C 374 -46.14 -21.80 50.06
CA TYR C 374 -46.43 -22.36 48.75
C TYR C 374 -47.92 -22.68 48.64
N LEU C 375 -48.36 -23.03 47.43
CA LEU C 375 -49.79 -23.27 47.22
C LEU C 375 -50.21 -24.68 47.63
N ALA C 376 -49.54 -25.69 47.12
CA ALA C 376 -49.87 -27.07 47.44
C ALA C 376 -48.64 -27.94 47.16
N ASP C 377 -48.80 -29.25 47.28
CA ASP C 377 -47.73 -30.19 47.03
C ASP C 377 -47.64 -30.63 45.58
N ASP C 378 -48.60 -30.25 44.74
CA ASP C 378 -48.55 -30.50 43.31
C ASP C 378 -48.47 -29.23 42.49
N CYS C 379 -48.67 -28.07 43.08
CA CYS C 379 -48.52 -26.78 42.42
C CYS C 379 -47.48 -25.99 43.21
N GLN C 380 -46.26 -25.92 42.68
CA GLN C 380 -45.14 -25.30 43.41
C GLN C 380 -45.00 -23.82 43.10
N ALA C 381 -46.09 -23.07 43.25
CA ALA C 381 -46.09 -21.62 43.11
C ALA C 381 -46.14 -20.99 44.49
N CYS C 382 -45.28 -20.00 44.72
CA CYS C 382 -45.11 -19.41 46.04
C CYS C 382 -45.83 -18.07 46.10
N LEU C 383 -46.58 -17.86 47.19
CA LEU C 383 -47.36 -16.65 47.40
C LEU C 383 -46.81 -15.88 48.60
N LEU C 384 -46.70 -14.57 48.46
CA LEU C 384 -46.22 -13.70 49.52
C LEU C 384 -47.25 -12.62 49.80
N LEU C 385 -47.62 -12.46 51.05
CA LEU C 385 -48.48 -11.36 51.49
C LEU C 385 -47.67 -10.46 52.41
N LEU C 386 -47.59 -9.18 52.08
CA LEU C 386 -46.77 -8.21 52.79
C LEU C 386 -47.69 -7.27 53.57
N SER C 387 -47.49 -7.20 54.89
CA SER C 387 -48.30 -6.35 55.74
C SER C 387 -47.39 -5.59 56.70
N VAL C 388 -47.85 -4.40 57.10
CA VAL C 388 -47.08 -3.57 58.01
C VAL C 388 -47.35 -3.92 59.47
N ASP C 389 -48.43 -4.65 59.76
CA ASP C 389 -48.79 -5.00 61.13
C ASP C 389 -48.13 -6.33 61.50
N ARG C 390 -47.35 -6.33 62.58
CA ARG C 390 -46.63 -7.52 63.00
C ARG C 390 -47.53 -8.55 63.65
N ASP C 391 -48.72 -8.15 64.10
CA ASP C 391 -49.61 -9.06 64.82
C ASP C 391 -50.57 -9.81 63.89
N ALA C 392 -50.89 -9.25 62.73
CA ALA C 392 -51.87 -9.85 61.82
C ALA C 392 -51.19 -10.96 61.03
N PHE C 393 -51.29 -12.18 61.55
CA PHE C 393 -50.74 -13.37 60.90
C PHE C 393 -51.79 -14.44 60.65
N PHE C 394 -52.68 -14.67 61.62
CA PHE C 394 -53.75 -15.63 61.41
C PHE C 394 -54.69 -15.18 60.31
N THR C 395 -54.94 -13.87 60.22
CA THR C 395 -55.76 -13.34 59.14
C THR C 395 -55.13 -13.63 57.79
N LEU C 396 -53.81 -13.45 57.68
CA LEU C 396 -53.12 -13.78 56.44
C LEU C 396 -53.20 -15.27 56.13
N ALA C 397 -53.09 -16.12 57.15
CA ALA C 397 -53.22 -17.55 56.91
C ALA C 397 -54.61 -17.92 56.39
N GLU C 398 -55.65 -17.34 56.99
CA GLU C 398 -57.01 -17.61 56.53
C GLU C 398 -57.22 -17.10 55.11
N ALA C 399 -56.70 -15.92 54.81
CA ALA C 399 -56.82 -15.37 53.45
C ALA C 399 -56.11 -16.26 52.44
N LYS C 400 -54.93 -16.77 52.80
CA LYS C 400 -54.21 -17.68 51.90
C LYS C 400 -55.01 -18.95 51.68
N ALA C 401 -55.61 -19.50 52.73
CA ALA C 401 -56.42 -20.70 52.57
C ALA C 401 -57.60 -20.45 51.62
N LYS C 402 -58.28 -19.32 51.80
CA LYS C 402 -59.41 -18.99 50.92
C LYS C 402 -58.94 -18.81 49.48
N ILE C 403 -57.80 -18.15 49.29
CA ILE C 403 -57.27 -17.93 47.95
C ILE C 403 -56.98 -19.26 47.27
N THR C 404 -56.31 -20.17 47.99
CA THR C 404 -55.97 -21.47 47.41
C THR C 404 -57.24 -22.25 47.07
N GLU C 405 -58.24 -22.20 47.95
CA GLU C 405 -59.50 -22.89 47.66
C GLU C 405 -60.15 -22.36 46.38
N LYS C 406 -60.26 -21.03 46.28
CA LYS C 406 -60.94 -20.45 45.13
C LYS C 406 -60.13 -20.63 43.84
N LEU C 407 -58.81 -20.78 43.95
CA LEU C 407 -58.02 -21.12 42.76
C LEU C 407 -58.25 -22.56 42.35
N ARG C 408 -58.27 -23.48 43.32
CA ARG C 408 -58.47 -24.88 42.99
C ARG C 408 -59.85 -25.14 42.41
N LYS C 409 -60.84 -24.32 42.80
CA LYS C 409 -62.20 -24.52 42.29
C LYS C 409 -62.26 -24.27 40.79
N SER C 410 -61.51 -23.29 40.28
CA SER C 410 -61.63 -22.84 38.90
C SER C 410 -60.56 -23.40 37.97
N HIS C 411 -59.81 -24.41 38.41
CA HIS C 411 -58.88 -25.16 37.57
C HIS C 411 -57.71 -24.31 37.07
N CYS C 412 -57.28 -23.29 37.82
CA CYS C 412 -56.09 -22.55 37.43
C CYS C 412 -54.82 -23.32 37.76
N LEU C 413 -54.82 -24.07 38.86
CA LEU C 413 -53.65 -24.84 39.24
C LEU C 413 -53.29 -25.87 38.18
N GLU C 414 -54.30 -26.41 37.49
CA GLU C 414 -54.02 -27.36 36.42
C GLU C 414 -53.25 -26.70 35.28
N ALA C 415 -53.64 -25.47 34.91
CA ALA C 415 -52.92 -24.74 33.88
C ALA C 415 -51.49 -24.43 34.32
N ILE C 416 -51.32 -24.01 35.58
CA ILE C 416 -49.98 -23.72 36.07
C ILE C 416 -49.09 -24.96 36.02
N ASN C 417 -49.63 -26.09 36.47
CA ASN C 417 -48.85 -27.33 36.46
C ASN C 417 -48.53 -27.77 35.04
N GLU C 418 -49.48 -27.62 34.12
CA GLU C 418 -49.23 -28.00 32.74
C GLU C 418 -48.13 -27.15 32.13
N GLU C 419 -48.13 -25.84 32.41
CA GLU C 419 -47.07 -24.99 31.89
C GLU C 419 -45.73 -25.29 32.55
N LEU C 420 -45.73 -25.69 33.82
CA LEU C 420 -44.47 -25.99 34.50
C LEU C 420 -43.77 -27.22 33.92
N GLN C 421 -44.48 -28.10 33.22
CA GLN C 421 -43.85 -29.30 32.67
C GLN C 421 -43.27 -29.09 31.28
N GLN C 422 -43.75 -28.10 30.54
CA GLN C 422 -43.18 -27.80 29.23
C GLN C 422 -41.75 -27.30 29.40
N PRO C 423 -40.77 -27.88 28.71
CA PRO C 423 -39.38 -27.48 28.94
C PRO C 423 -39.01 -26.14 28.29
N PHE C 424 -39.60 -25.83 27.13
CA PHE C 424 -39.13 -24.63 26.42
C PHE C 424 -40.24 -23.82 25.76
N ASN C 425 -41.48 -23.88 26.24
CA ASN C 425 -42.56 -23.03 25.73
C ASN C 425 -42.69 -23.15 24.21
N ALA C 426 -43.13 -24.33 23.78
CA ALA C 426 -43.08 -24.77 22.40
C ALA C 426 -43.48 -23.72 21.36
N LYS C 427 -44.36 -22.77 21.72
CA LYS C 427 -44.80 -21.76 20.76
C LYS C 427 -43.64 -20.87 20.32
N LEU C 428 -42.91 -20.30 21.28
CA LEU C 428 -41.76 -19.47 20.93
C LEU C 428 -40.66 -20.30 20.29
N TYR C 429 -40.54 -21.57 20.65
CA TYR C 429 -39.57 -22.45 20.00
C TYR C 429 -39.90 -22.60 18.51
N GLN C 430 -41.17 -22.83 18.19
CA GLN C 430 -41.57 -22.92 16.80
C GLN C 430 -41.32 -21.61 16.07
N GLN C 431 -41.64 -20.49 16.72
CA GLN C 431 -41.41 -19.19 16.09
C GLN C 431 -39.94 -18.96 15.79
N VAL C 432 -39.07 -19.31 16.72
CA VAL C 432 -37.63 -19.07 16.54
C VAL C 432 -37.06 -20.00 15.47
N VAL C 433 -37.43 -21.28 15.51
CA VAL C 433 -36.94 -22.22 14.50
C VAL C 433 -37.48 -21.86 13.13
N GLY C 434 -38.64 -21.21 13.06
CA GLY C 434 -39.14 -20.72 11.79
C GLY C 434 -38.27 -19.66 11.15
N ILE C 435 -37.35 -19.06 11.89
CA ILE C 435 -36.42 -18.07 11.38
C ILE C 435 -35.02 -18.62 11.51
N PRO C 436 -34.45 -19.17 10.43
CA PRO C 436 -33.04 -19.55 10.46
C PRO C 436 -32.14 -18.33 10.43
N GLU C 437 -30.84 -18.57 10.60
CA GLU C 437 -29.85 -17.51 10.75
C GLU C 437 -30.19 -16.60 11.92
N LEU C 438 -30.69 -17.17 13.01
CA LEU C 438 -30.94 -16.42 14.24
C LEU C 438 -30.52 -17.29 15.40
N ARG C 439 -29.63 -16.78 16.25
CA ARG C 439 -29.10 -17.55 17.36
C ARG C 439 -29.70 -17.17 18.70
N HIS C 440 -29.87 -15.87 18.98
CA HIS C 440 -30.40 -15.41 20.25
C HIS C 440 -30.88 -13.98 20.07
N PHE C 441 -31.75 -13.56 20.99
CA PHE C 441 -32.18 -12.16 21.04
C PHE C 441 -32.72 -11.90 22.43
N LEU C 442 -32.96 -10.63 22.73
CA LEU C 442 -33.68 -10.27 23.95
C LEU C 442 -34.42 -8.96 23.71
N TYR C 443 -35.72 -8.99 23.91
CA TYR C 443 -36.60 -7.86 23.61
C TYR C 443 -37.17 -7.33 24.91
N LYS C 444 -37.08 -6.02 25.10
CA LYS C 444 -37.55 -5.40 26.32
C LYS C 444 -38.27 -4.10 26.02
N PRO C 445 -39.52 -3.94 26.45
CA PRO C 445 -40.23 -2.68 26.20
C PRO C 445 -39.69 -1.54 27.05
N LYS C 446 -40.20 -0.33 26.86
CA LYS C 446 -39.67 0.84 27.54
C LYS C 446 -40.54 1.30 28.70
N SER C 447 -41.85 1.08 28.63
CA SER C 447 -42.73 1.53 29.70
C SER C 447 -42.47 0.79 31.00
N THR C 448 -42.22 -0.52 30.92
CA THR C 448 -42.06 -1.36 32.09
C THR C 448 -40.74 -2.11 32.04
N ALA C 449 -40.33 -2.65 33.19
CA ALA C 449 -39.07 -3.37 33.33
C ALA C 449 -39.32 -4.87 33.26
N GLN C 450 -39.55 -5.36 32.04
CA GLN C 450 -39.78 -6.77 31.80
C GLN C 450 -38.97 -7.21 30.59
N LEU C 451 -38.60 -8.49 30.57
CA LEU C 451 -37.71 -9.03 29.56
C LEU C 451 -38.31 -10.26 28.90
N LEU C 452 -38.01 -10.44 27.61
CA LEU C 452 -38.39 -11.63 26.87
C LEU C 452 -37.17 -12.12 26.09
N CYS C 453 -36.84 -13.40 26.25
CA CYS C 453 -35.68 -13.95 25.56
C CYS C 453 -35.87 -15.44 25.35
N PRO C 454 -35.40 -16.00 24.24
CA PRO C 454 -35.58 -17.43 23.98
C PRO C 454 -34.60 -18.30 24.76
N MET C 455 -34.61 -19.59 24.45
CA MET C 455 -33.81 -20.58 25.13
C MET C 455 -32.42 -20.68 24.50
N LEU C 456 -31.46 -21.11 25.30
CA LEU C 456 -30.09 -21.28 24.81
C LEU C 456 -30.01 -22.52 23.93
N ARG C 457 -29.43 -22.36 22.75
CA ARG C 457 -29.37 -23.42 21.76
C ARG C 457 -27.97 -23.44 21.16
N HIS C 458 -27.70 -24.45 20.34
CA HIS C 458 -26.38 -24.58 19.75
C HIS C 458 -26.10 -23.39 18.84
N PRO C 459 -24.83 -22.96 18.73
CA PRO C 459 -23.63 -23.52 19.35
C PRO C 459 -23.28 -22.94 20.71
N TYR C 460 -24.20 -22.19 21.31
CA TYR C 460 -23.95 -21.50 22.58
C TYR C 460 -24.32 -22.35 23.79
N LYS C 461 -24.32 -23.67 23.66
CA LYS C 461 -24.66 -24.53 24.78
C LYS C 461 -23.46 -24.92 25.64
N SER C 462 -22.24 -24.57 25.22
CA SER C 462 -21.06 -24.81 26.02
C SER C 462 -20.88 -23.65 27.00
N LEU C 463 -19.72 -23.57 27.64
CA LEU C 463 -19.44 -22.50 28.59
C LEU C 463 -18.61 -21.37 27.99
N THR C 464 -17.61 -21.68 27.18
CA THR C 464 -16.79 -20.64 26.57
C THR C 464 -17.62 -19.76 25.63
N GLU C 465 -18.45 -20.39 24.79
CA GLU C 465 -19.30 -19.63 23.90
C GLU C 465 -20.36 -18.86 24.68
N LEU C 466 -20.83 -19.41 25.79
CA LEU C 466 -21.76 -18.68 26.64
C LEU C 466 -21.11 -17.42 27.22
N GLU C 467 -19.85 -17.54 27.66
CA GLU C 467 -19.13 -16.38 28.14
C GLU C 467 -18.96 -15.34 27.04
N ARG C 468 -18.64 -15.79 25.82
CA ARG C 468 -18.49 -14.87 24.71
C ARG C 468 -19.80 -14.13 24.42
N LEU C 469 -20.92 -14.85 24.42
CA LEU C 469 -22.22 -14.22 24.19
C LEU C 469 -22.55 -13.21 25.29
N GLU C 470 -22.26 -13.56 26.55
CA GLU C 470 -22.47 -12.63 27.64
C GLU C 470 -21.64 -11.37 27.45
N ALA C 471 -20.39 -11.53 27.02
CA ALA C 471 -19.55 -10.37 26.75
C ALA C 471 -20.12 -9.51 25.65
N ILE C 472 -20.67 -10.14 24.59
CA ILE C 472 -21.23 -9.38 23.49
C ILE C 472 -22.41 -8.52 23.95
N TYR C 473 -23.32 -9.13 24.72
CA TYR C 473 -24.43 -8.32 25.27
C TYR C 473 -23.94 -7.24 26.22
N CYS C 474 -22.93 -7.52 27.05
CA CYS C 474 -22.40 -6.49 27.93
C CYS C 474 -21.89 -5.30 27.12
N ASP C 475 -21.12 -5.59 26.06
CA ASP C 475 -20.54 -4.52 25.25
C ASP C 475 -21.63 -3.70 24.57
N LEU C 476 -22.60 -4.38 23.95
CA LEU C 476 -23.65 -3.65 23.25
C LEU C 476 -24.49 -2.81 24.20
N LEU C 477 -24.84 -3.37 25.36
CA LEU C 477 -25.64 -2.64 26.34
C LEU C 477 -24.90 -1.43 26.87
N HIS C 478 -23.60 -1.57 27.13
CA HIS C 478 -22.81 -0.43 27.59
C HIS C 478 -22.75 0.66 26.53
N ARG C 479 -22.55 0.28 25.27
CA ARG C 479 -22.42 1.30 24.23
C ARG C 479 -23.73 2.01 23.94
N ILE C 480 -24.86 1.31 24.00
CA ILE C 480 -26.13 1.94 23.65
C ILE C 480 -26.51 3.00 24.69
N HIS C 481 -26.35 2.68 25.98
CA HIS C 481 -26.87 3.50 27.06
C HIS C 481 -25.85 4.45 27.66
N ASN C 482 -24.74 4.68 26.97
CA ASN C 482 -23.73 5.61 27.48
C ASN C 482 -24.31 7.01 27.58
N SER C 483 -24.07 7.66 28.73
CA SER C 483 -24.69 8.96 29.00
C SER C 483 -24.02 10.09 28.24
N SER C 484 -22.68 10.04 28.11
CA SER C 484 -21.97 11.13 27.45
C SER C 484 -22.21 11.12 25.95
N ARG C 485 -22.27 9.93 25.34
CA ARG C 485 -22.47 9.80 23.90
C ARG C 485 -23.38 8.60 23.63
N PRO C 486 -24.68 8.82 23.62
CA PRO C 486 -25.62 7.72 23.37
C PRO C 486 -25.89 7.50 21.88
N LEU C 487 -26.15 6.25 21.54
CA LEU C 487 -26.41 5.83 20.18
C LEU C 487 -27.88 5.46 19.99
N LYS C 488 -28.23 5.15 18.75
CA LYS C 488 -29.59 4.74 18.40
C LYS C 488 -29.65 3.44 17.61
N LEU C 489 -28.53 2.99 17.02
CA LEU C 489 -28.53 1.82 16.17
C LEU C 489 -27.10 1.35 15.93
N ILE C 490 -26.82 0.08 16.15
CA ILE C 490 -25.49 -0.48 15.96
C ILE C 490 -25.61 -1.70 15.06
N TYR C 491 -24.85 -1.71 13.97
CA TYR C 491 -24.80 -2.85 13.06
C TYR C 491 -23.35 -3.25 12.87
N GLU C 492 -23.04 -4.51 13.13
CA GLU C 492 -21.68 -5.01 13.02
C GLU C 492 -21.68 -6.31 12.23
N MET C 493 -20.58 -6.57 11.55
CA MET C 493 -20.43 -7.73 10.67
C MET C 493 -19.09 -8.41 10.94
N LYS C 494 -18.84 -8.73 12.22
CA LYS C 494 -17.59 -9.34 12.63
C LYS C 494 -17.41 -10.72 12.02
N GLU C 495 -16.27 -11.36 12.32
CA GLU C 495 -15.91 -12.60 11.63
C GLU C 495 -16.93 -13.70 11.88
N ARG C 496 -17.35 -13.88 13.14
CA ARG C 496 -18.12 -15.06 13.53
C ARG C 496 -19.56 -14.73 13.93
N GLU C 497 -20.07 -13.54 13.60
CA GLU C 497 -21.44 -13.20 13.93
C GLU C 497 -21.82 -11.92 13.20
N VAL C 498 -23.12 -11.61 13.22
CA VAL C 498 -23.67 -10.37 12.70
C VAL C 498 -24.66 -9.86 13.74
N VAL C 499 -24.24 -8.95 14.59
CA VAL C 499 -25.08 -8.45 15.68
C VAL C 499 -25.86 -7.23 15.22
N LEU C 500 -26.90 -6.88 15.97
CA LEU C 500 -27.71 -5.71 15.67
C LEU C 500 -28.41 -5.25 16.94
N ALA C 501 -28.30 -3.97 17.26
CA ALA C 501 -29.01 -3.36 18.36
C ALA C 501 -29.94 -2.28 17.83
N TRP C 502 -30.93 -1.91 18.65
CA TRP C 502 -31.92 -0.94 18.23
C TRP C 502 -32.61 -0.39 19.46
N ALA C 503 -32.81 0.92 19.49
CA ALA C 503 -33.46 1.60 20.60
C ALA C 503 -34.50 2.58 20.04
N THR C 504 -35.70 2.07 19.80
CA THR C 504 -36.81 2.91 19.36
C THR C 504 -37.43 3.58 20.57
N GLY C 505 -38.45 4.40 20.34
CA GLY C 505 -39.13 5.06 21.45
C GLY C 505 -40.11 4.20 22.19
N THR C 506 -40.29 2.94 21.80
CA THR C 506 -41.25 2.06 22.46
C THR C 506 -40.76 0.64 22.68
N TYR C 507 -39.52 0.30 22.32
CA TYR C 507 -38.96 -1.01 22.62
C TYR C 507 -37.44 -0.93 22.53
N GLU C 508 -36.80 -2.09 22.63
CA GLU C 508 -35.34 -2.17 22.64
C GLU C 508 -34.93 -3.59 22.33
N LEU C 509 -34.25 -3.79 21.20
CA LEU C 509 -33.95 -5.12 20.68
C LEU C 509 -32.44 -5.33 20.60
N TYR C 510 -32.02 -6.58 20.81
CA TYR C 510 -30.61 -6.98 20.71
C TYR C 510 -30.56 -8.36 20.07
N ALA C 511 -30.40 -8.41 18.75
CA ALA C 511 -30.43 -9.66 18.02
C ALA C 511 -29.03 -10.09 17.60
N ILE C 512 -28.86 -11.39 17.38
CA ILE C 512 -27.61 -11.97 16.91
C ILE C 512 -27.91 -12.95 15.80
N PHE C 513 -27.31 -12.75 14.63
CA PHE C 513 -27.55 -13.55 13.44
C PHE C 513 -26.30 -14.31 13.05
N GLU C 514 -26.40 -15.04 11.94
CA GLU C 514 -25.31 -15.85 11.41
C GLU C 514 -24.30 -14.99 10.65
N PRO C 515 -23.04 -15.41 10.61
CA PRO C 515 -22.00 -14.51 10.07
C PRO C 515 -22.06 -14.29 8.57
N VAL C 516 -22.80 -15.10 7.81
CA VAL C 516 -22.73 -15.03 6.36
C VAL C 516 -24.10 -14.61 5.81
N VAL C 517 -24.80 -13.76 6.54
CA VAL C 517 -26.11 -13.23 6.13
C VAL C 517 -25.93 -11.86 5.53
N ASP C 518 -26.73 -11.55 4.51
CA ASP C 518 -26.76 -10.21 3.94
C ASP C 518 -27.61 -9.31 4.84
N LYS C 519 -27.94 -8.11 4.37
CA LYS C 519 -28.59 -7.12 5.22
C LYS C 519 -30.11 -7.06 5.04
N ALA C 520 -30.60 -7.16 3.80
CA ALA C 520 -32.04 -7.10 3.57
C ALA C 520 -32.75 -8.26 4.26
N THR C 521 -32.14 -9.45 4.23
CA THR C 521 -32.71 -10.59 4.93
C THR C 521 -32.76 -10.34 6.43
N VAL C 522 -31.70 -9.74 6.99
CA VAL C 522 -31.68 -9.43 8.41
C VAL C 522 -32.82 -8.49 8.77
N ILE C 523 -33.02 -7.44 7.96
CA ILE C 523 -34.06 -6.47 8.27
C ILE C 523 -35.44 -7.10 8.14
N LYS C 524 -35.64 -7.94 7.12
CA LYS C 524 -36.93 -8.62 6.96
C LYS C 524 -37.23 -9.52 8.15
N TYR C 525 -36.23 -10.29 8.59
CA TYR C 525 -36.42 -11.17 9.74
C TYR C 525 -36.73 -10.38 11.00
N VAL C 526 -36.01 -9.27 11.21
CA VAL C 526 -36.24 -8.46 12.40
C VAL C 526 -37.66 -7.89 12.38
N ASP C 527 -38.11 -7.39 11.23
CA ASP C 527 -39.45 -6.82 11.16
C ASP C 527 -40.51 -7.89 11.42
N LYS C 528 -40.34 -9.07 10.83
CA LYS C 528 -41.30 -10.14 11.06
C LYS C 528 -41.35 -10.54 12.53
N LEU C 529 -40.19 -10.66 13.16
CA LEU C 529 -40.14 -11.01 14.57
C LEU C 529 -40.82 -9.96 15.44
N ILE C 530 -40.58 -8.68 15.14
CA ILE C 530 -41.20 -7.61 15.93
C ILE C 530 -42.70 -7.64 15.77
N LYS C 531 -43.19 -7.88 14.54
CA LYS C 531 -44.64 -7.98 14.35
C LYS C 531 -45.23 -9.12 15.17
N TRP C 532 -44.57 -10.28 15.15
CA TRP C 532 -45.08 -11.41 15.92
C TRP C 532 -45.09 -11.11 17.41
N ILE C 533 -44.03 -10.48 17.91
CA ILE C 533 -43.97 -10.14 19.34
C ILE C 533 -45.08 -9.17 19.71
N GLU C 534 -45.31 -8.17 18.86
CA GLU C 534 -46.38 -7.21 19.12
C GLU C 534 -47.74 -7.88 19.08
N LYS C 535 -47.90 -8.95 18.29
CA LYS C 535 -49.17 -9.64 18.25
C LYS C 535 -49.46 -10.36 19.58
N GLU C 536 -48.49 -11.10 20.08
CA GLU C 536 -48.66 -11.87 21.32
C GLU C 536 -48.10 -11.11 22.52
N TYR C 537 -48.66 -9.92 22.77
CA TYR C 537 -48.13 -9.07 23.83
C TYR C 537 -48.68 -9.47 25.20
N ASP C 538 -50.00 -9.58 25.32
CA ASP C 538 -50.61 -9.85 26.62
C ASP C 538 -50.27 -11.23 27.15
N VAL C 539 -49.75 -12.12 26.31
CA VAL C 539 -49.41 -13.46 26.77
C VAL C 539 -48.06 -13.48 27.47
N TYR C 540 -47.14 -12.59 27.10
CA TYR C 540 -45.78 -12.58 27.64
C TYR C 540 -45.50 -11.40 28.56
N PHE C 541 -46.25 -10.31 28.46
CA PHE C 541 -45.99 -9.11 29.25
C PHE C 541 -47.25 -8.70 29.99
N ILE C 542 -47.06 -7.96 31.08
CA ILE C 542 -48.15 -7.40 31.87
C ILE C 542 -48.11 -5.89 31.70
N ARG C 543 -49.18 -5.32 31.14
CA ARG C 543 -49.22 -3.88 30.91
C ARG C 543 -49.38 -3.12 32.22
N ASN C 544 -50.50 -3.35 32.91
CA ASN C 544 -50.81 -2.69 34.17
C ASN C 544 -51.04 -3.72 35.25
N HIS C 545 -50.53 -3.45 36.44
CA HIS C 545 -50.72 -4.35 37.57
C HIS C 545 -52.09 -4.16 38.19
N ALA C 546 -52.48 -5.12 39.02
CA ALA C 546 -53.79 -5.06 39.65
C ALA C 546 -53.79 -4.06 40.79
N THR C 547 -54.95 -3.95 41.45
CA THR C 547 -55.11 -3.04 42.57
C THR C 547 -56.16 -3.58 43.53
N PHE C 548 -55.86 -3.50 44.82
CA PHE C 548 -56.82 -3.86 45.87
C PHE C 548 -58.07 -3.00 45.81
#